data_5IRX
#
_entry.id   5IRX
#
_cell.length_a   1
_cell.length_b   1
_cell.length_c   1
_cell.angle_alpha   90.00
_cell.angle_beta   90.00
_cell.angle_gamma   90.00
#
_symmetry.space_group_name_H-M   'P 1'
#
loop_
_entity.id
_entity.type
_entity.pdbx_description
1 polymer 'Transient receptor potential cation channel subfamily V member 1'
2 polymer Tau-theraphotoxin-Hs1a
3 non-polymer (4R,7S)-4-hydroxy-N,N,N-trimethyl-4,9-dioxo-7-[(pentanoyloxy)methyl]-3,5,8-trioxa-4lambda~5~-phosphatetradecan-1-aminium
4 non-polymer '(2S)-3-{[(S)-(2-aminoethoxy)(hydroxy)phosphoryl]oxy}-2-(hexanoyloxy)propyl hexanoate'
5 non-polymer resiniferatoxin
6 non-polymer '(2S)-2-(acetyloxy)-3-{[(R)-(2-aminoethoxy)(hydroxy)phosphoryl]oxy}propyl pentanoate'
#
loop_
_entity_poly.entity_id
_entity_poly.type
_entity_poly.pdbx_seq_one_letter_code
_entity_poly.pdbx_strand_id
1 'polypeptide(L)'
;AMGSRLYDRRSIFDAVAQSNCQELESLLPFLQRSKKRLTDSEFKDPETGKTCLLKAMLNLHNGQNDTIALLLDVARKTDS
LKQFVNASYTDSYYKGQTALHIAIERRNMTLVTLLVENGADVQAAANGDFFKKTKGRPGFYFGELPLSLAACTNQLAIVK
FLLQNSWQPADISARDSVGNTVLHALVEVADNTVDNTKFVTSMYNEILILGAKLHPTLKLEEITNRKGLTPLALAASSGK
IGVLAYILQREIHEPECRHLSRKFTEWAYGPVHSSLYDLSCIDTCEKNSVLEVIAYSSSETPNRHDMLLVEPLNRLLQDK
WDRFVKRIFYFNFFVYCLYMIIFTAAAYYRPVEGLPPYKLKNTVGDYFRVTGEILSVSGGVYFFFRGIQYFLQRRPSLKS
LFVDSYSEILFFVQSLFMLVSVVLYFSQRKEYVASMVFSLAMGWTNMLYYTRGFQQMGIYAVMIEKMILRDLCRFMFVYL
VFLFGFSTAVVTLIEDGKYNSLYSTCLELFKFTIGMGDLEFTENYDFKAVFIILLLAYVILTYILLLNMLIALMGETVNK
IAQESKNIWKLQRAITILDTEKSFLKCMRKAFRSGKLLQVGFTPDGKDDYRWCFRVDEVNWTTWNTNVGIINEDPG
;
A,B,C,D
2 'polypeptide(L)' DCAKEGEVCSWGKKCCDLDNFYCPMEFIPHCKKYKPYVPVTTNCAKEGEVCGWGSKCCHGLDCPLAFIPYCEKYR E,F
#
# COMPACT_ATOMS: atom_id res chain seq x y z
N THR A 230 15.11 12.86 -45.73
CA THR A 230 15.78 14.11 -45.42
C THR A 230 16.53 14.00 -44.11
N PRO A 231 17.62 14.75 -43.96
CA PRO A 231 18.35 14.76 -42.68
C PRO A 231 17.54 15.31 -41.52
N LEU A 232 16.56 16.18 -41.79
CA LEU A 232 15.75 16.70 -40.69
C LEU A 232 14.76 15.67 -40.18
N ALA A 233 14.12 14.94 -41.08
CA ALA A 233 13.20 13.90 -40.66
C ALA A 233 13.93 12.71 -40.07
N LEU A 234 15.13 12.41 -40.57
CA LEU A 234 15.88 11.28 -40.05
C LEU A 234 16.40 11.55 -38.65
N ALA A 235 16.59 12.81 -38.29
CA ALA A 235 16.88 13.14 -36.91
C ALA A 235 15.65 12.95 -36.04
N ALA A 236 14.47 13.25 -36.58
CA ALA A 236 13.23 13.09 -35.84
C ALA A 236 12.81 11.63 -35.73
N SER A 237 13.07 10.84 -36.76
CA SER A 237 12.70 9.43 -36.76
C SER A 237 13.69 8.56 -36.01
N SER A 238 14.63 9.16 -35.29
CA SER A 238 15.63 8.39 -34.57
C SER A 238 15.83 8.88 -33.14
N GLY A 239 15.15 9.93 -32.72
CA GLY A 239 15.27 10.41 -31.36
C GLY A 239 16.61 11.05 -31.10
N LYS A 240 16.86 12.19 -31.74
CA LYS A 240 18.11 12.92 -31.59
C LYS A 240 17.72 14.36 -31.30
N ILE A 241 17.74 14.76 -30.03
CA ILE A 241 17.28 16.11 -29.70
C ILE A 241 18.28 17.14 -30.21
N GLY A 242 19.55 16.96 -29.84
CA GLY A 242 20.56 17.96 -30.11
C GLY A 242 20.84 18.16 -31.59
N VAL A 243 20.71 17.10 -32.38
CA VAL A 243 20.79 17.27 -33.83
C VAL A 243 19.57 17.99 -34.33
N LEU A 244 18.40 17.69 -33.78
CA LEU A 244 17.19 18.34 -34.23
C LEU A 244 17.02 19.73 -33.63
N ALA A 245 17.53 19.96 -32.42
CA ALA A 245 17.49 21.32 -31.88
C ALA A 245 18.49 22.23 -32.58
N TYR A 246 19.52 21.65 -33.19
CA TYR A 246 20.43 22.46 -33.98
C TYR A 246 19.77 22.95 -35.26
N ILE A 247 19.10 22.05 -35.99
CA ILE A 247 18.58 22.38 -37.30
C ILE A 247 17.43 23.35 -37.20
N LEU A 248 16.63 23.26 -36.15
CA LEU A 248 15.48 24.15 -36.03
C LEU A 248 15.85 25.51 -35.46
N GLN A 249 16.93 25.61 -34.69
CA GLN A 249 17.38 26.88 -34.16
C GLN A 249 18.74 27.32 -34.71
N ARG A 250 19.00 27.11 -35.99
CA ARG A 250 20.26 27.63 -36.53
C ARG A 250 20.07 29.10 -36.90
N GLU A 251 21.10 29.90 -36.62
CA GLU A 251 21.13 31.31 -37.01
C GLU A 251 22.54 31.58 -37.55
N ILE A 252 22.73 31.33 -38.83
CA ILE A 252 24.03 31.48 -39.47
C ILE A 252 24.03 32.86 -40.10
N HIS A 253 24.39 33.87 -39.32
CA HIS A 253 24.45 35.25 -39.79
C HIS A 253 25.85 35.54 -40.32
N GLU A 254 25.96 35.59 -41.65
CA GLU A 254 27.18 35.65 -42.44
C GLU A 254 26.71 35.85 -43.87
N PRO A 255 27.41 36.64 -44.69
CA PRO A 255 27.02 36.75 -46.11
C PRO A 255 27.21 35.44 -46.84
N GLU A 256 26.26 35.15 -47.74
CA GLU A 256 26.06 33.87 -48.42
C GLU A 256 25.85 32.71 -47.44
N CYS A 257 25.40 33.01 -46.22
CA CYS A 257 25.05 32.00 -45.24
C CYS A 257 23.77 32.34 -44.47
N ARG A 258 23.23 33.55 -44.61
CA ARG A 258 22.00 33.89 -43.91
C ARG A 258 20.82 33.14 -44.49
N HIS A 259 20.84 32.88 -45.80
CA HIS A 259 19.79 32.10 -46.44
C HIS A 259 19.80 30.65 -45.97
N LEU A 260 20.94 30.18 -45.48
CA LEU A 260 21.05 28.82 -44.96
C LEU A 260 20.33 28.67 -43.63
N SER A 261 20.05 29.77 -42.95
CA SER A 261 19.53 29.71 -41.59
C SER A 261 18.05 29.31 -41.56
N ARG A 262 17.61 28.91 -40.38
CA ARG A 262 16.27 28.44 -40.09
C ARG A 262 15.51 29.40 -39.19
N LYS A 263 16.16 29.90 -38.15
CA LYS A 263 15.59 30.91 -37.28
C LYS A 263 16.13 32.28 -37.67
N PHE A 264 15.23 33.24 -37.84
CA PHE A 264 15.59 34.62 -38.09
C PHE A 264 15.07 35.44 -36.92
N THR A 265 15.97 35.99 -36.11
CA THR A 265 15.56 36.87 -35.02
C THR A 265 15.25 38.24 -35.60
N GLU A 266 13.97 38.61 -35.56
CA GLU A 266 13.56 39.91 -36.11
C GLU A 266 14.05 41.04 -35.24
N TRP A 267 13.75 40.98 -33.95
CA TRP A 267 14.25 41.97 -33.01
C TRP A 267 14.38 41.32 -31.64
N ALA A 268 15.16 41.99 -30.79
CA ALA A 268 15.36 41.51 -29.42
C ALA A 268 15.30 42.71 -28.50
N TYR A 269 14.58 42.56 -27.40
CA TYR A 269 14.42 43.64 -26.45
C TYR A 269 14.28 42.98 -25.08
N GLY A 270 15.40 42.89 -24.36
CA GLY A 270 15.60 41.95 -23.28
C GLY A 270 14.58 41.99 -22.17
N PRO A 271 14.10 40.81 -21.75
CA PRO A 271 14.47 39.47 -22.24
C PRO A 271 13.69 38.98 -23.45
N VAL A 272 12.85 39.82 -24.05
CA VAL A 272 12.02 39.37 -25.17
C VAL A 272 12.87 39.26 -26.43
N HIS A 273 12.71 38.17 -27.16
CA HIS A 273 13.46 37.93 -28.38
C HIS A 273 12.50 37.32 -29.41
N SER A 274 11.83 38.18 -30.17
CA SER A 274 10.87 37.73 -31.17
C SER A 274 11.63 37.28 -32.41
N SER A 275 11.55 35.98 -32.70
CA SER A 275 12.32 35.38 -33.79
C SER A 275 11.39 34.66 -34.75
N LEU A 276 11.52 34.94 -36.04
CA LEU A 276 10.72 34.30 -37.07
C LEU A 276 11.43 33.03 -37.51
N TYR A 277 10.76 31.89 -37.39
CA TYR A 277 11.31 30.59 -37.72
C TYR A 277 11.06 30.26 -39.18
N ASP A 278 11.23 29.00 -39.55
CA ASP A 278 10.90 28.53 -40.89
C ASP A 278 10.20 27.20 -40.79
N LEU A 279 9.12 27.05 -41.54
CA LEU A 279 8.33 25.81 -41.56
C LEU A 279 8.41 25.26 -42.97
N SER A 280 9.50 24.56 -43.26
CA SER A 280 9.71 23.97 -44.58
C SER A 280 9.34 22.50 -44.59
N CYS A 281 9.78 21.76 -43.58
CA CYS A 281 9.36 20.38 -43.38
C CYS A 281 8.88 20.16 -41.95
N ILE A 282 8.51 21.22 -41.25
CA ILE A 282 8.06 21.08 -39.87
C ILE A 282 6.57 20.78 -39.83
N ASP A 283 5.78 21.54 -40.59
CA ASP A 283 4.34 21.33 -40.64
C ASP A 283 3.81 20.97 -42.02
N THR A 284 4.65 21.07 -43.05
CA THR A 284 4.23 20.89 -44.44
C THR A 284 3.89 19.43 -44.66
N CYS A 285 2.59 19.12 -44.71
CA CYS A 285 2.10 17.76 -44.71
C CYS A 285 2.23 17.07 -46.07
N GLU A 286 2.99 17.62 -47.02
CA GLU A 286 3.19 16.95 -48.30
C GLU A 286 4.05 15.70 -48.13
N LYS A 287 5.29 15.87 -47.71
CA LYS A 287 6.17 14.75 -47.44
C LYS A 287 6.07 14.37 -45.97
N ASN A 288 6.99 13.54 -45.50
CA ASN A 288 7.04 13.18 -44.09
C ASN A 288 7.50 14.38 -43.28
N SER A 289 6.55 15.15 -42.77
CA SER A 289 6.87 16.33 -41.99
C SER A 289 7.46 15.94 -40.65
N VAL A 290 8.11 16.90 -40.00
CA VAL A 290 8.87 16.65 -38.79
C VAL A 290 7.94 16.35 -37.62
N LEU A 291 6.67 16.75 -37.73
CA LEU A 291 5.67 16.44 -36.72
C LEU A 291 5.00 15.09 -36.93
N GLU A 292 4.68 14.73 -38.17
CA GLU A 292 4.08 13.43 -38.44
C GLU A 292 5.06 12.31 -38.19
N VAL A 293 6.35 12.61 -38.21
CA VAL A 293 7.38 11.63 -37.93
C VAL A 293 7.55 11.42 -36.42
N ILE A 294 7.57 12.51 -35.66
CA ILE A 294 7.80 12.38 -34.23
C ILE A 294 6.55 11.85 -33.53
N ALA A 295 5.37 12.08 -34.10
CA ALA A 295 4.15 11.59 -33.46
C ALA A 295 3.94 10.12 -33.74
N TYR A 296 4.13 9.69 -34.99
CA TYR A 296 3.84 8.33 -35.39
C TYR A 296 4.97 7.36 -35.10
N SER A 297 6.02 7.80 -34.42
CA SER A 297 7.15 6.92 -34.15
C SER A 297 6.75 5.88 -33.10
N SER A 298 6.96 4.61 -33.43
CA SER A 298 6.34 3.51 -32.70
C SER A 298 7.14 3.19 -31.45
N SER A 299 7.10 4.10 -30.47
CA SER A 299 7.46 3.89 -29.06
C SER A 299 8.93 3.58 -28.80
N GLU A 300 9.70 3.35 -29.86
CA GLU A 300 11.16 3.33 -29.85
C GLU A 300 11.62 4.77 -30.09
N THR A 301 12.89 4.93 -30.49
CA THR A 301 13.60 6.20 -30.63
C THR A 301 13.50 6.92 -29.30
N PRO A 302 14.22 6.45 -28.28
CA PRO A 302 13.82 6.74 -26.88
C PRO A 302 14.07 8.16 -26.42
N ASN A 303 14.43 9.07 -27.31
CA ASN A 303 14.56 10.49 -27.00
C ASN A 303 13.32 11.26 -27.43
N ARG A 304 12.15 10.64 -27.25
CA ARG A 304 10.85 11.24 -27.52
C ARG A 304 10.64 12.45 -26.58
N HIS A 305 9.52 13.17 -26.81
CA HIS A 305 9.21 14.47 -26.23
C HIS A 305 10.28 15.46 -26.66
N ASP A 306 10.48 15.50 -27.98
CA ASP A 306 11.13 16.59 -28.69
C ASP A 306 10.25 17.82 -28.78
N MET A 307 9.01 17.75 -28.30
CA MET A 307 8.11 18.88 -28.36
C MET A 307 8.61 20.02 -27.50
N LEU A 308 8.70 19.79 -26.19
CA LEU A 308 9.19 20.77 -25.24
C LEU A 308 10.71 20.83 -25.19
N LEU A 309 11.40 20.08 -26.03
CA LEU A 309 12.85 20.04 -26.04
C LEU A 309 13.46 20.70 -27.27
N VAL A 310 12.64 21.14 -28.22
CA VAL A 310 13.16 21.80 -29.41
C VAL A 310 12.56 23.20 -29.48
N GLU A 311 11.23 23.24 -29.53
CA GLU A 311 10.40 24.43 -29.44
C GLU A 311 10.61 25.53 -30.50
N PRO A 312 10.58 25.22 -31.80
CA PRO A 312 9.80 26.06 -32.71
C PRO A 312 8.43 25.46 -32.92
N LEU A 313 8.21 24.28 -32.36
CA LEU A 313 7.00 23.50 -32.56
C LEU A 313 6.30 23.14 -31.26
N ASN A 314 6.87 23.48 -30.10
CA ASN A 314 6.07 23.49 -28.88
C ASN A 314 4.99 24.54 -28.94
N ARG A 315 5.20 25.61 -29.71
CA ARG A 315 4.20 26.62 -29.93
C ARG A 315 3.49 26.46 -31.26
N LEU A 316 4.00 25.65 -32.16
CA LEU A 316 3.23 25.34 -33.37
C LEU A 316 2.06 24.44 -33.03
N LEU A 317 2.27 23.48 -32.13
CA LEU A 317 1.17 22.63 -31.68
C LEU A 317 0.16 23.43 -30.88
N GLN A 318 0.64 24.32 -30.02
CA GLN A 318 -0.25 25.18 -29.25
C GLN A 318 -1.01 26.14 -30.14
N ASP A 319 -0.39 26.56 -31.25
CA ASP A 319 -1.09 27.42 -32.19
C ASP A 319 -2.16 26.64 -32.95
N LYS A 320 -1.86 25.41 -33.33
CA LYS A 320 -2.86 24.61 -34.03
C LYS A 320 -3.98 24.19 -33.10
N TRP A 321 -3.67 23.97 -31.84
CA TRP A 321 -4.70 23.57 -30.88
C TRP A 321 -5.66 24.71 -30.61
N ASP A 322 -5.16 25.81 -30.03
CA ASP A 322 -6.00 26.90 -29.55
C ASP A 322 -6.71 27.67 -30.65
N ARG A 323 -6.39 27.43 -31.91
CA ARG A 323 -7.02 28.11 -33.02
C ARG A 323 -7.95 27.23 -33.83
N PHE A 324 -7.55 26.00 -34.10
CA PHE A 324 -8.24 25.16 -35.07
C PHE A 324 -8.67 23.81 -34.50
N VAL A 325 -7.82 23.17 -33.72
CA VAL A 325 -8.05 21.77 -33.36
C VAL A 325 -8.89 21.64 -32.09
N LYS A 326 -8.78 22.60 -31.18
CA LYS A 326 -9.49 22.51 -29.90
C LYS A 326 -10.99 22.54 -30.08
N ARG A 327 -11.48 23.35 -31.02
CA ARG A 327 -12.91 23.43 -31.24
C ARG A 327 -13.43 22.17 -31.93
N ILE A 328 -12.62 21.55 -32.78
CA ILE A 328 -13.08 20.36 -33.45
C ILE A 328 -12.85 19.12 -32.59
N PHE A 329 -12.07 19.24 -31.53
CA PHE A 329 -11.89 18.12 -30.61
C PHE A 329 -13.07 17.97 -29.69
N TYR A 330 -13.49 19.07 -29.05
CA TYR A 330 -14.65 19.02 -28.18
C TYR A 330 -15.93 18.73 -28.93
N PHE A 331 -15.98 19.03 -30.23
CA PHE A 331 -17.13 18.60 -31.01
C PHE A 331 -17.14 17.10 -31.18
N ASN A 332 -15.97 16.49 -31.38
CA ASN A 332 -15.91 15.04 -31.47
C ASN A 332 -16.23 14.38 -30.16
N PHE A 333 -15.79 14.98 -29.05
CA PHE A 333 -16.15 14.46 -27.75
C PHE A 333 -17.62 14.64 -27.44
N PHE A 334 -18.23 15.69 -27.98
CA PHE A 334 -19.65 15.89 -27.76
C PHE A 334 -20.47 14.88 -28.55
N VAL A 335 -20.06 14.57 -29.77
CA VAL A 335 -20.81 13.62 -30.58
C VAL A 335 -20.67 12.22 -30.01
N TYR A 336 -19.50 11.88 -29.49
CA TYR A 336 -19.32 10.57 -28.90
C TYR A 336 -20.11 10.41 -27.62
N CYS A 337 -20.21 11.47 -26.81
CA CYS A 337 -21.12 11.43 -25.67
C CYS A 337 -22.56 11.34 -26.13
N LEU A 338 -22.89 12.00 -27.23
CA LEU A 338 -24.23 11.92 -27.77
C LEU A 338 -24.50 10.54 -28.35
N TYR A 339 -23.48 9.92 -28.93
CA TYR A 339 -23.63 8.57 -29.46
C TYR A 339 -23.85 7.56 -28.35
N MET A 340 -23.14 7.71 -27.24
CA MET A 340 -23.29 6.74 -26.17
C MET A 340 -24.57 6.91 -25.39
N ILE A 341 -25.15 8.11 -25.37
CA ILE A 341 -26.43 8.28 -24.71
C ILE A 341 -27.54 7.66 -25.55
N ILE A 342 -27.45 7.77 -26.87
CA ILE A 342 -28.39 7.08 -27.74
C ILE A 342 -28.24 5.58 -27.61
N PHE A 343 -27.01 5.11 -27.55
CA PHE A 343 -26.77 3.67 -27.52
C PHE A 343 -27.03 3.07 -26.15
N THR A 344 -26.78 3.79 -25.06
CA THR A 344 -27.15 3.26 -23.76
C THR A 344 -28.64 3.32 -23.51
N ALA A 345 -29.37 4.14 -24.24
CA ALA A 345 -30.82 4.18 -24.12
C ALA A 345 -31.50 3.27 -25.11
N ALA A 346 -30.90 3.01 -26.27
CA ALA A 346 -31.49 2.06 -27.19
C ALA A 346 -31.35 0.63 -26.70
N ALA A 347 -30.40 0.39 -25.80
CA ALA A 347 -30.25 -0.93 -25.19
C ALA A 347 -31.02 -1.07 -23.90
N TYR A 348 -31.27 0.03 -23.20
CA TYR A 348 -32.00 -0.04 -21.94
C TYR A 348 -33.47 -0.37 -22.18
N TYR A 349 -33.97 -0.04 -23.36
CA TYR A 349 -35.37 -0.26 -23.70
C TYR A 349 -35.52 -1.31 -24.78
N ARG A 350 -34.70 -2.35 -24.72
CA ARG A 350 -34.82 -3.41 -25.70
C ARG A 350 -36.04 -4.28 -25.37
N PRO A 351 -36.69 -4.81 -26.39
CA PRO A 351 -37.75 -5.80 -26.13
C PRO A 351 -37.18 -7.11 -25.62
N VAL A 352 -37.89 -7.68 -24.65
CA VAL A 352 -37.39 -8.84 -23.94
C VAL A 352 -37.87 -10.13 -24.59
N GLU A 353 -39.17 -10.22 -24.87
CA GLU A 353 -39.74 -11.45 -25.40
C GLU A 353 -39.49 -11.55 -26.91
N GLY A 354 -39.22 -12.77 -27.36
CA GLY A 354 -38.94 -13.08 -28.74
C GLY A 354 -37.45 -13.13 -29.03
N LEU A 355 -37.05 -13.94 -30.02
CA LEU A 355 -35.65 -14.07 -30.36
C LEU A 355 -35.32 -13.53 -31.74
N PRO A 356 -36.35 -13.40 -32.56
CA PRO A 356 -36.22 -12.92 -33.94
C PRO A 356 -35.97 -11.42 -34.04
N PRO A 357 -35.51 -10.95 -35.20
CA PRO A 357 -35.28 -9.52 -35.35
C PRO A 357 -36.62 -8.84 -35.12
N TYR A 358 -36.63 -7.84 -34.26
CA TYR A 358 -37.87 -7.15 -33.91
C TYR A 358 -38.46 -6.22 -34.94
N LYS A 359 -39.78 -6.22 -35.01
CA LYS A 359 -40.53 -5.35 -35.90
C LYS A 359 -41.32 -4.49 -34.94
N LEU A 360 -41.26 -3.18 -35.12
CA LEU A 360 -41.95 -2.28 -34.21
C LEU A 360 -43.13 -1.56 -34.84
N LYS A 361 -44.28 -1.64 -34.18
CA LYS A 361 -45.46 -0.97 -34.67
C LYS A 361 -45.33 0.54 -34.50
N ASN A 362 -46.33 1.27 -34.99
CA ASN A 362 -46.29 2.72 -34.96
C ASN A 362 -46.52 3.20 -33.53
N THR A 363 -45.43 3.41 -32.80
CA THR A 363 -45.50 3.98 -31.47
C THR A 363 -44.53 5.14 -31.41
N VAL A 364 -44.85 6.12 -30.57
CA VAL A 364 -43.99 7.30 -30.41
C VAL A 364 -42.67 6.89 -29.78
N GLY A 365 -42.72 5.93 -28.85
CA GLY A 365 -41.50 5.38 -28.30
C GLY A 365 -40.94 4.24 -29.12
N ASP A 366 -41.80 3.56 -29.89
CA ASP A 366 -41.32 2.43 -30.69
C ASP A 366 -40.59 2.91 -31.93
N TYR A 367 -41.04 4.00 -32.55
CA TYR A 367 -40.32 4.52 -33.70
C TYR A 367 -39.05 5.25 -33.28
N PHE A 368 -39.07 5.90 -32.12
CA PHE A 368 -37.91 6.66 -31.67
C PHE A 368 -36.76 5.77 -31.21
N ARG A 369 -37.01 4.49 -30.95
CA ARG A 369 -35.93 3.60 -30.58
C ARG A 369 -35.37 2.80 -31.75
N VAL A 370 -36.14 2.61 -32.81
CA VAL A 370 -35.58 1.98 -33.99
C VAL A 370 -34.65 2.95 -34.70
N THR A 371 -34.96 4.24 -34.63
CA THR A 371 -33.98 5.26 -34.99
C THR A 371 -32.80 5.21 -34.06
N GLY A 372 -33.04 4.92 -32.78
CA GLY A 372 -31.94 4.82 -31.83
C GLY A 372 -31.06 3.61 -32.06
N GLU A 373 -31.63 2.51 -32.54
CA GLU A 373 -30.79 1.36 -32.82
C GLU A 373 -30.07 1.51 -34.14
N ILE A 374 -30.68 2.21 -35.10
CA ILE A 374 -30.04 2.38 -36.39
C ILE A 374 -28.89 3.36 -36.30
N LEU A 375 -29.02 4.39 -35.46
CA LEU A 375 -27.90 5.28 -35.21
C LEU A 375 -26.78 4.58 -34.48
N SER A 376 -27.11 3.65 -33.60
CA SER A 376 -26.09 2.98 -32.80
C SER A 376 -25.23 2.05 -33.64
N VAL A 377 -25.84 1.31 -34.56
CA VAL A 377 -25.07 0.45 -35.44
C VAL A 377 -24.24 1.28 -36.39
N SER A 378 -24.78 2.42 -36.83
CA SER A 378 -24.07 3.31 -37.73
C SER A 378 -22.81 3.88 -37.09
N GLY A 379 -22.83 4.08 -35.78
CA GLY A 379 -21.59 4.39 -35.08
C GLY A 379 -20.62 3.23 -35.06
N GLY A 380 -21.14 2.01 -34.89
CA GLY A 380 -20.27 0.85 -34.89
C GLY A 380 -19.71 0.54 -36.25
N VAL A 381 -20.38 0.98 -37.31
CA VAL A 381 -19.81 0.90 -38.65
C VAL A 381 -18.69 1.92 -38.79
N TYR A 382 -18.88 3.10 -38.21
CA TYR A 382 -17.91 4.18 -38.36
C TYR A 382 -16.61 3.85 -37.65
N PHE A 383 -16.68 3.37 -36.41
CA PHE A 383 -15.46 3.00 -35.72
C PHE A 383 -14.82 1.75 -36.29
N PHE A 384 -15.58 0.96 -37.05
CA PHE A 384 -14.99 -0.20 -37.71
C PHE A 384 -14.14 0.23 -38.90
N PHE A 385 -14.71 1.02 -39.81
CA PHE A 385 -13.95 1.46 -40.97
C PHE A 385 -12.86 2.46 -40.64
N ARG A 386 -13.08 3.32 -39.67
CA ARG A 386 -12.00 4.21 -39.25
C ARG A 386 -10.90 3.45 -38.53
N GLY A 387 -11.20 2.29 -37.98
CA GLY A 387 -10.20 1.48 -37.34
C GLY A 387 -9.36 0.71 -38.34
N ILE A 388 -9.99 0.24 -39.41
CA ILE A 388 -9.23 -0.40 -40.48
C ILE A 388 -8.40 0.62 -41.23
N GLN A 389 -8.98 1.80 -41.45
CA GLN A 389 -8.25 2.93 -42.02
C GLN A 389 -7.01 3.28 -41.22
N TYR A 390 -7.06 3.13 -39.89
CA TYR A 390 -5.87 3.34 -39.09
C TYR A 390 -4.81 2.28 -39.37
N PHE A 391 -5.23 1.02 -39.53
CA PHE A 391 -4.24 -0.04 -39.66
C PHE A 391 -3.61 -0.04 -41.05
N LEU A 392 -4.36 0.36 -42.07
CA LEU A 392 -3.81 0.36 -43.42
C LEU A 392 -2.93 1.58 -43.66
N GLN A 393 -3.28 2.71 -43.07
CA GLN A 393 -2.54 3.95 -43.30
C GLN A 393 -1.17 3.88 -42.67
N ARG A 394 -1.11 3.74 -41.37
CA ARG A 394 0.13 3.41 -40.68
C ARG A 394 0.05 1.94 -40.28
N ARG A 395 0.96 1.14 -40.78
CA ARG A 395 0.84 -0.28 -40.49
C ARG A 395 1.59 -0.60 -39.22
N PRO A 396 0.92 -0.61 -38.08
CA PRO A 396 1.58 -1.05 -36.85
C PRO A 396 1.55 -2.56 -36.77
N SER A 397 2.67 -3.15 -36.35
CA SER A 397 2.74 -4.61 -36.31
C SER A 397 3.82 -5.03 -35.33
N LEU A 398 3.80 -6.33 -35.03
CA LEU A 398 4.88 -7.06 -34.36
C LEU A 398 5.18 -6.48 -32.98
N LYS A 399 4.19 -6.62 -32.11
CA LYS A 399 4.23 -6.18 -30.72
C LYS A 399 4.46 -4.68 -30.60
N SER A 400 3.93 -3.93 -31.55
CA SER A 400 3.76 -2.50 -31.42
C SER A 400 2.30 -2.10 -31.55
N LEU A 401 1.41 -3.09 -31.76
CA LEU A 401 -0.02 -2.81 -31.81
C LEU A 401 -0.56 -2.36 -30.48
N PHE A 402 0.00 -2.83 -29.39
CA PHE A 402 -0.54 -2.52 -28.08
C PHE A 402 0.23 -1.43 -27.36
N VAL A 403 1.55 -1.36 -27.52
CA VAL A 403 2.33 -0.39 -26.76
C VAL A 403 2.04 1.03 -27.25
N ASP A 404 2.37 1.32 -28.50
CA ASP A 404 1.70 2.38 -29.21
C ASP A 404 0.40 1.81 -29.72
N SER A 405 -0.52 2.70 -30.12
CA SER A 405 -1.79 2.34 -30.74
C SER A 405 -2.67 1.46 -29.85
N TYR A 406 -2.54 1.63 -28.53
CA TYR A 406 -3.43 0.96 -27.60
C TYR A 406 -4.85 1.44 -27.73
N SER A 407 -5.04 2.75 -27.68
CA SER A 407 -6.38 3.27 -27.57
C SER A 407 -7.11 3.28 -28.90
N GLU A 408 -6.45 2.92 -29.97
CA GLU A 408 -7.13 2.85 -31.26
C GLU A 408 -7.67 1.47 -31.51
N ILE A 409 -7.14 0.44 -30.86
CA ILE A 409 -7.69 -0.88 -31.06
C ILE A 409 -8.84 -1.17 -30.11
N LEU A 410 -8.93 -0.45 -28.99
CA LEU A 410 -10.10 -0.62 -28.14
C LEU A 410 -11.34 -0.02 -28.76
N PHE A 411 -11.22 1.02 -29.56
CA PHE A 411 -12.35 1.43 -30.37
C PHE A 411 -12.65 0.43 -31.47
N PHE A 412 -11.65 -0.31 -31.92
CA PHE A 412 -11.91 -1.29 -32.95
C PHE A 412 -12.57 -2.53 -32.38
N VAL A 413 -12.20 -2.93 -31.16
CA VAL A 413 -12.82 -4.07 -30.51
C VAL A 413 -14.26 -3.75 -30.13
N GLN A 414 -14.52 -2.51 -29.68
CA GLN A 414 -15.89 -2.04 -29.44
C GLN A 414 -16.75 -2.15 -30.68
N SER A 415 -16.19 -1.78 -31.83
CA SER A 415 -16.93 -1.84 -33.08
C SER A 415 -17.27 -3.26 -33.47
N LEU A 416 -16.33 -4.18 -33.31
CA LEU A 416 -16.62 -5.52 -33.77
C LEU A 416 -17.41 -6.34 -32.77
N PHE A 417 -17.48 -5.95 -31.50
CA PHE A 417 -18.53 -6.50 -30.66
C PHE A 417 -19.91 -6.07 -31.15
N MET A 418 -20.01 -4.88 -31.72
CA MET A 418 -21.33 -4.45 -32.15
C MET A 418 -21.68 -5.03 -33.51
N LEU A 419 -20.68 -5.30 -34.36
CA LEU A 419 -21.01 -5.91 -35.64
C LEU A 419 -21.37 -7.37 -35.47
N VAL A 420 -20.73 -8.06 -34.52
CA VAL A 420 -21.18 -9.40 -34.14
C VAL A 420 -22.59 -9.35 -33.58
N SER A 421 -22.89 -8.31 -32.82
CA SER A 421 -24.25 -8.10 -32.33
C SER A 421 -25.22 -7.82 -33.47
N VAL A 422 -24.79 -7.15 -34.52
CA VAL A 422 -25.68 -6.91 -35.65
C VAL A 422 -25.83 -8.15 -36.51
N VAL A 423 -24.87 -9.06 -36.45
CA VAL A 423 -25.04 -10.33 -37.16
C VAL A 423 -26.00 -11.23 -36.41
N LEU A 424 -25.82 -11.38 -35.10
CA LEU A 424 -26.65 -12.28 -34.33
C LEU A 424 -28.07 -11.77 -34.16
N TYR A 425 -28.30 -10.48 -34.34
CA TYR A 425 -29.65 -9.96 -34.29
C TYR A 425 -30.47 -10.45 -35.47
N PHE A 426 -29.96 -10.26 -36.68
CA PHE A 426 -30.67 -10.72 -37.85
C PHE A 426 -30.48 -12.20 -38.12
N SER A 427 -29.63 -12.87 -37.35
CA SER A 427 -29.56 -14.31 -37.38
C SER A 427 -30.56 -14.96 -36.43
N GLN A 428 -31.46 -14.16 -35.86
CA GLN A 428 -32.53 -14.60 -34.97
C GLN A 428 -32.00 -15.34 -33.75
N ARG A 429 -30.86 -14.90 -33.26
CA ARG A 429 -30.27 -15.47 -32.07
C ARG A 429 -30.51 -14.53 -30.89
N LYS A 430 -30.93 -15.09 -29.78
CA LYS A 430 -31.18 -14.28 -28.59
C LYS A 430 -29.88 -13.82 -27.97
N GLU A 431 -28.77 -14.47 -28.30
CA GLU A 431 -27.46 -14.11 -27.76
C GLU A 431 -26.85 -12.89 -28.41
N TYR A 432 -27.63 -12.06 -29.12
CA TYR A 432 -27.07 -10.84 -29.67
C TYR A 432 -26.79 -9.84 -28.57
N VAL A 433 -27.56 -9.89 -27.48
CA VAL A 433 -27.41 -8.88 -26.45
C VAL A 433 -26.15 -9.14 -25.64
N ALA A 434 -25.63 -10.36 -25.65
CA ALA A 434 -24.35 -10.63 -25.01
C ALA A 434 -23.21 -9.92 -25.72
N SER A 435 -23.29 -9.80 -27.03
CA SER A 435 -22.26 -9.04 -27.74
C SER A 435 -22.50 -7.55 -27.61
N MET A 436 -23.75 -7.13 -27.55
CA MET A 436 -24.06 -5.71 -27.47
C MET A 436 -23.68 -5.14 -26.11
N VAL A 437 -23.82 -5.94 -25.06
CA VAL A 437 -23.49 -5.50 -23.72
C VAL A 437 -21.99 -5.26 -23.56
N PHE A 438 -21.18 -6.14 -24.12
CA PHE A 438 -19.74 -5.87 -24.16
C PHE A 438 -19.41 -4.70 -25.04
N SER A 439 -20.21 -4.43 -26.06
CA SER A 439 -19.98 -3.23 -26.84
C SER A 439 -20.40 -1.98 -26.09
N LEU A 440 -21.26 -2.11 -25.10
CA LEU A 440 -21.74 -0.95 -24.36
C LEU A 440 -20.91 -0.66 -23.14
N ALA A 441 -20.41 -1.68 -22.46
CA ALA A 441 -19.50 -1.44 -21.37
C ALA A 441 -18.18 -0.90 -21.88
N MET A 442 -17.72 -1.42 -23.01
CA MET A 442 -16.48 -0.96 -23.60
C MET A 442 -16.66 0.40 -24.22
N GLY A 443 -17.86 0.73 -24.66
CA GLY A 443 -18.09 2.04 -25.24
C GLY A 443 -18.00 3.16 -24.24
N TRP A 444 -18.43 2.93 -23.01
CA TRP A 444 -18.28 3.95 -21.99
C TRP A 444 -16.87 4.02 -21.44
N THR A 445 -16.18 2.90 -21.32
CA THR A 445 -14.81 2.99 -20.84
C THR A 445 -13.88 3.56 -21.89
N ASN A 446 -14.26 3.50 -23.16
CA ASN A 446 -13.50 4.20 -24.18
C ASN A 446 -13.72 5.70 -24.16
N MET A 447 -14.60 6.21 -23.32
CA MET A 447 -14.80 7.64 -23.23
C MET A 447 -13.64 8.32 -22.53
N LEU A 448 -12.81 7.58 -21.80
CA LEU A 448 -11.60 8.19 -21.28
C LEU A 448 -10.44 8.10 -22.24
N TYR A 449 -10.69 7.83 -23.51
CA TYR A 449 -9.78 8.25 -24.55
C TYR A 449 -9.65 9.76 -24.59
N TYR A 450 -10.74 10.46 -24.34
CA TYR A 450 -10.72 11.90 -24.48
C TYR A 450 -10.12 12.60 -23.28
N THR A 451 -9.99 11.90 -22.15
CA THR A 451 -9.22 12.46 -21.06
C THR A 451 -7.75 12.56 -21.43
N ARG A 452 -7.27 11.60 -22.20
CA ARG A 452 -5.91 11.60 -22.72
C ARG A 452 -5.73 12.77 -23.66
N GLY A 453 -4.88 13.70 -23.27
CA GLY A 453 -4.71 14.94 -23.98
C GLY A 453 -4.86 16.17 -23.10
N PHE A 454 -5.58 16.08 -21.99
CA PHE A 454 -5.67 17.18 -21.05
C PHE A 454 -4.54 17.06 -20.04
N GLN A 455 -4.18 18.18 -19.44
CA GLN A 455 -3.01 18.21 -18.57
C GLN A 455 -3.25 17.45 -17.28
N GLN A 456 -4.34 17.76 -16.59
CA GLN A 456 -4.56 17.13 -15.28
C GLN A 456 -5.08 15.70 -15.43
N MET A 457 -6.24 15.54 -16.06
CA MET A 457 -6.91 14.26 -16.09
C MET A 457 -6.36 13.31 -17.13
N GLY A 458 -5.30 13.67 -17.85
CA GLY A 458 -4.76 12.76 -18.81
C GLY A 458 -3.90 11.66 -18.24
N ILE A 459 -3.43 11.81 -17.02
CA ILE A 459 -2.53 10.82 -16.44
C ILE A 459 -3.28 9.54 -16.10
N TYR A 460 -4.58 9.64 -15.84
CA TYR A 460 -5.34 8.47 -15.43
C TYR A 460 -5.56 7.49 -16.57
N ALA A 461 -5.69 7.99 -17.79
CA ALA A 461 -5.87 7.10 -18.92
C ALA A 461 -4.55 6.50 -19.36
N VAL A 462 -3.44 7.11 -19.01
CA VAL A 462 -2.15 6.56 -19.41
C VAL A 462 -1.74 5.44 -18.47
N MET A 463 -1.92 5.65 -17.17
CA MET A 463 -1.51 4.62 -16.23
C MET A 463 -2.51 3.49 -16.14
N ILE A 464 -3.73 3.65 -16.67
CA ILE A 464 -4.60 2.49 -16.76
C ILE A 464 -4.18 1.61 -17.92
N GLU A 465 -3.43 2.16 -18.87
CA GLU A 465 -2.92 1.41 -20.00
C GLU A 465 -1.67 0.63 -19.63
N LYS A 466 -0.73 1.27 -18.94
CA LYS A 466 0.49 0.61 -18.53
C LYS A 466 0.26 -0.45 -17.49
N MET A 467 -0.74 -0.27 -16.62
CA MET A 467 -1.02 -1.29 -15.64
C MET A 467 -1.64 -2.53 -16.27
N ILE A 468 -2.41 -2.37 -17.33
CA ILE A 468 -2.94 -3.54 -18.03
C ILE A 468 -1.84 -4.19 -18.85
N LEU A 469 -1.11 -3.42 -19.62
CA LEU A 469 -0.15 -3.96 -20.56
C LEU A 469 1.12 -4.46 -19.91
N ARG A 470 1.72 -3.67 -19.02
CA ARG A 470 2.94 -4.14 -18.39
C ARG A 470 2.64 -4.98 -17.16
N ASP A 471 1.90 -4.42 -16.22
CA ASP A 471 1.80 -5.01 -14.89
C ASP A 471 0.88 -6.21 -14.88
N LEU A 472 -0.37 -6.03 -15.27
CA LEU A 472 -1.36 -7.09 -15.12
C LEU A 472 -1.16 -8.18 -16.16
N CYS A 473 -0.58 -7.86 -17.31
CA CYS A 473 -0.41 -8.88 -18.32
C CYS A 473 0.77 -9.80 -18.03
N ARG A 474 1.89 -9.25 -17.55
CA ARG A 474 2.99 -10.13 -17.18
C ARG A 474 2.71 -10.87 -15.90
N PHE A 475 1.87 -10.32 -15.03
CA PHE A 475 1.60 -11.00 -13.79
C PHE A 475 0.61 -12.12 -13.98
N MET A 476 -0.24 -12.06 -14.99
CA MET A 476 -1.31 -13.03 -15.07
C MET A 476 -0.86 -14.39 -15.59
N PHE A 477 0.43 -14.58 -15.87
CA PHE A 477 0.96 -15.91 -16.04
C PHE A 477 1.60 -16.44 -14.78
N VAL A 478 2.01 -15.56 -13.89
CA VAL A 478 2.50 -15.97 -12.58
C VAL A 478 1.33 -16.41 -11.72
N TYR A 479 0.26 -15.63 -11.71
CA TYR A 479 -0.91 -15.98 -10.92
C TYR A 479 -1.60 -17.21 -11.46
N LEU A 480 -1.66 -17.35 -12.78
CA LEU A 480 -2.49 -18.38 -13.37
C LEU A 480 -1.89 -19.76 -13.19
N VAL A 481 -0.62 -19.84 -12.81
CA VAL A 481 -0.07 -21.15 -12.53
C VAL A 481 -0.32 -21.52 -11.09
N PHE A 482 -0.61 -20.55 -10.23
CA PHE A 482 -1.10 -20.83 -8.90
C PHE A 482 -2.57 -21.18 -8.91
N LEU A 483 -3.36 -20.46 -9.70
CA LEU A 483 -4.78 -20.73 -9.79
C LEU A 483 -5.03 -22.10 -10.38
N PHE A 484 -4.44 -22.39 -11.53
CA PHE A 484 -4.63 -23.68 -12.14
C PHE A 484 -3.91 -24.78 -11.39
N GLY A 485 -2.89 -24.43 -10.61
CA GLY A 485 -2.18 -25.41 -9.84
C GLY A 485 -2.99 -25.91 -8.67
N PHE A 486 -3.52 -25.00 -7.87
CA PHE A 486 -4.33 -25.41 -6.73
C PHE A 486 -5.73 -25.83 -7.11
N SER A 487 -6.29 -25.34 -8.20
CA SER A 487 -7.65 -25.75 -8.53
C SER A 487 -7.68 -27.16 -9.08
N THR A 488 -6.66 -27.58 -9.82
CA THR A 488 -6.54 -29.00 -10.13
C THR A 488 -6.22 -29.82 -8.90
N ALA A 489 -5.67 -29.21 -7.87
CA ALA A 489 -5.41 -29.95 -6.64
C ALA A 489 -6.70 -30.13 -5.84
N VAL A 490 -7.54 -29.10 -5.80
CA VAL A 490 -8.75 -29.14 -5.01
C VAL A 490 -9.80 -30.04 -5.62
N VAL A 491 -9.88 -30.08 -6.95
CA VAL A 491 -10.88 -30.91 -7.63
C VAL A 491 -10.60 -32.39 -7.39
N THR A 492 -9.35 -32.81 -7.54
CA THR A 492 -9.06 -34.22 -7.33
C THR A 492 -9.07 -34.58 -5.85
N LEU A 493 -8.89 -33.60 -4.97
CA LEU A 493 -8.92 -33.89 -3.55
C LEU A 493 -10.32 -34.23 -3.09
N ILE A 494 -11.26 -33.33 -3.33
CA ILE A 494 -12.63 -33.53 -2.89
C ILE A 494 -13.55 -33.48 -4.09
N GLU A 495 -14.48 -34.43 -4.16
CA GLU A 495 -15.42 -34.54 -5.26
C GLU A 495 -16.82 -34.36 -4.69
N ASP A 496 -17.27 -33.12 -4.63
CA ASP A 496 -18.57 -32.80 -4.09
C ASP A 496 -19.03 -31.53 -4.79
N GLY A 497 -20.12 -30.95 -4.31
CA GLY A 497 -20.57 -29.68 -4.85
C GLY A 497 -19.59 -28.57 -4.56
N LYS A 498 -19.69 -27.52 -5.40
CA LYS A 498 -18.95 -26.25 -5.39
C LYS A 498 -17.52 -26.44 -5.88
N TYR A 499 -17.04 -27.68 -5.95
CA TYR A 499 -15.70 -27.95 -6.44
C TYR A 499 -15.69 -29.18 -7.32
N ASN A 500 -16.83 -29.53 -7.91
CA ASN A 500 -16.88 -30.71 -8.77
C ASN A 500 -16.14 -30.46 -10.07
N SER A 501 -16.31 -29.28 -10.64
CA SER A 501 -15.71 -28.97 -11.92
C SER A 501 -14.47 -28.12 -11.74
N LEU A 502 -13.68 -28.06 -12.80
CA LEU A 502 -12.50 -27.22 -12.78
C LEU A 502 -12.87 -25.75 -12.91
N TYR A 503 -13.97 -25.46 -13.58
CA TYR A 503 -14.38 -24.07 -13.77
C TYR A 503 -14.92 -23.47 -12.48
N SER A 504 -15.77 -24.20 -11.77
CA SER A 504 -16.32 -23.66 -10.54
C SER A 504 -15.29 -23.60 -9.44
N THR A 505 -14.22 -24.39 -9.54
CA THR A 505 -13.17 -24.35 -8.55
C THR A 505 -12.23 -23.18 -8.80
N CYS A 506 -11.98 -22.87 -10.07
CA CYS A 506 -11.17 -21.70 -10.39
C CYS A 506 -11.90 -20.41 -10.04
N LEU A 507 -13.23 -20.45 -9.93
CA LEU A 507 -13.92 -19.23 -9.51
C LEU A 507 -13.90 -19.08 -8.00
N GLU A 508 -13.99 -20.18 -7.27
CA GLU A 508 -13.95 -20.06 -5.82
C GLU A 508 -12.56 -19.76 -5.33
N LEU A 509 -11.55 -20.15 -6.08
CA LEU A 509 -10.19 -19.81 -5.70
C LEU A 509 -9.79 -18.45 -6.23
N PHE A 510 -10.47 -17.93 -7.24
CA PHE A 510 -10.28 -16.53 -7.57
C PHE A 510 -10.92 -15.63 -6.54
N LYS A 511 -12.00 -16.09 -5.91
CA LYS A 511 -12.64 -15.28 -4.89
C LYS A 511 -11.82 -15.22 -3.61
N PHE A 512 -10.96 -16.18 -3.36
CA PHE A 512 -10.13 -16.16 -2.17
C PHE A 512 -8.95 -15.23 -2.31
N THR A 513 -8.31 -15.20 -3.47
CA THR A 513 -7.23 -14.25 -3.68
C THR A 513 -7.71 -12.84 -3.90
N ILE A 514 -8.96 -12.66 -4.32
CA ILE A 514 -9.48 -11.33 -4.46
C ILE A 514 -9.92 -10.80 -3.10
N GLY A 515 -10.03 -11.65 -2.09
CA GLY A 515 -10.49 -11.28 -0.79
C GLY A 515 -11.95 -11.56 -0.54
N MET A 516 -12.74 -11.70 -1.59
CA MET A 516 -14.19 -11.84 -1.46
C MET A 516 -14.63 -13.28 -1.47
N GLY A 517 -14.01 -14.09 -0.64
CA GLY A 517 -14.38 -15.49 -0.54
C GLY A 517 -14.68 -15.84 0.89
N ASP A 518 -15.37 -16.96 1.07
CA ASP A 518 -15.84 -17.40 2.37
C ASP A 518 -15.08 -18.66 2.77
N LEU A 519 -14.22 -18.54 3.78
CA LEU A 519 -13.52 -19.70 4.31
C LEU A 519 -14.35 -20.33 5.42
N GLU A 520 -15.54 -20.77 5.05
CA GLU A 520 -16.42 -21.48 5.96
C GLU A 520 -16.19 -22.95 5.70
N PHE A 521 -15.60 -23.63 6.68
CA PHE A 521 -15.27 -25.03 6.55
C PHE A 521 -16.33 -25.92 7.18
N THR A 522 -17.59 -25.55 6.95
CA THR A 522 -18.70 -26.22 7.58
C THR A 522 -18.86 -27.64 7.09
N GLU A 523 -19.04 -27.82 5.78
CA GLU A 523 -19.56 -29.08 5.27
C GLU A 523 -18.51 -30.16 5.27
N ASN A 524 -18.98 -31.40 5.44
CA ASN A 524 -18.10 -32.53 5.69
C ASN A 524 -17.59 -33.07 4.37
N TYR A 525 -16.28 -33.20 4.25
CA TYR A 525 -15.66 -33.88 3.13
C TYR A 525 -14.80 -35.00 3.65
N ASP A 526 -14.64 -36.04 2.86
CA ASP A 526 -13.44 -36.84 2.99
C ASP A 526 -12.30 -35.95 2.54
N PHE A 527 -11.17 -36.02 3.25
CA PHE A 527 -10.03 -35.13 3.08
C PHE A 527 -10.43 -33.69 3.36
N LYS A 528 -11.13 -33.49 4.46
CA LYS A 528 -11.47 -32.15 4.92
C LYS A 528 -10.29 -31.48 5.59
N ALA A 529 -9.54 -32.22 6.40
CA ALA A 529 -8.42 -31.62 7.10
C ALA A 529 -7.26 -31.32 6.17
N VAL A 530 -7.13 -32.09 5.09
CA VAL A 530 -6.14 -31.75 4.08
C VAL A 530 -6.59 -30.53 3.32
N PHE A 531 -7.89 -30.41 3.08
CA PHE A 531 -8.45 -29.30 2.33
C PHE A 531 -8.26 -27.98 3.04
N ILE A 532 -8.29 -27.97 4.37
CA ILE A 532 -8.02 -26.75 5.12
C ILE A 532 -6.55 -26.37 5.02
N ILE A 533 -5.65 -27.35 4.93
CA ILE A 533 -4.24 -27.05 4.86
C ILE A 533 -3.88 -26.46 3.50
N LEU A 534 -4.47 -26.98 2.42
CA LEU A 534 -4.25 -26.38 1.11
C LEU A 534 -4.83 -24.99 1.03
N LEU A 535 -6.07 -24.84 1.46
CA LEU A 535 -6.78 -23.60 1.23
C LEU A 535 -6.25 -22.49 2.11
N LEU A 536 -5.65 -22.84 3.24
CA LEU A 536 -4.90 -21.85 3.99
C LEU A 536 -3.54 -21.61 3.38
N ALA A 537 -2.93 -22.65 2.82
CA ALA A 537 -1.68 -22.41 2.11
C ALA A 537 -1.93 -21.84 0.73
N TYR A 538 -3.18 -21.75 0.29
CA TYR A 538 -3.48 -20.99 -0.90
C TYR A 538 -3.65 -19.53 -0.56
N VAL A 539 -4.51 -19.24 0.42
CA VAL A 539 -4.85 -17.88 0.81
C VAL A 539 -3.63 -17.12 1.33
N ILE A 540 -2.78 -17.76 2.13
CA ILE A 540 -1.59 -17.09 2.62
C ILE A 540 -0.56 -16.86 1.52
N LEU A 541 -0.74 -17.46 0.37
CA LEU A 541 0.27 -17.49 -0.66
C LEU A 541 -0.09 -16.66 -1.87
N THR A 542 -1.37 -16.42 -2.11
CA THR A 542 -1.81 -15.65 -3.25
C THR A 542 -2.64 -14.44 -2.88
N TYR A 543 -3.15 -14.36 -1.66
CA TYR A 543 -3.81 -13.16 -1.18
C TYR A 543 -2.88 -12.31 -0.35
N ILE A 544 -1.88 -12.93 0.27
CA ILE A 544 -0.91 -12.16 1.04
C ILE A 544 0.33 -11.87 0.22
N LEU A 545 0.94 -12.90 -0.36
CA LEU A 545 2.12 -12.65 -1.17
C LEU A 545 1.75 -12.02 -2.49
N LEU A 546 1.04 -12.76 -3.35
CA LEU A 546 0.94 -12.41 -4.75
C LEU A 546 0.12 -11.17 -5.00
N LEU A 547 -1.00 -11.02 -4.29
CA LEU A 547 -1.85 -9.86 -4.55
C LEU A 547 -1.17 -8.59 -4.09
N ASN A 548 -0.51 -8.62 -2.95
CA ASN A 548 0.21 -7.44 -2.50
C ASN A 548 1.48 -7.22 -3.28
N MET A 549 2.06 -8.27 -3.86
CA MET A 549 3.16 -8.11 -4.78
C MET A 549 2.72 -7.43 -6.06
N LEU A 550 1.51 -7.75 -6.53
CA LEU A 550 0.97 -7.08 -7.70
C LEU A 550 0.67 -5.62 -7.42
N ILE A 551 0.11 -5.33 -6.27
CA ILE A 551 -0.19 -3.96 -5.87
C ILE A 551 1.08 -3.15 -5.69
N ALA A 552 2.15 -3.78 -5.22
CA ALA A 552 3.42 -3.07 -5.10
C ALA A 552 4.04 -2.78 -6.43
N LEU A 553 3.85 -3.65 -7.41
CA LEU A 553 4.36 -3.37 -8.75
C LEU A 553 3.50 -2.38 -9.49
N MET A 554 2.18 -2.42 -9.30
CA MET A 554 1.33 -1.39 -9.86
C MET A 554 1.60 -0.04 -9.23
N GLY A 555 1.90 -0.03 -7.93
CA GLY A 555 2.18 1.22 -7.27
C GLY A 555 3.46 1.87 -7.72
N GLU A 556 4.42 1.06 -8.17
CA GLU A 556 5.63 1.63 -8.75
C GLU A 556 5.34 2.27 -10.09
N THR A 557 4.52 1.64 -10.92
CA THR A 557 4.27 2.23 -12.23
C THR A 557 3.25 3.34 -12.16
N VAL A 558 2.55 3.49 -11.06
CA VAL A 558 1.72 4.67 -10.86
C VAL A 558 2.58 5.85 -10.46
N ASN A 559 3.48 5.65 -9.51
CA ASN A 559 4.30 6.75 -9.05
C ASN A 559 5.43 7.08 -10.01
N LYS A 560 5.80 6.17 -10.90
CA LYS A 560 6.77 6.50 -11.91
C LYS A 560 6.16 7.38 -12.99
N ILE A 561 4.90 7.12 -13.33
CA ILE A 561 4.24 7.78 -14.44
C ILE A 561 3.60 9.08 -14.01
N ALA A 562 3.56 9.37 -12.72
CA ALA A 562 3.06 10.63 -12.22
C ALA A 562 4.17 11.65 -12.00
N GLN A 563 5.41 11.17 -11.81
CA GLN A 563 6.54 12.06 -11.83
C GLN A 563 6.79 12.61 -13.23
N GLU A 564 6.65 11.76 -14.24
CA GLU A 564 6.90 12.14 -15.61
C GLU A 564 5.60 12.58 -16.28
N SER A 565 4.73 13.25 -15.54
CA SER A 565 3.39 13.52 -16.03
C SER A 565 3.37 14.64 -17.07
N LYS A 566 4.04 15.76 -16.78
CA LYS A 566 3.99 16.92 -17.65
C LYS A 566 4.66 16.64 -18.99
N ASN A 567 5.62 15.71 -19.01
CA ASN A 567 6.17 15.26 -20.27
C ASN A 567 5.16 14.39 -21.02
N ILE A 568 4.54 13.43 -20.32
CA ILE A 568 3.70 12.39 -20.93
C ILE A 568 2.46 12.96 -21.59
N TRP A 569 2.08 14.18 -21.21
CA TRP A 569 0.85 14.77 -21.68
C TRP A 569 0.94 15.24 -23.13
N LYS A 570 2.07 15.82 -23.54
CA LYS A 570 2.08 16.59 -24.79
C LYS A 570 2.07 15.73 -26.03
N LEU A 571 2.58 14.50 -25.95
CA LEU A 571 2.63 13.64 -27.12
C LEU A 571 1.25 13.17 -27.54
N GLN A 572 0.31 13.05 -26.59
CA GLN A 572 -1.02 12.59 -26.93
C GLN A 572 -1.85 13.67 -27.58
N ARG A 573 -1.57 14.94 -27.28
CA ARG A 573 -2.23 16.01 -27.99
C ARG A 573 -1.71 16.14 -29.41
N ALA A 574 -0.41 15.96 -29.60
CA ALA A 574 0.19 16.00 -30.93
C ALA A 574 -0.32 14.88 -31.81
N ILE A 575 -0.59 13.72 -31.23
CA ILE A 575 -1.21 12.65 -32.00
C ILE A 575 -2.64 13.00 -32.35
N THR A 576 -3.32 13.76 -31.48
CA THR A 576 -4.68 14.20 -31.79
C THR A 576 -4.68 15.39 -32.72
N ILE A 577 -3.70 16.30 -32.59
CA ILE A 577 -3.67 17.48 -33.44
C ILE A 577 -3.27 17.09 -34.86
N LEU A 578 -2.41 16.08 -35.02
CA LEU A 578 -2.05 15.65 -36.35
C LEU A 578 -3.15 14.85 -37.01
N ASP A 579 -3.94 14.12 -36.21
CA ASP A 579 -5.01 13.31 -36.77
C ASP A 579 -6.17 14.17 -37.25
N THR A 580 -6.54 15.17 -36.47
CA THR A 580 -7.67 16.03 -36.82
C THR A 580 -7.36 16.89 -38.04
N GLU A 581 -6.09 17.18 -38.28
CA GLU A 581 -5.72 17.93 -39.47
C GLU A 581 -5.82 17.08 -40.72
N LYS A 582 -5.58 15.78 -40.60
CA LYS A 582 -5.73 14.87 -41.72
C LYS A 582 -7.17 14.47 -41.96
N SER A 583 -8.07 14.75 -41.03
CA SER A 583 -9.46 14.33 -41.18
C SER A 583 -10.19 15.20 -42.20
N PHE A 584 -9.90 16.50 -42.21
CA PHE A 584 -10.54 17.41 -43.16
C PHE A 584 -9.95 17.23 -44.55
N LEU A 585 -8.62 17.40 -44.66
CA LEU A 585 -7.81 17.26 -45.88
C LEU A 585 -8.21 18.23 -46.99
N LYS A 586 -9.00 19.25 -46.69
CA LYS A 586 -9.45 20.22 -47.68
C LYS A 586 -9.26 21.65 -47.22
N CYS A 587 -9.29 21.92 -45.93
CA CYS A 587 -9.16 23.28 -45.39
C CYS A 587 -7.67 23.61 -45.29
N MET A 588 -7.06 23.81 -46.45
CA MET A 588 -5.64 24.15 -46.52
C MET A 588 -5.34 25.57 -46.07
N ARG A 589 -6.36 26.43 -46.02
CA ARG A 589 -6.17 27.77 -45.49
C ARG A 589 -5.91 27.74 -43.99
N LYS A 590 -6.54 26.80 -43.28
CA LYS A 590 -6.24 26.60 -41.87
C LYS A 590 -5.04 25.71 -41.67
N ALA A 591 -4.59 24.99 -42.71
CA ALA A 591 -3.47 24.07 -42.55
C ALA A 591 -2.14 24.82 -42.43
N PHE A 592 -1.98 25.93 -43.14
CA PHE A 592 -0.77 26.73 -42.96
C PHE A 592 -0.82 27.46 -41.63
N ARG A 593 0.35 27.80 -41.11
CA ARG A 593 0.47 28.53 -39.87
C ARG A 593 1.28 29.80 -40.08
N SER A 594 0.62 30.94 -39.85
CA SER A 594 1.20 32.27 -39.68
C SER A 594 1.87 32.85 -40.92
N GLY A 595 1.35 32.57 -42.10
CA GLY A 595 1.59 33.41 -43.25
C GLY A 595 2.95 33.20 -43.90
N LYS A 596 3.04 33.62 -45.15
CA LYS A 596 4.28 33.58 -45.91
C LYS A 596 5.02 34.90 -45.72
N LEU A 597 6.34 34.81 -45.69
CA LEU A 597 7.16 35.98 -45.50
C LEU A 597 8.53 35.74 -46.13
N LEU A 598 8.98 36.71 -46.91
CA LEU A 598 10.28 36.63 -47.57
C LEU A 598 11.27 37.36 -46.67
N GLN A 599 11.75 36.64 -45.65
CA GLN A 599 12.66 37.22 -44.66
C GLN A 599 14.11 36.98 -44.99
N VAL A 600 14.41 36.29 -46.08
CA VAL A 600 15.80 36.09 -46.47
C VAL A 600 16.34 37.33 -47.16
N GLY A 601 15.50 38.02 -47.92
CA GLY A 601 15.91 39.19 -48.67
C GLY A 601 16.56 38.89 -50.00
N PHE A 602 17.31 37.80 -50.10
CA PHE A 602 17.88 37.33 -51.36
C PHE A 602 18.12 35.84 -51.21
N THR A 603 18.85 35.27 -52.14
CA THR A 603 19.23 33.87 -52.08
C THR A 603 20.73 33.79 -52.30
N PRO A 604 21.32 32.59 -52.29
CA PRO A 604 22.73 32.48 -52.69
C PRO A 604 22.97 32.82 -54.15
N ASP A 605 21.96 32.64 -55.00
CA ASP A 605 22.05 33.02 -56.40
C ASP A 605 21.03 34.08 -56.80
N GLY A 606 19.79 33.98 -56.31
CA GLY A 606 18.75 34.93 -56.64
C GLY A 606 18.64 36.05 -55.63
N LYS A 607 17.72 36.97 -55.91
CA LYS A 607 17.46 38.11 -55.05
C LYS A 607 16.09 38.05 -54.41
N ASP A 608 15.30 37.02 -54.68
CA ASP A 608 13.98 36.86 -54.09
C ASP A 608 13.93 35.58 -53.27
N ASP A 609 12.98 35.52 -52.34
CA ASP A 609 12.81 34.35 -51.50
C ASP A 609 11.35 34.27 -51.06
N TYR A 610 11.06 33.22 -50.29
CA TYR A 610 9.73 32.98 -49.73
C TYR A 610 9.86 31.94 -48.63
N ARG A 611 9.26 32.21 -47.47
CA ARG A 611 9.27 31.25 -46.38
C ARG A 611 8.01 31.43 -45.55
N TRP A 612 7.69 30.39 -44.76
CA TRP A 612 6.58 30.41 -43.84
C TRP A 612 7.13 30.63 -42.44
N CYS A 613 6.86 31.80 -41.86
CA CYS A 613 7.69 32.27 -40.76
C CYS A 613 7.31 31.67 -39.42
N PHE A 614 6.10 31.98 -38.91
CA PHE A 614 5.65 31.61 -37.58
C PHE A 614 6.61 32.11 -36.49
N ARG A 615 6.58 33.42 -36.27
CA ARG A 615 7.41 33.98 -35.23
C ARG A 615 6.91 33.57 -33.84
N VAL A 616 7.80 33.67 -32.87
CA VAL A 616 7.50 33.34 -31.48
C VAL A 616 8.37 34.19 -30.59
N ASP A 617 7.78 34.76 -29.54
CA ASP A 617 8.50 35.64 -28.61
C ASP A 617 8.93 34.83 -27.39
N GLU A 618 10.23 34.84 -27.12
CA GLU A 618 10.80 34.07 -26.02
C GLU A 618 11.12 34.98 -24.83
N VAL A 619 11.50 34.36 -23.72
CA VAL A 619 11.70 35.09 -22.47
C VAL A 619 12.96 34.65 -21.73
N ASN A 620 13.88 34.01 -22.43
CA ASN A 620 15.11 33.53 -21.81
C ASN A 620 16.01 34.69 -21.39
N TRP A 621 16.91 34.42 -20.45
CA TRP A 621 17.67 35.48 -19.79
C TRP A 621 19.18 35.27 -19.94
N THR A 622 19.84 36.25 -20.53
CA THR A 622 21.28 36.39 -20.46
C THR A 622 21.61 37.63 -19.64
N THR A 623 22.38 37.43 -18.57
CA THR A 623 22.62 38.46 -17.55
C THR A 623 23.38 39.67 -18.06
N THR B 230 1.54 49.73 -1.56
CA THR B 230 2.88 49.95 -1.04
C THR B 230 3.83 48.90 -1.58
N PRO B 231 5.11 49.25 -1.72
CA PRO B 231 6.10 48.24 -2.14
C PRO B 231 6.29 47.11 -1.16
N LEU B 232 6.01 47.33 0.12
CA LEU B 232 6.16 46.25 1.08
C LEU B 232 5.03 45.24 0.96
N ALA B 233 3.79 45.72 0.81
CA ALA B 233 2.67 44.81 0.64
C ALA B 233 2.70 44.13 -0.72
N LEU B 234 3.19 44.83 -1.74
CA LEU B 234 3.23 44.24 -3.06
C LEU B 234 4.28 43.15 -3.16
N ALA B 235 5.31 43.20 -2.31
CA ALA B 235 6.21 42.07 -2.23
C ALA B 235 5.56 40.90 -1.53
N ALA B 236 4.70 41.18 -0.55
CA ALA B 236 4.00 40.13 0.16
C ALA B 236 2.87 39.53 -0.67
N SER B 237 2.18 40.34 -1.46
CA SER B 237 1.09 39.87 -2.29
C SER B 237 1.55 39.20 -3.56
N SER B 238 2.84 38.93 -3.70
CA SER B 238 3.35 38.32 -4.91
C SER B 238 4.31 37.18 -4.63
N GLY B 239 4.62 36.89 -3.37
CA GLY B 239 5.50 35.79 -3.05
C GLY B 239 6.92 36.07 -3.44
N LYS B 240 7.55 37.02 -2.76
CA LYS B 240 8.93 37.40 -3.02
C LYS B 240 9.62 37.40 -1.68
N ILE B 241 10.35 36.34 -1.33
CA ILE B 241 10.95 36.28 0.00
C ILE B 241 12.08 37.28 0.11
N GLY B 242 13.02 37.23 -0.85
CA GLY B 242 14.24 38.01 -0.76
C GLY B 242 14.01 39.50 -0.84
N VAL B 243 12.99 39.92 -1.58
CA VAL B 243 12.62 41.33 -1.57
C VAL B 243 11.99 41.67 -0.22
N LEU B 244 11.18 40.78 0.32
CA LEU B 244 10.54 41.05 1.61
C LEU B 244 11.49 40.82 2.78
N ALA B 245 12.43 39.88 2.67
CA ALA B 245 13.41 39.74 3.73
C ALA B 245 14.40 40.88 3.72
N TYR B 246 14.56 41.57 2.61
CA TYR B 246 15.41 42.75 2.59
C TYR B 246 14.76 43.90 3.36
N ILE B 247 13.47 44.16 3.09
CA ILE B 247 12.82 45.34 3.64
C ILE B 247 12.62 45.20 5.13
N LEU B 248 12.38 43.99 5.62
CA LEU B 248 12.15 43.82 7.03
C LEU B 248 13.43 43.74 7.85
N GLN B 249 14.54 43.34 7.24
CA GLN B 249 15.83 43.30 7.92
C GLN B 249 16.84 44.28 7.36
N ARG B 250 16.43 45.49 6.98
CA ARG B 250 17.44 46.44 6.53
C ARG B 250 18.05 47.13 7.75
N GLU B 251 19.36 47.34 7.70
CA GLU B 251 20.09 48.09 8.72
C GLU B 251 21.04 49.02 8.00
N ILE B 252 20.56 50.20 7.63
CA ILE B 252 21.33 51.17 6.88
C ILE B 252 21.93 52.13 7.90
N HIS B 253 23.08 51.76 8.46
CA HIS B 253 23.78 52.58 9.44
C HIS B 253 24.75 53.51 8.73
N GLU B 254 24.37 54.78 8.66
CA GLU B 254 24.97 55.85 7.88
C GLU B 254 24.23 57.12 8.29
N PRO B 255 24.89 58.27 8.41
CA PRO B 255 24.17 59.51 8.69
C PRO B 255 23.23 59.89 7.55
N GLU B 256 22.07 60.41 7.94
CA GLU B 256 20.89 60.64 7.07
C GLU B 256 20.42 59.38 6.37
N CYS B 257 20.73 58.21 6.92
CA CYS B 257 20.24 56.94 6.43
C CYS B 257 19.83 55.97 7.53
N ARG B 258 20.10 56.28 8.80
CA ARG B 258 19.70 55.40 9.89
C ARG B 258 18.19 55.44 10.08
N HIS B 259 17.57 56.59 9.82
CA HIS B 259 16.12 56.70 9.89
C HIS B 259 15.44 55.89 8.81
N LEU B 260 16.14 55.61 7.73
CA LEU B 260 15.60 54.80 6.65
C LEU B 260 15.50 53.32 7.04
N SER B 261 16.20 52.91 8.09
CA SER B 261 16.29 51.50 8.42
C SER B 261 15.02 50.99 9.08
N ARG B 262 14.90 49.67 9.11
CA ARG B 262 13.76 48.92 9.64
C ARG B 262 14.14 48.14 10.89
N LYS B 263 15.29 47.48 10.88
CA LYS B 263 15.81 46.80 12.05
C LYS B 263 16.87 47.66 12.71
N PHE B 264 16.75 47.83 14.02
CA PHE B 264 17.73 48.52 14.82
C PHE B 264 18.29 47.51 15.82
N THR B 265 19.56 47.15 15.68
CA THR B 265 20.20 46.26 16.64
C THR B 265 20.57 47.08 17.86
N GLU B 266 19.90 46.82 18.98
CA GLU B 266 20.20 47.56 20.21
C GLU B 266 21.55 47.18 20.77
N TRP B 267 21.77 45.89 20.97
CA TRP B 267 23.06 45.40 21.42
C TRP B 267 23.27 44.00 20.89
N ALA B 268 24.53 43.57 20.91
CA ALA B 268 24.91 42.25 20.46
C ALA B 268 25.91 41.69 21.44
N TYR B 269 25.72 40.44 21.82
CA TYR B 269 26.60 39.80 22.79
C TYR B 269 26.62 38.32 22.42
N GLY B 270 27.63 37.91 21.64
CA GLY B 270 27.61 36.73 20.83
C GLY B 270 27.33 35.42 21.56
N PRO B 271 26.42 34.60 20.99
CA PRO B 271 25.71 34.81 19.74
C PRO B 271 24.40 35.59 19.83
N VAL B 272 24.09 36.16 20.99
CA VAL B 272 22.82 36.85 21.16
C VAL B 272 22.89 38.22 20.49
N HIS B 273 21.85 38.56 19.73
CA HIS B 273 21.79 39.84 19.03
C HIS B 273 20.37 40.37 19.16
N SER B 274 20.13 41.14 20.22
CA SER B 274 18.80 41.69 20.49
C SER B 274 18.60 42.92 19.60
N SER B 275 17.67 42.83 18.67
CA SER B 275 17.46 43.88 17.68
C SER B 275 16.01 44.34 17.70
N LEU B 276 15.80 45.65 17.79
CA LEU B 276 14.46 46.22 17.79
C LEU B 276 14.04 46.49 16.35
N TYR B 277 12.92 45.89 15.94
CA TYR B 277 12.41 46.00 14.58
C TYR B 277 11.49 47.21 14.45
N ASP B 278 10.73 47.26 13.37
CA ASP B 278 9.73 48.30 13.19
C ASP B 278 8.46 47.66 12.65
N LEU B 279 7.33 48.05 13.21
CA LEU B 279 6.03 47.53 12.80
C LEU B 279 5.23 48.72 12.28
N SER B 280 5.48 49.09 11.03
CA SER B 280 4.78 50.20 10.41
C SER B 280 3.63 49.72 9.53
N CYS B 281 3.87 48.71 8.72
CA CYS B 281 2.82 48.04 7.97
C CYS B 281 2.87 46.55 8.16
N ILE B 282 3.52 46.07 9.22
CA ILE B 282 3.62 44.64 9.45
C ILE B 282 2.40 44.14 10.20
N ASP B 283 2.00 44.83 11.26
CA ASP B 283 0.84 44.45 12.05
C ASP B 283 -0.25 45.50 12.08
N THR B 284 0.02 46.71 11.58
CA THR B 284 -0.91 47.83 11.68
C THR B 284 -2.11 47.57 10.78
N CYS B 285 -3.22 47.18 11.39
CA CYS B 285 -4.40 46.71 10.69
C CYS B 285 -5.22 47.81 10.03
N GLU B 286 -4.70 49.04 9.92
CA GLU B 286 -5.43 50.11 9.25
C GLU B 286 -5.51 49.84 7.75
N LYS B 287 -4.36 49.82 7.08
CA LYS B 287 -4.31 49.51 5.66
C LYS B 287 -4.07 48.01 5.49
N ASN B 288 -3.74 47.59 4.27
CA ASN B 288 -3.40 46.20 4.02
C ASN B 288 -2.05 45.89 4.64
N SER B 289 -2.07 45.37 5.87
CA SER B 289 -0.86 45.04 6.58
C SER B 289 -0.17 43.84 5.94
N VAL B 290 1.10 43.67 6.26
CA VAL B 290 1.94 42.67 5.61
C VAL B 290 1.53 41.26 6.03
N LEU B 291 0.83 41.14 7.16
CA LEU B 291 0.30 39.86 7.61
C LEU B 291 -1.05 39.53 7.03
N GLU B 292 -1.95 40.50 6.92
CA GLU B 292 -3.26 40.25 6.33
C GLU B 292 -3.15 39.97 4.84
N VAL B 293 -2.06 40.41 4.23
CA VAL B 293 -1.82 40.15 2.81
C VAL B 293 -1.26 38.75 2.60
N ILE B 294 -0.31 38.33 3.43
CA ILE B 294 0.30 37.03 3.23
C ILE B 294 -0.64 35.91 3.68
N ALA B 295 -1.55 36.19 4.60
CA ALA B 295 -2.48 35.15 5.05
C ALA B 295 -3.61 34.97 4.06
N TYR B 296 -4.19 36.07 3.57
CA TYR B 296 -5.36 36.01 2.72
C TYR B 296 -5.04 35.77 1.26
N SER B 297 -3.77 35.53 0.93
CA SER B 297 -3.39 35.33 -0.47
C SER B 297 -3.91 33.99 -0.95
N SER B 298 -4.65 34.02 -2.06
CA SER B 298 -5.48 32.88 -2.47
C SER B 298 -4.64 31.84 -3.19
N SER B 299 -3.76 31.17 -2.45
CA SER B 299 -3.11 29.89 -2.80
C SER B 299 -2.15 29.96 -3.98
N GLU B 300 -2.13 31.08 -4.69
CA GLU B 300 -1.11 31.43 -5.66
C GLU B 300 -0.01 32.16 -4.89
N THR B 301 0.85 32.91 -5.61
CA THR B 301 2.06 33.56 -5.11
C THR B 301 2.91 32.49 -4.46
N PRO B 302 3.52 31.60 -5.25
CA PRO B 302 3.93 30.29 -4.73
C PRO B 302 5.12 30.29 -3.81
N ASN B 303 5.59 31.45 -3.39
CA ASN B 303 6.65 31.58 -2.38
C ASN B 303 6.06 31.85 -1.01
N ARG B 304 4.94 31.21 -0.70
CA ARG B 304 4.28 31.28 0.59
C ARG B 304 5.19 30.68 1.68
N HIS B 305 4.74 30.79 2.94
CA HIS B 305 5.52 30.52 4.14
C HIS B 305 6.71 31.46 4.19
N ASP B 306 6.39 32.75 4.05
CA ASP B 306 7.24 33.87 4.41
C ASP B 306 7.33 34.05 5.91
N MET B 307 6.58 33.25 6.69
CA MET B 307 6.59 33.37 8.14
C MET B 307 7.94 33.01 8.71
N LEU B 308 8.36 31.76 8.51
CA LEU B 308 9.64 31.27 8.95
C LEU B 308 10.77 31.63 8.01
N LEU B 309 10.50 32.39 6.96
CA LEU B 309 11.52 32.77 5.99
C LEU B 309 11.88 34.25 6.04
N VAL B 310 11.21 35.03 6.88
CA VAL B 310 11.54 36.45 7.01
C VAL B 310 11.91 36.73 8.45
N GLU B 311 10.99 36.43 9.35
CA GLU B 311 11.14 36.45 10.79
C GLU B 311 11.55 37.77 11.45
N PRO B 312 10.87 38.90 11.20
CA PRO B 312 10.49 39.76 12.31
C PRO B 312 9.08 39.44 12.75
N LEU B 313 8.41 38.55 12.01
CA LEU B 313 7.02 38.21 12.20
C LEU B 313 6.78 36.74 12.45
N ASN B 314 7.81 35.90 12.37
CA ASN B 314 7.71 34.56 12.93
C ASN B 314 7.56 34.60 14.44
N ARG B 315 8.06 35.65 15.07
CA ARG B 315 7.87 35.87 16.49
C ARG B 315 6.78 36.87 16.80
N LEU B 316 6.32 37.64 15.81
CA LEU B 316 5.14 38.47 16.04
C LEU B 316 3.89 37.61 16.14
N LEU B 317 3.80 36.57 15.30
CA LEU B 317 2.68 35.65 15.39
C LEU B 317 2.74 34.85 16.69
N GLN B 318 3.93 34.42 17.07
CA GLN B 318 4.10 33.70 18.33
C GLN B 318 3.81 34.59 19.52
N ASP B 319 4.09 35.88 19.40
CA ASP B 319 3.75 36.81 20.47
C ASP B 319 2.25 37.02 20.57
N LYS B 320 1.58 37.14 19.42
CA LYS B 320 0.13 37.31 19.46
C LYS B 320 -0.57 36.05 19.90
N TRP B 321 -0.01 34.88 19.57
CA TRP B 321 -0.63 33.63 19.98
C TRP B 321 -0.53 33.44 21.47
N ASP B 322 0.70 33.32 22.00
CA ASP B 322 0.93 32.94 23.39
C ASP B 322 0.48 33.98 24.40
N ARG B 323 0.10 35.16 23.96
CA ARG B 323 -0.35 36.22 24.86
C ARG B 323 -1.84 36.49 24.76
N PHE B 324 -2.39 36.53 23.56
CA PHE B 324 -3.74 37.02 23.36
C PHE B 324 -4.65 36.03 22.64
N VAL B 325 -4.14 35.34 21.62
CA VAL B 325 -5.01 34.59 20.72
C VAL B 325 -5.21 33.16 21.23
N LYS B 326 -4.22 32.59 21.90
CA LYS B 326 -4.30 31.19 22.33
C LYS B 326 -5.42 30.98 23.34
N ARG B 327 -5.62 31.94 24.24
CA ARG B 327 -6.68 31.78 25.23
C ARG B 327 -8.05 31.96 24.60
N ILE B 328 -8.16 32.80 23.56
CA ILE B 328 -9.46 32.99 22.94
C ILE B 328 -9.72 31.93 21.89
N PHE B 329 -8.70 31.17 21.50
CA PHE B 329 -8.90 30.08 20.56
C PHE B 329 -9.49 28.86 21.26
N TYR B 330 -8.90 28.45 22.38
CA TYR B 330 -9.43 27.33 23.13
C TYR B 330 -10.79 27.62 23.73
N PHE B 331 -11.12 28.89 23.94
CA PHE B 331 -12.48 29.21 24.34
C PHE B 331 -13.46 28.95 23.21
N ASN B 332 -13.07 29.29 21.98
CA ASN B 332 -13.93 29.01 20.84
C ASN B 332 -14.06 27.52 20.60
N PHE B 333 -12.98 26.77 20.80
CA PHE B 333 -13.07 25.33 20.67
C PHE B 333 -13.88 24.72 21.78
N PHE B 334 -13.88 25.33 22.96
CA PHE B 334 -14.70 24.82 24.04
C PHE B 334 -16.17 25.07 23.80
N VAL B 335 -16.52 26.23 23.25
CA VAL B 335 -17.92 26.53 23.00
C VAL B 335 -18.45 25.67 21.87
N TYR B 336 -17.63 25.39 20.87
CA TYR B 336 -18.07 24.55 19.78
C TYR B 336 -18.26 23.11 20.22
N CYS B 337 -17.39 22.61 21.11
CA CYS B 337 -17.64 21.31 21.71
C CYS B 337 -18.89 21.34 22.56
N LEU B 338 -19.13 22.45 23.25
CA LEU B 338 -20.34 22.58 24.04
C LEU B 338 -21.56 22.68 23.16
N TYR B 339 -21.43 23.33 22.01
CA TYR B 339 -22.54 23.41 21.07
C TYR B 339 -22.88 22.06 20.48
N MET B 340 -21.88 21.25 20.17
CA MET B 340 -22.17 19.97 19.57
C MET B 340 -22.69 18.96 20.56
N ILE B 341 -22.38 19.10 21.84
CA ILE B 341 -22.95 18.20 22.84
C ILE B 341 -24.41 18.53 23.06
N ILE B 342 -24.77 19.81 23.05
CA ILE B 342 -26.17 20.19 23.11
C ILE B 342 -26.91 19.70 21.88
N PHE B 343 -26.30 19.85 20.71
CA PHE B 343 -26.98 19.51 19.49
C PHE B 343 -27.03 18.01 19.25
N THR B 344 -26.02 17.25 19.66
CA THR B 344 -26.12 15.80 19.54
C THR B 344 -27.05 15.21 20.57
N ALA B 345 -27.34 15.91 21.65
CA ALA B 345 -28.31 15.44 22.62
C ALA B 345 -29.70 15.93 22.35
N ALA B 346 -29.86 17.09 21.72
CA ALA B 346 -31.19 17.54 21.36
C ALA B 346 -31.75 16.74 20.21
N ALA B 347 -30.90 16.09 19.43
CA ALA B 347 -31.35 15.21 18.36
C ALA B 347 -31.51 13.78 18.79
N TYR B 348 -30.76 13.35 19.82
CA TYR B 348 -30.87 11.98 20.28
C TYR B 348 -32.18 11.74 20.98
N TYR B 349 -32.79 12.78 21.52
CA TYR B 349 -34.04 12.67 22.26
C TYR B 349 -35.18 13.36 21.53
N ARG B 350 -35.19 13.26 20.21
CA ARG B 350 -36.27 13.84 19.45
C ARG B 350 -37.54 12.99 19.61
N PRO B 351 -38.70 13.62 19.60
CA PRO B 351 -39.94 12.85 19.55
C PRO B 351 -40.13 12.17 18.20
N VAL B 352 -40.62 10.94 18.27
CA VAL B 352 -40.70 10.10 17.08
C VAL B 352 -42.06 10.24 16.41
N GLU B 353 -43.13 10.11 17.19
CA GLU B 353 -44.47 10.25 16.64
C GLU B 353 -44.87 11.71 16.38
N GLY B 354 -45.56 11.95 15.28
CA GLY B 354 -46.04 13.28 14.93
C GLY B 354 -45.26 14.06 13.87
N LEU B 355 -45.85 14.17 12.69
CA LEU B 355 -45.24 14.89 11.58
C LEU B 355 -45.06 16.39 11.84
N PRO B 356 -46.07 16.99 12.47
CA PRO B 356 -46.09 18.43 12.74
C PRO B 356 -45.07 18.89 13.78
N PRO B 357 -44.79 20.19 13.79
CA PRO B 357 -43.83 20.73 14.74
C PRO B 357 -44.30 20.40 16.14
N TYR B 358 -43.39 19.90 16.96
CA TYR B 358 -43.71 19.48 18.31
C TYR B 358 -43.98 20.58 19.33
N LYS B 359 -44.91 20.29 20.22
CA LYS B 359 -45.28 21.19 21.31
C LYS B 359 -44.96 20.36 22.54
N LEU B 360 -44.23 20.94 23.49
CA LEU B 360 -43.84 20.19 24.68
C LEU B 360 -44.49 20.66 25.96
N LYS B 361 -45.07 19.74 26.70
CA LYS B 361 -45.69 20.05 27.97
C LYS B 361 -44.63 20.33 29.02
N ASN B 362 -45.08 20.73 30.21
CA ASN B 362 -44.16 21.08 31.28
C ASN B 362 -43.52 19.83 31.85
N THR B 363 -42.35 19.49 31.33
CA THR B 363 -41.57 18.37 31.83
C THR B 363 -40.15 18.89 32.08
N VAL B 364 -39.49 18.28 33.07
CA VAL B 364 -38.13 18.67 33.39
C VAL B 364 -37.19 18.31 32.24
N GLY B 365 -37.45 17.19 31.59
CA GLY B 365 -36.72 16.85 30.39
C GLY B 365 -37.31 17.46 29.13
N ASP B 366 -38.61 17.77 29.15
CA ASP B 366 -39.23 18.33 27.96
C ASP B 366 -38.89 19.80 27.80
N TYR B 367 -38.78 20.55 28.90
CA TYR B 367 -38.38 21.94 28.79
C TYR B 367 -36.90 22.07 28.53
N PHE B 368 -36.09 21.16 29.06
CA PHE B 368 -34.64 21.25 28.89
C PHE B 368 -34.20 20.89 27.49
N ARG B 369 -35.03 20.24 26.69
CA ARG B 369 -34.66 19.94 25.32
C ARG B 369 -35.18 20.96 24.31
N VAL B 370 -36.23 21.70 24.63
CA VAL B 370 -36.65 22.78 23.75
C VAL B 370 -35.67 23.93 23.86
N THR B 371 -35.09 24.13 25.04
CA THR B 371 -33.92 24.99 25.16
C THR B 371 -32.76 24.41 24.37
N GLY B 372 -32.64 23.08 24.35
CA GLY B 372 -31.57 22.46 23.60
C GLY B 372 -31.74 22.58 22.09
N GLU B 373 -32.98 22.60 21.62
CA GLU B 373 -33.19 22.76 20.19
C GLU B 373 -33.08 24.22 19.79
N ILE B 374 -33.44 25.14 20.69
CA ILE B 374 -33.37 26.56 20.36
C ILE B 374 -31.92 27.03 20.35
N LEU B 375 -31.09 26.49 21.24
CA LEU B 375 -29.67 26.78 21.19
C LEU B 375 -29.02 26.21 19.95
N SER B 376 -29.49 25.05 19.48
CA SER B 376 -28.87 24.40 18.35
C SER B 376 -29.13 25.15 17.05
N VAL B 377 -30.34 25.66 16.86
CA VAL B 377 -30.63 26.44 15.67
C VAL B 377 -29.90 27.77 15.73
N SER B 378 -29.76 28.33 16.93
CA SER B 378 -29.06 29.59 17.11
C SER B 378 -27.58 29.47 16.74
N GLY B 379 -27.00 28.31 16.94
CA GLY B 379 -25.67 28.06 16.39
C GLY B 379 -25.67 27.99 14.89
N GLY B 380 -26.70 27.36 14.31
CA GLY B 380 -26.78 27.28 12.86
C GLY B 380 -27.08 28.62 12.21
N VAL B 381 -27.68 29.54 12.96
CA VAL B 381 -27.81 30.91 12.47
C VAL B 381 -26.47 31.60 12.50
N TYR B 382 -25.68 31.33 13.54
CA TYR B 382 -24.40 32.01 13.71
C TYR B 382 -23.39 31.60 12.65
N PHE B 383 -23.28 30.30 12.36
CA PHE B 383 -22.38 29.88 11.30
C PHE B 383 -22.89 30.24 9.93
N PHE B 384 -24.19 30.55 9.80
CA PHE B 384 -24.70 31.00 8.52
C PHE B 384 -24.28 32.44 8.25
N PHE B 385 -24.54 33.35 9.19
CA PHE B 385 -24.18 34.74 8.99
C PHE B 385 -22.69 34.99 9.04
N ARG B 386 -21.95 34.25 9.87
CA ARG B 386 -20.51 34.38 9.85
C ARG B 386 -19.91 33.79 8.58
N GLY B 387 -20.63 32.90 7.92
CA GLY B 387 -20.15 32.35 6.66
C GLY B 387 -20.39 33.29 5.51
N ILE B 388 -21.51 34.00 5.53
CA ILE B 388 -21.76 35.02 4.50
C ILE B 388 -20.83 36.20 4.71
N GLN B 389 -20.61 36.57 5.98
CA GLN B 389 -19.63 37.59 6.34
C GLN B 389 -18.25 37.26 5.81
N TYR B 390 -17.89 35.97 5.78
CA TYR B 390 -16.61 35.60 5.18
C TYR B 390 -16.61 35.84 3.68
N PHE B 391 -17.71 35.56 3.00
CA PHE B 391 -17.70 35.66 1.54
C PHE B 391 -17.76 37.11 1.10
N LEU B 392 -18.42 37.96 1.85
CA LEU B 392 -18.53 39.36 1.45
C LEU B 392 -17.28 40.14 1.79
N GLN B 393 -16.62 39.80 2.90
CA GLN B 393 -15.45 40.54 3.33
C GLN B 393 -14.28 40.29 2.40
N ARG B 394 -13.84 39.06 2.31
CA ARG B 394 -12.90 38.64 1.27
C ARG B 394 -13.69 37.85 0.23
N ARG B 395 -13.71 38.36 -0.99
CA ARG B 395 -14.53 37.69 -1.97
C ARG B 395 -13.72 36.61 -2.67
N PRO B 396 -13.78 35.37 -2.21
CA PRO B 396 -13.12 34.30 -2.94
C PRO B 396 -14.02 33.81 -4.06
N SER B 397 -13.42 33.56 -5.21
CA SER B 397 -14.22 33.16 -6.36
C SER B 397 -13.36 32.41 -7.35
N LEU B 398 -14.04 31.78 -8.32
CA LEU B 398 -13.47 31.25 -9.55
C LEU B 398 -12.39 30.19 -9.27
N LYS B 399 -12.86 29.08 -8.70
CA LYS B 399 -12.04 27.92 -8.34
C LYS B 399 -10.94 28.27 -7.36
N SER B 400 -11.23 29.22 -6.47
CA SER B 400 -10.44 29.43 -5.27
C SER B 400 -11.29 29.27 -4.03
N LEU B 401 -12.59 28.98 -4.20
CA LEU B 401 -13.45 28.73 -3.05
C LEU B 401 -13.07 27.47 -2.32
N PHE B 402 -12.55 26.47 -3.02
CA PHE B 402 -12.27 25.20 -2.38
C PHE B 402 -10.81 25.03 -2.03
N VAL B 403 -9.88 25.54 -2.85
CA VAL B 403 -8.47 25.29 -2.60
C VAL B 403 -8.01 26.04 -1.35
N ASP B 404 -8.05 27.36 -1.40
CA ASP B 404 -8.17 28.13 -0.17
C ASP B 404 -9.62 28.12 0.23
N SER B 405 -9.88 28.48 1.49
CA SER B 405 -11.24 28.64 2.03
C SER B 405 -12.05 27.34 1.98
N TYR B 406 -11.38 26.21 2.06
CA TYR B 406 -12.07 24.92 2.15
C TYR B 406 -12.83 24.81 3.45
N SER B 407 -12.16 25.05 4.56
CA SER B 407 -12.75 24.75 5.84
C SER B 407 -13.77 25.78 6.28
N GLU B 408 -13.91 26.87 5.54
CA GLU B 408 -14.90 27.86 5.88
C GLU B 408 -16.22 27.59 5.20
N ILE B 409 -16.21 26.85 4.08
CA ILE B 409 -17.47 26.55 3.45
C ILE B 409 -18.10 25.29 4.02
N LEU B 410 -17.32 24.42 4.65
CA LEU B 410 -17.94 23.28 5.32
C LEU B 410 -18.70 23.68 6.55
N PHE B 411 -18.28 24.75 7.24
CA PHE B 411 -19.14 25.31 8.27
C PHE B 411 -20.36 25.98 7.67
N PHE B 412 -20.25 26.46 6.43
CA PHE B 412 -21.41 27.09 5.84
C PHE B 412 -22.41 26.07 5.35
N VAL B 413 -21.94 24.93 4.85
CA VAL B 413 -22.82 23.86 4.40
C VAL B 413 -23.51 23.22 5.60
N GLN B 414 -22.79 23.06 6.72
CA GLN B 414 -23.38 22.61 7.98
C GLN B 414 -24.53 23.50 8.42
N SER B 415 -24.33 24.82 8.30
CA SER B 415 -25.35 25.76 8.70
C SER B 415 -26.59 25.67 7.84
N LEU B 416 -26.41 25.51 6.53
CA LEU B 416 -27.59 25.52 5.69
C LEU B 416 -28.27 24.16 5.61
N PHE B 417 -27.61 23.07 6.01
CA PHE B 417 -28.39 21.87 6.31
C PHE B 417 -29.28 22.07 7.52
N MET B 418 -28.86 22.89 8.46
CA MET B 418 -29.69 23.07 9.63
C MET B 418 -30.79 24.09 9.38
N LEU B 419 -30.56 25.06 8.50
CA LEU B 419 -31.63 26.01 8.20
C LEU B 419 -32.70 25.37 7.34
N VAL B 420 -32.31 24.47 6.44
CA VAL B 420 -33.29 23.64 5.73
C VAL B 420 -34.06 22.78 6.72
N SER B 421 -33.36 22.26 7.72
CA SER B 421 -34.02 21.51 8.77
C SER B 421 -34.96 22.38 9.59
N VAL B 422 -34.64 23.66 9.79
CA VAL B 422 -35.55 24.53 10.51
C VAL B 422 -36.72 24.96 9.64
N VAL B 423 -36.57 24.92 8.32
CA VAL B 423 -37.70 25.19 7.45
C VAL B 423 -38.66 24.02 7.44
N LEU B 424 -38.13 22.81 7.23
CA LEU B 424 -38.96 21.63 7.12
C LEU B 424 -39.61 21.24 8.44
N TYR B 425 -39.07 21.70 9.56
CA TYR B 425 -39.70 21.42 10.84
C TYR B 425 -41.01 22.19 10.97
N PHE B 426 -40.98 23.49 10.74
CA PHE B 426 -42.21 24.27 10.82
C PHE B 426 -43.04 24.18 9.57
N SER B 427 -42.56 23.51 8.53
CA SER B 427 -43.39 23.17 7.40
C SER B 427 -44.12 21.87 7.59
N GLN B 428 -44.09 21.31 8.81
CA GLN B 428 -44.78 20.08 9.20
C GLN B 428 -44.39 18.89 8.33
N ARG B 429 -43.13 18.86 7.93
CA ARG B 429 -42.61 17.76 7.15
C ARG B 429 -41.79 16.86 8.07
N LYS B 430 -42.02 15.55 7.95
CA LYS B 430 -41.27 14.60 8.76
C LYS B 430 -39.83 14.49 8.28
N GLU B 431 -39.55 14.90 7.06
CA GLU B 431 -38.22 14.84 6.48
C GLU B 431 -37.30 15.92 6.99
N TYR B 432 -37.62 16.60 8.10
CA TYR B 432 -36.69 17.57 8.63
C TYR B 432 -35.48 16.89 9.24
N VAL B 433 -35.65 15.67 9.74
CA VAL B 433 -34.56 15.02 10.44
C VAL B 433 -33.52 14.53 9.46
N ALA B 434 -33.89 14.35 8.19
CA ALA B 434 -32.90 14.02 7.17
C ALA B 434 -31.93 15.16 6.94
N SER B 435 -32.40 16.39 7.04
CA SER B 435 -31.48 17.51 6.91
C SER B 435 -30.71 17.73 8.20
N MET B 436 -31.33 17.46 9.34
CA MET B 436 -30.67 17.68 10.62
C MET B 436 -29.55 16.67 10.84
N VAL B 437 -29.73 15.44 10.36
CA VAL B 437 -28.74 14.39 10.53
C VAL B 437 -27.48 14.71 9.74
N PHE B 438 -27.63 15.21 8.51
CA PHE B 438 -26.47 15.68 7.77
C PHE B 438 -25.86 16.90 8.42
N SER B 439 -26.64 17.71 9.12
CA SER B 439 -26.05 18.81 9.85
C SER B 439 -25.32 18.34 11.09
N LEU B 440 -25.63 17.16 11.59
CA LEU B 440 -25.02 16.65 12.80
C LEU B 440 -23.80 15.81 12.53
N ALA B 441 -23.81 15.05 11.44
CA ALA B 441 -22.61 14.32 11.06
C ALA B 441 -21.54 15.28 10.59
N MET B 442 -21.95 16.31 9.85
CA MET B 442 -21.00 17.31 9.38
C MET B 442 -20.54 18.21 10.49
N GLY B 443 -21.36 18.39 11.52
CA GLY B 443 -20.95 19.21 12.64
C GLY B 443 -19.84 18.60 13.47
N TRP B 444 -19.84 17.29 13.61
CA TRP B 444 -18.74 16.65 14.31
C TRP B 444 -17.50 16.53 13.46
N THR B 445 -17.63 16.30 12.17
CA THR B 445 -16.42 16.23 11.36
C THR B 445 -15.81 17.59 11.14
N ASN B 446 -16.58 18.66 11.31
CA ASN B 446 -16.01 19.99 11.30
C ASN B 446 -15.26 20.32 12.58
N MET B 447 -15.27 19.43 13.57
CA MET B 447 -14.52 19.68 14.78
C MET B 447 -13.03 19.52 14.56
N LEU B 448 -12.61 18.85 13.49
CA LEU B 448 -11.19 18.85 13.17
C LEU B 448 -10.77 20.03 12.32
N TYR B 449 -11.60 21.06 12.23
CA TYR B 449 -11.08 22.38 11.92
C TYR B 449 -10.10 22.84 12.97
N TYR B 450 -10.36 22.52 14.23
CA TYR B 450 -9.54 23.03 15.31
C TYR B 450 -8.24 22.25 15.47
N THR B 451 -8.15 21.07 14.90
CA THR B 451 -6.86 20.39 14.85
C THR B 451 -5.90 21.15 13.96
N ARG B 452 -6.43 21.73 12.89
CA ARG B 452 -5.64 22.57 11.99
C ARG B 452 -5.16 23.80 12.71
N GLY B 453 -3.86 23.91 12.88
CA GLY B 453 -3.25 24.93 13.68
C GLY B 453 -2.30 24.41 14.73
N PHE B 454 -2.45 23.17 15.17
CA PHE B 454 -1.52 22.56 16.10
C PHE B 454 -0.41 21.89 15.29
N GLN B 455 0.74 21.71 15.93
CA GLN B 455 1.91 21.22 15.22
C GLN B 455 1.76 19.76 14.84
N GLN B 456 1.42 18.90 15.80
CA GLN B 456 1.38 17.48 15.52
C GLN B 456 0.10 17.11 14.77
N MET B 457 -1.05 17.35 15.39
CA MET B 457 -2.32 16.87 14.86
C MET B 457 -2.87 17.72 13.75
N GLY B 458 -2.16 18.74 13.31
CA GLY B 458 -2.69 19.55 12.23
C GLY B 458 -2.53 18.95 10.86
N ILE B 459 -1.64 17.98 10.70
CA ILE B 459 -1.40 17.42 9.38
C ILE B 459 -2.56 16.56 8.93
N TYR B 460 -3.33 16.01 9.85
CA TYR B 460 -4.42 15.12 9.47
C TYR B 460 -5.58 15.87 8.85
N ALA B 461 -5.83 17.09 9.27
CA ALA B 461 -6.90 17.86 8.68
C ALA B 461 -6.50 18.45 7.34
N VAL B 462 -5.21 18.58 7.08
CA VAL B 462 -4.76 19.14 5.82
C VAL B 462 -4.79 18.07 4.74
N MET B 463 -4.32 16.88 5.06
CA MET B 463 -4.30 15.85 4.04
C MET B 463 -5.65 15.19 3.84
N ILE B 464 -6.61 15.40 4.74
CA ILE B 464 -7.96 14.96 4.43
C ILE B 464 -8.62 15.91 3.46
N GLU B 465 -8.12 17.14 3.36
CA GLU B 465 -8.61 18.12 2.41
C GLU B 465 -8.05 17.89 1.02
N LYS B 466 -6.75 17.67 0.91
CA LYS B 466 -6.13 17.43 -0.37
C LYS B 466 -6.54 16.12 -0.99
N MET B 467 -6.82 15.11 -0.18
CA MET B 467 -7.27 13.85 -0.74
C MET B 467 -8.69 13.94 -1.27
N ILE B 468 -9.54 14.78 -0.69
CA ILE B 468 -10.86 14.98 -1.25
C ILE B 468 -10.79 15.85 -2.49
N LEU B 469 -10.07 16.97 -2.40
CA LEU B 469 -10.09 17.94 -3.48
C LEU B 469 -9.22 17.53 -4.66
N ARG B 470 -8.00 17.07 -4.42
CA ARG B 470 -7.18 16.68 -5.56
C ARG B 470 -7.45 15.23 -5.96
N ASP B 471 -7.29 14.31 -5.03
CA ASP B 471 -7.22 12.91 -5.36
C ASP B 471 -8.60 12.34 -5.67
N LEU B 472 -9.51 12.42 -4.72
CA LEU B 472 -10.79 11.76 -4.87
C LEU B 472 -11.69 12.48 -5.86
N CYS B 473 -11.51 13.78 -6.03
CA CYS B 473 -12.38 14.50 -6.96
C CYS B 473 -11.98 14.29 -8.40
N ARG B 474 -10.68 14.28 -8.71
CA ARG B 474 -10.29 14.00 -10.07
C ARG B 474 -10.46 12.53 -10.41
N PHE B 475 -10.40 11.66 -9.42
CA PHE B 475 -10.54 10.25 -9.72
C PHE B 475 -11.99 9.86 -9.94
N MET B 476 -12.93 10.59 -9.36
CA MET B 476 -14.31 10.14 -9.40
C MET B 476 -14.98 10.39 -10.73
N PHE B 477 -14.28 10.92 -11.72
CA PHE B 477 -14.78 10.88 -13.08
C PHE B 477 -14.18 9.73 -13.86
N VAL B 478 -13.02 9.24 -13.43
CA VAL B 478 -12.44 8.04 -14.03
C VAL B 478 -13.21 6.82 -13.57
N TYR B 479 -13.51 6.74 -12.28
CA TYR B 479 -14.25 5.62 -11.76
C TYR B 479 -15.68 5.61 -12.24
N LEU B 480 -16.29 6.78 -12.36
CA LEU B 480 -17.72 6.85 -12.61
C LEU B 480 -18.05 6.47 -14.04
N VAL B 481 -17.06 6.41 -14.92
CA VAL B 481 -17.35 5.97 -16.27
C VAL B 481 -17.21 4.45 -16.33
N PHE B 482 -16.52 3.84 -15.37
CA PHE B 482 -16.54 2.40 -15.22
C PHE B 482 -17.80 1.93 -14.53
N LEU B 483 -18.23 2.65 -13.50
CA LEU B 483 -19.43 2.30 -12.77
C LEU B 483 -20.65 2.41 -13.66
N PHE B 484 -20.82 3.57 -14.29
CA PHE B 484 -21.95 3.74 -15.17
C PHE B 484 -21.82 2.93 -16.46
N GLY B 485 -20.61 2.57 -16.83
CA GLY B 485 -20.41 1.77 -18.02
C GLY B 485 -20.85 0.35 -17.82
N PHE B 486 -20.38 -0.29 -16.76
CA PHE B 486 -20.78 -1.66 -16.51
C PHE B 486 -22.16 -1.79 -15.92
N SER B 487 -22.67 -0.78 -15.22
CA SER B 487 -24.00 -0.95 -14.66
C SER B 487 -25.08 -0.82 -15.71
N THR B 488 -24.87 0.02 -16.72
CA THR B 488 -25.76 -0.04 -17.88
C THR B 488 -25.57 -1.31 -18.67
N ALA B 489 -24.43 -1.97 -18.55
CA ALA B 489 -24.24 -3.23 -19.22
C ALA B 489 -24.96 -4.35 -18.49
N VAL B 490 -24.93 -4.33 -17.16
CA VAL B 490 -25.51 -5.41 -16.37
C VAL B 490 -27.03 -5.34 -16.38
N VAL B 491 -27.60 -4.14 -16.42
CA VAL B 491 -29.05 -3.99 -16.41
C VAL B 491 -29.66 -4.53 -17.70
N THR B 492 -29.09 -4.17 -18.84
CA THR B 492 -29.63 -4.67 -20.09
C THR B 492 -29.32 -6.13 -20.31
N LEU B 493 -28.28 -6.65 -19.65
CA LEU B 493 -27.94 -8.06 -19.81
C LEU B 493 -28.97 -8.94 -19.13
N ILE B 494 -29.19 -8.73 -17.84
CA ILE B 494 -30.11 -9.55 -17.08
C ILE B 494 -31.19 -8.65 -16.49
N GLU B 495 -32.43 -9.09 -16.59
CA GLU B 495 -33.58 -8.33 -16.11
C GLU B 495 -34.25 -9.18 -15.04
N ASP B 496 -33.81 -9.02 -13.80
CA ASP B 496 -34.35 -9.78 -12.69
C ASP B 496 -34.17 -8.91 -11.46
N GLY B 497 -34.42 -9.49 -10.28
CA GLY B 497 -34.18 -8.76 -9.05
C GLY B 497 -32.71 -8.48 -8.84
N LYS B 498 -32.46 -7.46 -8.01
CA LYS B 498 -31.18 -6.94 -7.54
C LYS B 498 -30.44 -6.16 -8.63
N TYR B 499 -30.88 -6.30 -9.87
CA TYR B 499 -30.27 -5.57 -10.97
C TYR B 499 -31.32 -5.06 -11.94
N ASN B 500 -32.57 -4.92 -11.49
CA ASN B 500 -33.61 -4.45 -12.36
C ASN B 500 -33.43 -2.98 -12.70
N SER B 501 -33.05 -2.18 -11.72
CA SER B 501 -32.92 -0.75 -11.92
C SER B 501 -31.46 -0.37 -12.07
N LEU B 502 -31.25 0.83 -12.58
CA LEU B 502 -29.90 1.35 -12.73
C LEU B 502 -29.33 1.76 -11.38
N TYR B 503 -30.19 2.17 -10.45
CA TYR B 503 -29.71 2.61 -9.15
C TYR B 503 -29.26 1.44 -8.30
N SER B 504 -30.04 0.36 -8.26
CA SER B 504 -29.65 -0.78 -7.46
C SER B 504 -28.48 -1.53 -8.06
N THR B 505 -28.23 -1.35 -9.36
CA THR B 505 -27.08 -2.00 -9.98
C THR B 505 -25.82 -1.21 -9.72
N CYS B 506 -25.92 0.12 -9.69
CA CYS B 506 -24.77 0.92 -9.34
C CYS B 506 -24.39 0.77 -7.88
N LEU B 507 -25.31 0.31 -7.03
CA LEU B 507 -24.92 0.06 -5.66
C LEU B 507 -24.26 -1.29 -5.50
N GLU B 508 -24.71 -2.30 -6.25
CA GLU B 508 -24.08 -3.59 -6.14
C GLU B 508 -22.72 -3.61 -6.81
N LEU B 509 -22.52 -2.75 -7.79
CA LEU B 509 -21.21 -2.66 -8.40
C LEU B 509 -20.30 -1.71 -7.66
N PHE B 510 -20.85 -0.81 -6.85
CA PHE B 510 -19.99 -0.08 -5.93
C PHE B 510 -19.53 -0.97 -4.80
N LYS B 511 -20.33 -1.95 -4.42
CA LYS B 511 -19.93 -2.86 -3.36
C LYS B 511 -18.84 -3.81 -3.80
N PHE B 512 -18.72 -4.07 -5.09
CA PHE B 512 -17.67 -4.96 -5.57
C PHE B 512 -16.33 -4.28 -5.65
N THR B 513 -16.29 -3.03 -6.07
CA THR B 513 -15.03 -2.29 -6.08
C THR B 513 -14.62 -1.84 -4.71
N ILE B 514 -15.54 -1.73 -3.77
CA ILE B 514 -15.16 -1.39 -2.41
C ILE B 514 -14.65 -2.62 -1.68
N GLY B 515 -14.87 -3.81 -2.23
CA GLY B 515 -14.50 -5.05 -1.60
C GLY B 515 -15.61 -5.73 -0.85
N MET B 516 -16.65 -5.00 -0.48
CA MET B 516 -17.70 -5.52 0.38
C MET B 516 -18.89 -6.02 -0.42
N GLY B 517 -18.63 -6.84 -1.42
CA GLY B 517 -19.68 -7.40 -2.24
C GLY B 517 -19.58 -8.91 -2.26
N ASP B 518 -20.67 -9.54 -2.64
CA ASP B 518 -20.79 -10.99 -2.62
C ASP B 518 -20.86 -11.50 -4.06
N LEU B 519 -19.81 -12.18 -4.50
CA LEU B 519 -19.80 -12.80 -5.82
C LEU B 519 -20.37 -14.22 -5.72
N GLU B 520 -21.61 -14.29 -5.27
CA GLU B 520 -22.33 -15.55 -5.21
C GLU B 520 -23.13 -15.65 -6.50
N PHE B 521 -22.76 -16.58 -7.35
CA PHE B 521 -23.41 -16.75 -8.64
C PHE B 521 -24.46 -17.83 -8.59
N THR B 522 -25.21 -17.85 -7.49
CA THR B 522 -26.18 -18.91 -7.25
C THR B 522 -27.33 -18.86 -8.24
N GLU B 523 -28.04 -17.75 -8.30
CA GLU B 523 -29.36 -17.74 -8.92
C GLU B 523 -29.27 -17.75 -10.43
N ASN B 524 -30.27 -18.37 -11.06
CA ASN B 524 -30.23 -18.66 -12.48
C ASN B 524 -30.69 -17.44 -13.27
N TYR B 525 -29.87 -17.03 -14.22
CA TYR B 525 -30.25 -16.00 -15.18
C TYR B 525 -30.12 -16.58 -16.57
N ASP B 526 -30.93 -16.07 -17.48
CA ASP B 526 -30.50 -16.08 -18.86
C ASP B 526 -29.33 -15.13 -18.96
N PHE B 527 -28.31 -15.53 -19.73
CA PHE B 527 -27.02 -14.83 -19.81
C PHE B 527 -26.33 -14.82 -18.45
N LYS B 528 -26.31 -15.97 -17.79
CA LYS B 528 -25.58 -16.12 -16.55
C LYS B 528 -24.09 -16.25 -16.79
N ALA B 529 -23.71 -17.02 -17.81
CA ALA B 529 -22.29 -17.22 -18.07
C ALA B 529 -21.64 -15.97 -18.63
N VAL B 530 -22.39 -15.14 -19.34
CA VAL B 530 -21.86 -13.85 -19.77
C VAL B 530 -21.73 -12.94 -18.57
N PHE B 531 -22.68 -13.02 -17.64
CA PHE B 531 -22.69 -12.18 -16.45
C PHE B 531 -21.49 -12.44 -15.56
N ILE B 532 -21.02 -13.68 -15.50
CA ILE B 532 -19.83 -13.98 -14.72
C ILE B 532 -18.59 -13.40 -15.40
N ILE B 533 -18.58 -13.35 -16.73
CA ILE B 533 -17.41 -12.84 -17.43
C ILE B 533 -17.31 -11.33 -17.27
N LEU B 534 -18.44 -10.62 -17.30
CA LEU B 534 -18.41 -9.18 -17.04
C LEU B 534 -18.03 -8.89 -15.61
N LEU B 535 -18.65 -9.57 -14.67
CA LEU B 535 -18.50 -9.21 -13.28
C LEU B 535 -17.13 -9.60 -12.76
N LEU B 536 -16.49 -10.59 -13.37
CA LEU B 536 -15.08 -10.82 -13.09
C LEU B 536 -14.20 -9.84 -13.83
N ALA B 537 -14.60 -9.44 -15.02
CA ALA B 537 -13.83 -8.40 -15.68
C ALA B 537 -14.18 -7.03 -15.14
N TYR B 538 -15.17 -6.92 -14.27
CA TYR B 538 -15.37 -5.69 -13.53
C TYR B 538 -14.49 -5.66 -12.31
N VAL B 539 -14.56 -6.72 -11.50
CA VAL B 539 -13.84 -6.81 -10.23
C VAL B 539 -12.33 -6.78 -10.43
N ILE B 540 -11.83 -7.46 -11.46
CA ILE B 540 -10.39 -7.44 -11.71
C ILE B 540 -9.92 -6.10 -12.24
N LEU B 541 -10.85 -5.22 -12.61
CA LEU B 541 -10.53 -4.02 -13.33
C LEU B 541 -10.73 -2.76 -12.50
N THR B 542 -11.58 -2.81 -11.50
CA THR B 542 -11.85 -1.66 -10.66
C THR B 542 -11.59 -1.90 -9.19
N TYR B 543 -11.44 -3.14 -8.76
CA TYR B 543 -11.02 -3.44 -7.41
C TYR B 543 -9.54 -3.75 -7.36
N ILE B 544 -8.97 -4.22 -8.44
CA ILE B 544 -7.53 -4.48 -8.47
C ILE B 544 -6.79 -3.32 -9.10
N LEU B 545 -7.18 -2.90 -10.30
CA LEU B 545 -6.50 -1.77 -10.90
C LEU B 545 -6.87 -0.47 -10.23
N LEU B 546 -8.14 -0.06 -10.35
CA LEU B 546 -8.52 1.32 -10.06
C LEU B 546 -8.45 1.66 -8.59
N LEU B 547 -8.89 0.76 -7.73
CA LEU B 547 -8.90 1.06 -6.32
C LEU B 547 -7.49 1.16 -5.78
N ASN B 548 -6.61 0.27 -6.20
CA ASN B 548 -5.23 0.34 -5.76
C ASN B 548 -4.48 1.46 -6.45
N MET B 549 -4.91 1.86 -7.64
CA MET B 549 -4.37 3.06 -8.27
C MET B 549 -4.77 4.31 -7.51
N LEU B 550 -5.98 4.35 -6.97
CA LEU B 550 -6.39 5.48 -6.15
C LEU B 550 -5.62 5.52 -4.85
N ILE B 551 -5.42 4.37 -4.21
CA ILE B 551 -4.67 4.29 -2.97
C ILE B 551 -3.22 4.68 -3.19
N ALA B 552 -2.66 4.35 -4.34
CA ALA B 552 -1.29 4.74 -4.63
C ALA B 552 -1.17 6.23 -4.86
N LEU B 553 -2.18 6.86 -5.43
CA LEU B 553 -2.16 8.30 -5.60
C LEU B 553 -2.43 9.03 -4.31
N MET B 554 -3.33 8.50 -3.47
CA MET B 554 -3.53 9.07 -2.15
C MET B 554 -2.30 8.91 -1.30
N GLY B 555 -1.59 7.79 -1.44
CA GLY B 555 -0.40 7.58 -0.65
C GLY B 555 0.73 8.50 -1.02
N GLU B 556 0.76 8.95 -2.26
CA GLU B 556 1.75 9.96 -2.64
C GLU B 556 1.43 11.30 -2.03
N THR B 557 0.16 11.69 -1.98
CA THR B 557 -0.16 13.00 -1.42
C THR B 557 -0.18 12.97 0.09
N VAL B 558 -0.19 11.79 0.70
CA VAL B 558 0.00 11.71 2.14
C VAL B 558 1.47 11.88 2.48
N ASN B 559 2.34 11.17 1.77
CA ASN B 559 3.76 11.25 2.09
C ASN B 559 4.40 12.51 1.56
N LYS B 560 3.80 13.19 0.61
CA LYS B 560 4.31 14.49 0.19
C LYS B 560 4.00 15.55 1.21
N ILE B 561 2.82 15.47 1.83
CA ILE B 561 2.34 16.51 2.72
C ILE B 561 2.82 16.29 4.15
N ALA B 562 3.44 15.15 4.43
CA ALA B 562 4.03 14.90 5.73
C ALA B 562 5.50 15.24 5.77
N GLN B 563 6.17 15.27 4.61
CA GLN B 563 7.51 15.82 4.54
C GLN B 563 7.49 17.32 4.74
N GLU B 564 6.51 18.00 4.16
CA GLU B 564 6.41 19.44 4.25
C GLU B 564 5.50 19.85 5.39
N SER B 565 5.56 19.10 6.50
CA SER B 565 4.59 19.29 7.57
C SER B 565 4.86 20.54 8.39
N LYS B 566 6.12 20.74 8.81
CA LYS B 566 6.45 21.85 9.69
C LYS B 566 6.26 23.19 8.99
N ASN B 567 6.37 23.21 7.68
CA ASN B 567 6.02 24.41 6.93
C ASN B 567 4.52 24.61 6.90
N ILE B 568 3.77 23.54 6.61
CA ILE B 568 2.32 23.62 6.35
C ILE B 568 1.54 24.06 7.57
N TRP B 569 2.13 23.93 8.75
CA TRP B 569 1.45 24.20 9.99
C TRP B 569 1.25 25.69 10.24
N LYS B 570 2.25 26.52 9.93
CA LYS B 570 2.25 27.88 10.46
C LYS B 570 1.27 28.81 9.77
N LEU B 571 0.93 28.55 8.51
CA LEU B 571 0.01 29.42 7.80
C LEU B 571 -1.40 29.32 8.33
N GLN B 572 -1.78 28.16 8.88
CA GLN B 572 -3.14 28.00 9.40
C GLN B 572 -3.31 28.69 10.74
N ARG B 573 -2.24 28.81 11.51
CA ARG B 573 -2.35 29.59 12.75
C ARG B 573 -2.43 31.08 12.45
N ALA B 574 -1.67 31.54 11.46
CA ALA B 574 -1.70 32.94 11.06
C ALA B 574 -3.07 33.34 10.52
N ILE B 575 -3.75 32.41 9.83
CA ILE B 575 -5.11 32.69 9.40
C ILE B 575 -6.04 32.73 10.59
N THR B 576 -5.75 31.95 11.64
CA THR B 576 -6.56 32.00 12.84
C THR B 576 -6.20 33.18 13.73
N ILE B 577 -4.92 33.55 13.76
CA ILE B 577 -4.50 34.66 14.60
C ILE B 577 -4.96 35.98 14.02
N LEU B 578 -5.03 36.08 12.69
CA LEU B 578 -5.52 37.30 12.07
C LEU B 578 -7.02 37.40 12.18
N ASP B 579 -7.72 36.27 12.15
CA ASP B 579 -9.18 36.30 12.23
C ASP B 579 -9.65 36.68 13.62
N THR B 580 -9.03 36.12 14.66
CA THR B 580 -9.46 36.38 16.02
C THR B 580 -9.17 37.81 16.44
N GLU B 581 -8.18 38.45 15.81
CA GLU B 581 -7.90 39.85 16.10
C GLU B 581 -8.95 40.76 15.48
N LYS B 582 -9.52 40.36 14.34
CA LYS B 582 -10.59 41.13 13.72
C LYS B 582 -11.94 40.87 14.35
N SER B 583 -12.06 39.84 15.19
CA SER B 583 -13.36 39.52 15.77
C SER B 583 -13.73 40.50 16.88
N PHE B 584 -12.75 40.92 17.67
CA PHE B 584 -13.02 41.88 18.74
C PHE B 584 -13.20 43.28 18.17
N LEU B 585 -12.20 43.77 17.43
CA LEU B 585 -12.15 45.08 16.76
C LEU B 585 -12.28 46.27 17.71
N LYS B 586 -12.12 46.05 19.01
CA LYS B 586 -12.22 47.10 20.01
C LYS B 586 -11.06 47.11 20.98
N CYS B 587 -10.44 45.97 21.25
CA CYS B 587 -9.34 45.86 22.19
C CYS B 587 -8.05 46.25 21.48
N MET B 588 -7.92 47.55 21.19
CA MET B 588 -6.73 48.06 20.52
C MET B 588 -5.51 48.09 21.41
N ARG B 589 -5.69 48.01 22.73
CA ARG B 589 -4.56 47.92 23.65
C ARG B 589 -3.84 46.59 23.49
N LYS B 590 -4.59 45.52 23.22
CA LYS B 590 -3.97 44.24 22.92
C LYS B 590 -3.58 44.12 21.45
N ALA B 591 -4.07 45.02 20.59
CA ALA B 591 -3.77 44.93 19.17
C ALA B 591 -2.34 45.35 18.87
N PHE B 592 -1.82 46.34 19.58
CA PHE B 592 -0.42 46.70 19.40
C PHE B 592 0.48 45.66 20.03
N ARG B 593 1.70 45.57 19.54
CA ARG B 593 2.68 44.62 20.05
C ARG B 593 3.94 45.37 20.47
N SER B 594 4.25 45.30 21.77
CA SER B 594 5.52 45.63 22.40
C SER B 594 5.88 47.12 22.36
N GLY B 595 4.91 48.01 22.46
CA GLY B 595 5.15 49.37 22.90
C GLY B 595 5.75 50.26 21.83
N LYS B 596 5.61 51.55 22.05
CA LYS B 596 6.19 52.56 21.19
C LYS B 596 7.57 52.94 21.70
N LEU B 597 8.46 53.23 20.76
CA LEU B 597 9.83 53.59 21.13
C LEU B 597 10.41 54.45 20.03
N LEU B 598 11.03 55.55 20.43
CA LEU B 598 11.67 56.49 19.51
C LEU B 598 13.14 56.09 19.44
N GLN B 599 13.43 55.08 18.62
CA GLN B 599 14.78 54.55 18.49
C GLN B 599 15.55 55.17 17.34
N VAL B 600 14.94 56.08 16.59
CA VAL B 600 15.67 56.75 15.52
C VAL B 600 16.54 57.87 16.08
N GLY B 601 16.07 58.54 17.13
CA GLY B 601 16.79 59.64 17.72
C GLY B 601 16.58 60.97 17.03
N PHE B 602 16.42 60.97 15.71
CA PHE B 602 16.08 62.16 14.94
C PHE B 602 15.40 61.69 13.67
N THR B 603 15.24 62.60 12.72
CA THR B 603 14.70 62.27 11.42
C THR B 603 15.64 62.84 10.37
N PRO B 604 15.34 62.67 9.08
CA PRO B 604 16.13 63.37 8.06
C PRO B 604 15.96 64.88 8.12
N ASP B 605 14.82 65.36 8.61
CA ASP B 605 14.59 66.78 8.80
C ASP B 605 14.36 67.17 10.25
N GLY B 606 13.60 66.37 11.01
CA GLY B 606 13.30 66.66 12.38
C GLY B 606 14.27 65.98 13.33
N LYS B 607 14.06 66.26 14.62
CA LYS B 607 14.88 65.68 15.68
C LYS B 607 14.11 64.71 16.56
N ASP B 608 12.83 64.49 16.29
CA ASP B 608 12.02 63.56 17.04
C ASP B 608 11.52 62.44 16.13
N ASP B 609 11.15 61.33 16.74
CA ASP B 609 10.64 60.18 16.00
C ASP B 609 9.72 59.38 16.91
N TYR B 610 9.16 58.31 16.33
CA TYR B 610 8.29 57.38 17.04
C TYR B 610 8.17 56.12 16.20
N ARG B 611 8.33 54.96 16.84
CA ARG B 611 8.16 53.69 16.14
C ARG B 611 7.68 52.63 17.12
N TRP B 612 7.13 51.55 16.57
CA TRP B 612 6.68 50.40 17.36
C TRP B 612 7.72 49.31 17.20
N CYS B 613 8.45 49.02 18.27
CA CYS B 613 9.72 48.33 18.12
C CYS B 613 9.59 46.82 17.97
N PHE B 614 9.11 46.13 19.00
CA PHE B 614 9.06 44.66 19.07
C PHE B 614 10.44 44.04 18.84
N ARG B 615 11.28 44.17 19.86
CA ARG B 615 12.59 43.57 19.78
C ARG B 615 12.52 42.05 19.85
N VAL B 616 13.57 41.40 19.36
CA VAL B 616 13.66 39.95 19.35
C VAL B 616 15.13 39.58 19.46
N ASP B 617 15.43 38.59 20.30
CA ASP B 617 16.81 38.15 20.53
C ASP B 617 17.09 36.93 19.68
N GLU B 618 18.12 37.00 18.85
CA GLU B 618 18.47 35.93 17.93
C GLU B 618 19.67 35.15 18.45
N VAL B 619 19.98 34.04 17.77
CA VAL B 619 21.02 33.13 18.23
C VAL B 619 21.93 32.67 17.09
N ASN B 620 21.95 33.39 15.97
CA ASN B 620 22.76 33.00 14.83
C ASN B 620 24.24 33.14 15.13
N TRP B 621 25.08 32.43 14.38
CA TRP B 621 26.49 32.30 14.70
C TRP B 621 27.37 32.77 13.55
N THR B 622 28.22 33.75 13.84
CA THR B 622 29.36 34.10 13.00
C THR B 622 30.63 33.75 13.75
N THR B 623 31.46 32.91 13.13
CA THR B 623 32.62 32.31 13.79
C THR B 623 33.70 33.30 14.19
N THR C 230 44.05 -21.95 -7.65
CA THR C 230 44.66 -20.99 -8.56
C THR C 230 44.30 -19.57 -8.14
N PRO C 231 45.17 -18.60 -8.43
CA PRO C 231 44.84 -17.20 -8.13
C PRO C 231 43.66 -16.68 -8.91
N LEU C 232 43.37 -17.23 -10.08
CA LEU C 232 42.21 -16.76 -10.83
C LEU C 232 40.91 -17.24 -10.22
N ALA C 233 40.85 -18.50 -9.82
CA ALA C 233 39.65 -19.02 -9.19
C ALA C 233 39.47 -18.44 -7.79
N LEU C 234 40.57 -18.17 -7.09
CA LEU C 234 40.46 -17.62 -5.74
C LEU C 234 39.98 -16.19 -5.76
N ALA C 235 40.21 -15.47 -6.85
CA ALA C 235 39.58 -14.17 -6.99
C ALA C 235 38.10 -14.31 -7.26
N ALA C 236 37.70 -15.35 -7.99
CA ALA C 236 36.29 -15.58 -8.28
C ALA C 236 35.55 -16.13 -7.07
N SER C 237 36.19 -16.96 -6.28
CA SER C 237 35.57 -17.55 -5.10
C SER C 237 35.55 -16.61 -3.91
N SER C 238 35.89 -15.36 -4.10
CA SER C 238 35.92 -14.42 -2.99
C SER C 238 35.25 -13.09 -3.32
N GLY C 239 34.77 -12.90 -4.54
CA GLY C 239 34.09 -11.67 -4.90
C GLY C 239 35.04 -10.51 -5.00
N LYS C 240 35.93 -10.54 -5.97
CA LYS C 240 36.91 -9.48 -6.19
C LYS C 240 36.82 -9.11 -7.65
N ILE C 241 36.10 -8.04 -7.99
CA ILE C 241 35.92 -7.71 -9.41
C ILE C 241 37.23 -7.23 -10.00
N GLY C 242 37.84 -6.23 -9.35
CA GLY C 242 39.00 -5.56 -9.92
C GLY C 242 40.21 -6.44 -10.04
N VAL C 243 40.37 -7.40 -9.13
CA VAL C 243 41.42 -8.40 -9.29
C VAL C 243 41.07 -9.33 -10.44
N LEU C 244 39.79 -9.69 -10.57
CA LEU C 244 39.40 -10.59 -11.64
C LEU C 244 39.26 -9.87 -12.98
N ALA C 245 38.89 -8.60 -12.97
CA ALA C 245 38.86 -7.86 -14.23
C ALA C 245 40.27 -7.53 -14.71
N TYR C 246 41.25 -7.54 -13.81
CA TYR C 246 42.62 -7.37 -14.25
C TYR C 246 43.11 -8.60 -14.99
N ILE C 247 42.87 -9.78 -14.43
CA ILE C 247 43.47 -11.00 -14.96
C ILE C 247 42.85 -11.37 -16.29
N LEU C 248 41.56 -11.08 -16.48
CA LEU C 248 40.90 -11.44 -17.71
C LEU C 248 41.15 -10.44 -18.83
N GLN C 249 41.43 -9.18 -18.50
CA GLN C 249 41.74 -8.16 -19.49
C GLN C 249 43.17 -7.65 -19.42
N ARG C 250 44.15 -8.51 -19.16
CA ARG C 250 45.52 -8.02 -19.19
C ARG C 250 46.02 -8.03 -20.63
N GLU C 251 46.77 -6.98 -20.99
CA GLU C 251 47.42 -6.88 -22.30
C GLU C 251 48.82 -6.37 -22.04
N ILE C 252 49.75 -7.29 -21.77
CA ILE C 252 51.12 -6.95 -21.45
C ILE C 252 51.91 -7.07 -22.76
N HIS C 253 51.91 -5.98 -23.53
CA HIS C 253 52.62 -5.95 -24.80
C HIS C 253 54.03 -5.42 -24.57
N GLU C 254 55.00 -6.34 -24.62
CA GLU C 254 56.40 -6.18 -24.25
C GLU C 254 57.06 -7.50 -24.65
N PRO C 255 58.30 -7.49 -25.14
CA PRO C 255 58.99 -8.75 -25.42
C PRO C 255 59.25 -9.54 -24.16
N GLU C 256 59.10 -10.87 -24.28
CA GLU C 256 59.06 -11.84 -23.18
C GLU C 256 57.97 -11.54 -22.16
N CYS C 257 56.93 -10.80 -22.57
CA CYS C 257 55.78 -10.55 -21.73
C CYS C 257 54.45 -10.64 -22.49
N ARG C 258 54.47 -10.76 -23.82
CA ARG C 258 53.24 -10.88 -24.57
C ARG C 258 52.59 -12.22 -24.34
N HIS C 259 53.40 -13.27 -24.12
CA HIS C 259 52.87 -14.59 -23.80
C HIS C 259 52.19 -14.61 -22.45
N LEU C 260 52.55 -13.68 -21.57
CA LEU C 260 51.93 -13.58 -20.25
C LEU C 260 50.51 -13.04 -20.34
N SER C 261 50.15 -12.41 -21.45
CA SER C 261 48.87 -11.72 -21.55
C SER C 261 47.71 -12.70 -21.71
N ARG C 262 46.51 -12.17 -21.47
CA ARG C 262 45.25 -12.90 -21.53
C ARG C 262 44.37 -12.42 -22.66
N LYS C 263 44.27 -11.11 -22.86
CA LYS C 263 43.57 -10.53 -23.99
C LYS C 263 44.56 -10.14 -25.06
N PHE C 264 44.29 -10.55 -26.30
CA PHE C 264 45.07 -10.16 -27.46
C PHE C 264 44.15 -9.37 -28.38
N THR C 265 44.40 -8.08 -28.53
CA THR C 265 43.62 -7.27 -29.47
C THR C 265 44.14 -7.54 -30.87
N GLU C 266 43.32 -8.19 -31.70
CA GLU C 266 43.73 -8.50 -33.06
C GLU C 266 43.79 -7.24 -33.91
N TRP C 267 42.72 -6.47 -33.92
CA TRP C 267 42.70 -5.20 -34.63
C TRP C 267 41.73 -4.26 -33.94
N ALA C 268 41.89 -2.98 -34.24
CA ALA C 268 41.03 -1.95 -33.69
C ALA C 268 40.68 -0.99 -34.80
N TYR C 269 39.41 -0.62 -34.88
CA TYR C 269 38.96 0.29 -35.93
C TYR C 269 37.79 1.06 -35.33
N GLY C 270 38.09 2.26 -34.81
CA GLY C 270 37.28 2.94 -33.83
C GLY C 270 35.83 3.18 -34.21
N PRO C 271 34.91 2.89 -33.28
CA PRO C 271 35.14 2.40 -31.92
C PRO C 271 35.25 0.88 -31.78
N VAL C 272 35.28 0.13 -32.88
CA VAL C 272 35.30 -1.32 -32.81
C VAL C 272 36.71 -1.78 -32.44
N HIS C 273 36.78 -2.73 -31.49
CA HIS C 273 38.06 -3.26 -31.03
C HIS C 273 37.89 -4.77 -30.86
N SER C 274 38.15 -5.52 -31.92
CA SER C 274 38.00 -6.97 -31.89
C SER C 274 39.23 -7.57 -31.22
N SER C 275 39.04 -8.18 -30.07
CA SER C 275 40.13 -8.69 -29.26
C SER C 275 39.92 -10.16 -28.95
N LEU C 276 40.93 -10.98 -29.21
CA LEU C 276 40.87 -12.41 -28.93
C LEU C 276 41.34 -12.66 -27.51
N TYR C 277 40.48 -13.27 -26.69
CA TYR C 277 40.75 -13.53 -25.30
C TYR C 277 41.45 -14.87 -25.12
N ASP C 278 41.48 -15.38 -23.90
CA ASP C 278 42.01 -16.71 -23.63
C ASP C 278 41.09 -17.39 -22.64
N LEU C 279 40.78 -18.65 -22.92
CA LEU C 279 39.92 -19.47 -22.08
C LEU C 279 40.76 -20.64 -21.57
N SER C 280 41.53 -20.37 -20.53
CA SER C 280 42.39 -21.41 -19.94
C SER C 280 41.75 -22.03 -18.71
N CYS C 281 41.21 -21.19 -17.83
CA CYS C 281 40.42 -21.66 -16.71
C CYS C 281 39.09 -20.94 -16.63
N ILE C 282 38.64 -20.34 -17.74
CA ILE C 282 37.38 -19.61 -17.73
C ILE C 282 36.22 -20.55 -18.00
N ASP C 283 36.36 -21.42 -19.01
CA ASP C 283 35.32 -22.37 -19.36
C ASP C 283 35.76 -23.81 -19.26
N THR C 284 37.05 -24.06 -19.08
CA THR C 284 37.61 -25.42 -19.11
C THR C 284 37.14 -26.17 -17.88
N CYS C 285 36.17 -27.06 -18.08
CA CYS C 285 35.47 -27.73 -16.99
C CYS C 285 36.27 -28.85 -16.35
N GLU C 286 37.58 -28.96 -16.60
CA GLU C 286 38.39 -29.98 -15.95
C GLU C 286 38.56 -29.68 -14.47
N LYS C 287 39.21 -28.56 -14.15
CA LYS C 287 39.36 -28.13 -12.78
C LYS C 287 38.21 -27.18 -12.42
N ASN C 288 38.34 -26.49 -11.29
CA ASN C 288 37.35 -25.50 -10.90
C ASN C 288 37.47 -24.29 -11.81
N SER C 289 36.66 -24.27 -12.87
CA SER C 289 36.68 -23.18 -13.82
C SER C 289 36.11 -21.92 -13.20
N VAL C 290 36.41 -20.78 -13.84
CA VAL C 290 36.08 -19.47 -13.29
C VAL C 290 34.57 -19.24 -13.31
N LEU C 291 33.86 -19.98 -14.16
CA LEU C 291 32.39 -19.91 -14.21
C LEU C 291 31.72 -20.82 -13.22
N GLU C 292 32.21 -22.04 -13.04
CA GLU C 292 31.62 -22.95 -12.06
C GLU C 292 31.86 -22.47 -10.64
N VAL C 293 32.86 -21.63 -10.45
CA VAL C 293 33.14 -21.07 -9.14
C VAL C 293 32.22 -19.88 -8.86
N ILE C 294 32.02 -19.00 -9.83
CA ILE C 294 31.21 -17.82 -9.59
C ILE C 294 29.72 -18.17 -9.54
N ALA C 295 29.32 -19.25 -10.20
CA ALA C 295 27.91 -19.64 -10.18
C ALA C 295 27.56 -20.38 -8.89
N TYR C 296 28.41 -21.31 -8.47
CA TYR C 296 28.11 -22.15 -7.32
C TYR C 296 28.47 -21.50 -6.00
N SER C 297 28.88 -20.24 -6.00
CA SER C 297 29.26 -19.59 -4.76
C SER C 297 28.03 -19.31 -3.91
N SER C 298 28.06 -19.77 -2.67
CA SER C 298 26.85 -19.89 -1.85
C SER C 298 26.51 -18.55 -1.22
N SER C 299 26.08 -17.59 -2.05
CA SER C 299 25.36 -16.37 -1.67
C SER C 299 26.15 -15.37 -0.83
N GLU C 300 27.33 -15.77 -0.38
CA GLU C 300 28.33 -14.89 0.18
C GLU C 300 29.21 -14.40 -0.97
N THR C 301 30.40 -13.89 -0.68
CA THR C 301 31.33 -13.24 -1.60
C THR C 301 30.56 -12.11 -2.26
N PRO C 302 30.29 -11.03 -1.54
CA PRO C 302 29.18 -10.15 -1.90
C PRO C 302 29.41 -9.27 -3.12
N ASN C 303 30.49 -9.49 -3.86
CA ASN C 303 30.75 -8.80 -5.12
C ASN C 303 30.35 -9.67 -6.30
N ARG C 304 29.25 -10.40 -6.16
CA ARG C 304 28.66 -11.22 -7.21
C ARG C 304 28.20 -10.33 -8.38
N HIS C 305 27.76 -10.98 -9.45
CA HIS C 305 27.50 -10.39 -10.77
C HIS C 305 28.80 -9.81 -11.31
N ASP C 306 29.82 -10.67 -11.31
CA ASP C 306 31.03 -10.53 -12.10
C ASP C 306 30.79 -10.79 -13.57
N MET C 307 29.57 -11.19 -13.95
CA MET C 307 29.27 -11.50 -15.34
C MET C 307 29.36 -10.24 -16.19
N LEU C 308 28.51 -9.27 -15.89
CA LEU C 308 28.49 -8.00 -16.60
C LEU C 308 29.54 -7.02 -16.09
N LEU C 309 30.38 -7.45 -15.16
CA LEU C 309 31.41 -6.58 -14.59
C LEU C 309 32.82 -6.97 -15.01
N VAL C 310 32.98 -8.07 -15.75
CA VAL C 310 34.31 -8.48 -16.21
C VAL C 310 34.28 -8.53 -17.73
N GLU C 311 33.40 -9.34 -18.25
CA GLU C 311 33.06 -9.47 -19.67
C GLU C 311 34.19 -9.84 -20.64
N PRO C 312 34.94 -10.92 -20.40
CA PRO C 312 35.20 -11.85 -21.50
C PRO C 312 34.22 -13.00 -21.46
N LEU C 313 33.39 -13.02 -20.42
CA LEU C 313 32.46 -14.10 -20.15
C LEU C 313 31.02 -13.65 -20.05
N ASN C 314 30.74 -12.35 -20.11
CA ASN C 314 29.39 -11.91 -20.38
C ASN C 314 28.93 -12.31 -21.76
N ARG C 315 29.87 -12.48 -22.69
CA ARG C 315 29.56 -12.98 -24.01
C ARG C 315 29.89 -14.46 -24.17
N LEU C 316 30.64 -15.05 -23.24
CA LEU C 316 30.81 -16.49 -23.27
C LEU C 316 29.52 -17.19 -22.87
N LEU C 317 28.82 -16.63 -21.88
CA LEU C 317 27.53 -17.19 -21.48
C LEU C 317 26.50 -16.98 -22.58
N GLN C 318 26.50 -15.80 -23.19
CA GLN C 318 25.59 -15.54 -24.29
C GLN C 318 25.91 -16.41 -25.50
N ASP C 319 27.17 -16.76 -25.70
CA ASP C 319 27.52 -17.67 -26.78
C ASP C 319 27.05 -19.08 -26.47
N LYS C 320 27.21 -19.52 -25.23
CA LYS C 320 26.74 -20.86 -24.89
C LYS C 320 25.23 -20.95 -24.88
N TRP C 321 24.56 -19.86 -24.52
CA TRP C 321 23.10 -19.86 -24.51
C TRP C 321 22.54 -19.94 -25.92
N ASP C 322 22.80 -18.92 -26.74
CA ASP C 322 22.18 -18.77 -28.04
C ASP C 322 22.60 -19.81 -29.06
N ARG C 323 23.59 -20.64 -28.75
CA ARG C 323 24.05 -21.68 -29.65
C ARG C 323 23.70 -23.08 -29.19
N PHE C 324 23.84 -23.37 -27.91
CA PHE C 324 23.76 -24.73 -27.42
C PHE C 324 22.74 -24.93 -26.31
N VAL C 325 22.65 -23.98 -25.37
CA VAL C 325 21.88 -24.24 -24.15
C VAL C 325 20.43 -23.82 -24.31
N LYS C 326 20.15 -22.80 -25.13
CA LYS C 326 18.79 -22.29 -25.27
C LYS C 326 17.86 -23.33 -25.86
N ARG C 327 18.34 -24.11 -26.82
CA ARG C 327 17.49 -25.12 -27.43
C ARG C 327 17.25 -26.27 -26.47
N ILE C 328 18.22 -26.60 -25.63
CA ILE C 328 18.02 -27.70 -24.71
C ILE C 328 17.30 -27.24 -23.45
N PHE C 329 17.18 -25.93 -23.24
CA PHE C 329 16.42 -25.44 -22.11
C PHE C 329 14.93 -25.48 -22.37
N TYR C 330 14.50 -24.97 -23.54
CA TYR C 330 13.10 -25.03 -23.90
C TYR C 330 12.62 -26.44 -24.12
N PHE C 331 13.51 -27.36 -24.45
CA PHE C 331 13.10 -28.76 -24.51
C PHE C 331 12.80 -29.29 -23.12
N ASN C 332 13.60 -28.91 -22.13
CA ASN C 332 13.33 -29.32 -20.76
C ASN C 332 12.06 -28.69 -20.23
N PHE C 333 11.81 -27.44 -20.59
CA PHE C 333 10.56 -26.81 -20.19
C PHE C 333 9.37 -27.42 -20.91
N PHE C 334 9.56 -27.90 -22.12
CA PHE C 334 8.47 -28.55 -22.83
C PHE C 334 8.15 -29.90 -22.22
N VAL C 335 9.16 -30.66 -21.81
CA VAL C 335 8.91 -31.97 -21.23
C VAL C 335 8.27 -31.83 -19.86
N TYR C 336 8.66 -30.82 -19.10
CA TYR C 336 8.05 -30.62 -17.79
C TYR C 336 6.61 -30.16 -17.91
N CYS C 337 6.29 -29.34 -18.90
CA CYS C 337 4.89 -29.03 -19.18
C CYS C 337 4.14 -30.27 -19.63
N LEU C 338 4.81 -31.12 -20.40
CA LEU C 338 4.19 -32.37 -20.84
C LEU C 338 4.02 -33.32 -19.68
N TYR C 339 4.97 -33.32 -18.75
CA TYR C 339 4.85 -34.15 -17.56
C TYR C 339 3.71 -33.72 -16.67
N MET C 340 3.52 -32.41 -16.51
CA MET C 340 2.46 -31.96 -15.63
C MET C 340 1.09 -32.09 -16.25
N ILE C 341 0.98 -32.11 -17.57
CA ILE C 341 -0.33 -32.34 -18.19
C ILE C 341 -0.72 -33.80 -18.04
N ILE C 342 0.25 -34.72 -18.16
CA ILE C 342 -0.03 -36.12 -17.89
C ILE C 342 -0.40 -36.32 -16.43
N PHE C 343 0.31 -35.67 -15.54
CA PHE C 343 0.08 -35.88 -14.13
C PHE C 343 -1.16 -35.17 -13.61
N THR C 344 -1.52 -34.01 -14.16
CA THR C 344 -2.77 -33.39 -13.76
C THR C 344 -3.97 -34.09 -14.36
N ALA C 345 -3.79 -34.85 -15.43
CA ALA C 345 -4.88 -35.63 -15.99
C ALA C 345 -4.96 -37.03 -15.42
N ALA C 346 -3.83 -37.60 -15.00
CA ALA C 346 -3.90 -38.90 -14.36
C ALA C 346 -4.50 -38.82 -12.97
N ALA C 347 -4.48 -37.64 -12.36
CA ALA C 347 -5.11 -37.44 -11.07
C ALA C 347 -6.54 -36.96 -11.18
N TYR C 348 -6.90 -36.30 -12.28
CA TYR C 348 -8.26 -35.81 -12.45
C TYR C 348 -9.22 -36.96 -12.70
N TYR C 349 -8.73 -38.07 -13.21
CA TYR C 349 -9.55 -39.22 -13.55
C TYR C 349 -9.21 -40.40 -12.65
N ARG C 350 -8.94 -40.14 -11.39
CA ARG C 350 -8.66 -41.22 -10.47
C ARG C 350 -9.97 -41.94 -10.12
N PRO C 351 -9.91 -43.25 -9.88
CA PRO C 351 -11.07 -43.95 -9.35
C PRO C 351 -11.35 -43.56 -7.91
N VAL C 352 -12.64 -43.40 -7.62
CA VAL C 352 -13.06 -42.88 -6.33
C VAL C 352 -13.32 -44.00 -5.34
N GLU C 353 -14.07 -45.03 -5.74
CA GLU C 353 -14.44 -46.09 -4.83
C GLU C 353 -13.30 -47.09 -4.69
N GLY C 354 -13.13 -47.58 -3.46
CA GLY C 354 -12.10 -48.55 -3.11
C GLY C 354 -10.87 -47.86 -2.54
N LEU C 355 -10.13 -48.56 -1.68
CA LEU C 355 -8.94 -47.99 -1.08
C LEU C 355 -7.66 -48.69 -1.49
N PRO C 356 -7.81 -49.91 -1.99
CA PRO C 356 -6.69 -50.74 -2.43
C PRO C 356 -6.08 -50.29 -3.74
N PRO C 357 -4.88 -50.77 -4.05
CA PRO C 357 -4.24 -50.41 -5.31
C PRO C 357 -5.16 -50.86 -6.43
N TYR C 358 -5.42 -49.98 -7.38
CA TYR C 358 -6.35 -50.30 -8.46
C TYR C 358 -5.76 -51.06 -9.64
N LYS C 359 -6.48 -52.10 -10.04
CA LYS C 359 -6.11 -52.91 -11.20
C LYS C 359 -7.21 -52.56 -12.18
N LEU C 360 -6.83 -52.11 -13.38
CA LEU C 360 -7.85 -51.69 -14.34
C LEU C 360 -8.08 -52.79 -15.37
N LYS C 361 -9.31 -52.84 -15.87
CA LYS C 361 -9.65 -53.75 -16.94
C LYS C 361 -9.28 -53.14 -18.29
N ASN C 362 -9.47 -53.92 -19.35
CA ASN C 362 -9.09 -53.49 -20.69
C ASN C 362 -10.06 -52.43 -21.18
N THR C 363 -9.72 -51.17 -20.94
CA THR C 363 -10.50 -50.05 -21.46
C THR C 363 -9.54 -49.11 -22.18
N VAL C 364 -10.06 -48.42 -23.19
CA VAL C 364 -9.25 -47.48 -23.94
C VAL C 364 -8.84 -46.31 -23.06
N GLY C 365 -9.74 -45.88 -22.17
CA GLY C 365 -9.37 -44.89 -21.18
C GLY C 365 -8.75 -45.47 -19.95
N ASP C 366 -9.03 -46.74 -19.65
CA ASP C 366 -8.45 -47.36 -18.46
C ASP C 366 -7.00 -47.73 -18.67
N TYR C 367 -6.62 -48.18 -19.86
CA TYR C 367 -5.22 -48.47 -20.12
C TYR C 367 -4.41 -47.19 -20.30
N PHE C 368 -5.02 -46.16 -20.88
CA PHE C 368 -4.30 -44.93 -21.15
C PHE C 368 -4.01 -44.12 -19.88
N ARG C 369 -4.69 -44.41 -18.77
CA ARG C 369 -4.41 -43.71 -17.53
C ARG C 369 -3.45 -44.47 -16.63
N VAL C 370 -3.35 -45.79 -16.76
CA VAL C 370 -2.34 -46.51 -16.00
C VAL C 370 -0.97 -46.22 -16.57
N THR C 371 -0.89 -46.02 -17.89
CA THR C 371 0.31 -45.44 -18.48
C THR C 371 0.51 -44.02 -17.96
N GLY C 372 -0.57 -43.28 -17.74
CA GLY C 372 -0.46 -41.94 -17.23
C GLY C 372 0.01 -41.89 -15.78
N GLU C 373 -0.36 -42.89 -14.99
CA GLU C 373 0.12 -42.90 -13.61
C GLU C 373 1.52 -43.43 -13.53
N ILE C 374 1.91 -44.33 -14.43
CA ILE C 374 3.26 -44.88 -14.39
C ILE C 374 4.27 -43.85 -14.87
N LEU C 375 3.89 -43.03 -15.85
CA LEU C 375 4.75 -41.93 -16.26
C LEU C 375 4.88 -40.89 -15.17
N SER C 376 3.83 -40.68 -14.40
CA SER C 376 3.85 -39.63 -13.38
C SER C 376 4.76 -39.98 -12.23
N VAL C 377 4.74 -41.25 -11.80
CA VAL C 377 5.64 -41.66 -10.72
C VAL C 377 7.07 -41.68 -11.22
N SER C 378 7.27 -42.03 -12.49
CA SER C 378 8.60 -42.04 -13.07
C SER C 378 9.22 -40.65 -13.12
N GLY C 379 8.40 -39.61 -13.27
CA GLY C 379 8.90 -38.27 -13.09
C GLY C 379 9.26 -37.99 -11.65
N GLY C 380 8.46 -38.48 -10.71
CA GLY C 380 8.77 -38.27 -9.30
C GLY C 380 9.98 -39.04 -8.84
N VAL C 381 10.32 -40.12 -9.54
CA VAL C 381 11.57 -40.80 -9.28
C VAL C 381 12.73 -39.97 -9.82
N TYR C 382 12.53 -39.33 -10.97
CA TYR C 382 13.59 -38.57 -11.61
C TYR C 382 13.97 -37.34 -10.82
N PHE C 383 12.97 -36.58 -10.36
CA PHE C 383 13.29 -35.42 -9.54
C PHE C 383 13.78 -35.81 -8.16
N PHE C 384 13.55 -37.03 -7.73
CA PHE C 384 14.09 -37.48 -6.46
C PHE C 384 15.59 -37.75 -6.58
N PHE C 385 15.98 -38.57 -7.54
CA PHE C 385 17.39 -38.88 -7.71
C PHE C 385 18.21 -37.72 -8.22
N ARG C 386 17.65 -36.87 -9.07
CA ARG C 386 18.37 -35.68 -9.49
C ARG C 386 18.47 -34.67 -8.35
N GLY C 387 17.59 -34.76 -7.37
CA GLY C 387 17.68 -33.88 -6.23
C GLY C 387 18.72 -34.32 -5.24
N ILE C 388 18.86 -35.64 -5.06
CA ILE C 388 19.92 -36.16 -4.21
C ILE C 388 21.28 -35.95 -4.88
N GLN C 389 21.33 -36.16 -6.19
CA GLN C 389 22.51 -35.84 -6.99
C GLN C 389 22.95 -34.41 -6.83
N TYR C 390 22.01 -33.48 -6.67
CA TYR C 390 22.37 -32.09 -6.40
C TYR C 390 23.02 -31.96 -5.03
N PHE C 391 22.51 -32.66 -4.03
CA PHE C 391 23.02 -32.45 -2.68
C PHE C 391 24.37 -33.10 -2.48
N LEU C 392 24.62 -34.22 -3.16
CA LEU C 392 25.89 -34.90 -3.00
C LEU C 392 26.99 -34.24 -3.81
N GLN C 393 26.65 -33.70 -4.98
CA GLN C 393 27.65 -33.11 -5.86
C GLN C 393 28.19 -31.83 -5.26
N ARG C 394 27.33 -30.85 -5.08
CA ARG C 394 27.67 -29.67 -4.29
C ARG C 394 26.96 -29.80 -2.94
N ARG C 395 27.74 -29.84 -1.88
CA ARG C 395 27.09 -30.07 -0.60
C ARG C 395 26.70 -28.74 0.02
N PRO C 396 25.47 -28.29 -0.19
CA PRO C 396 25.03 -27.09 0.51
C PRO C 396 24.55 -27.45 1.89
N SER C 397 24.90 -26.61 2.86
CA SER C 397 24.56 -26.92 4.25
C SER C 397 24.56 -25.64 5.07
N LEU C 398 24.01 -25.77 6.28
CA LEU C 398 24.15 -24.81 7.37
C LEU C 398 23.60 -23.43 6.99
N LYS C 399 22.28 -23.42 6.78
CA LYS C 399 21.52 -22.22 6.42
C LYS C 399 22.00 -21.60 5.12
N SER C 400 22.44 -22.45 4.20
CA SER C 400 22.62 -22.07 2.81
C SER C 400 21.76 -22.94 1.90
N LEU C 401 21.02 -23.89 2.48
CA LEU C 401 20.12 -24.71 1.70
C LEU C 401 18.98 -23.92 1.10
N PHE C 402 18.54 -22.88 1.80
CA PHE C 402 17.38 -22.14 1.34
C PHE C 402 17.73 -20.85 0.63
N VAL C 403 18.79 -20.16 1.05
CA VAL C 403 19.10 -18.85 0.46
C VAL C 403 19.58 -19.03 -0.98
N ASP C 404 20.71 -19.68 -1.15
CA ASP C 404 20.99 -20.35 -2.42
C ASP C 404 20.25 -21.67 -2.38
N SER C 405 20.09 -22.29 -3.57
CA SER C 405 19.50 -23.62 -3.72
C SER C 405 18.07 -23.71 -3.20
N TYR C 406 17.34 -22.59 -3.27
CA TYR C 406 15.92 -22.61 -2.94
C TYR C 406 15.13 -23.43 -3.93
N SER C 407 15.31 -23.15 -5.20
CA SER C 407 14.43 -23.74 -6.19
C SER C 407 14.78 -25.19 -6.50
N GLU C 408 15.86 -25.69 -5.96
CA GLU C 408 16.21 -27.08 -6.19
C GLU C 408 15.63 -27.97 -5.11
N ILE C 409 15.31 -27.43 -3.94
CA ILE C 409 14.71 -28.26 -2.92
C ILE C 409 13.20 -28.31 -3.06
N LEU C 410 12.58 -27.33 -3.72
CA LEU C 410 11.16 -27.43 -3.98
C LEU C 410 10.83 -28.50 -5.00
N PHE C 411 11.72 -28.75 -5.96
CA PHE C 411 11.56 -29.94 -6.77
C PHE C 411 11.81 -31.21 -5.99
N PHE C 412 12.61 -31.14 -4.94
CA PHE C 412 12.85 -32.33 -4.16
C PHE C 412 11.69 -32.62 -3.24
N VAL C 413 11.05 -31.59 -2.71
CA VAL C 413 9.89 -31.78 -1.85
C VAL C 413 8.69 -32.28 -2.67
N GLN C 414 8.55 -31.76 -3.90
CA GLN C 414 7.54 -32.28 -4.84
C GLN C 414 7.72 -33.77 -5.09
N SER C 415 8.96 -34.20 -5.26
CA SER C 415 9.24 -35.59 -5.52
C SER C 415 8.90 -36.47 -4.34
N LEU C 416 9.22 -36.03 -3.13
CA LEU C 416 8.96 -36.91 -2.00
C LEU C 416 7.53 -36.84 -1.50
N PHE C 417 6.74 -35.82 -1.87
CA PHE C 417 5.30 -35.98 -1.72
C PHE C 417 4.76 -37.04 -2.63
N MET C 418 5.37 -37.24 -3.79
CA MET C 418 4.85 -38.24 -4.69
C MET C 418 5.34 -39.62 -4.33
N LEU C 419 6.52 -39.74 -3.73
CA LEU C 419 6.98 -41.06 -3.33
C LEU C 419 6.23 -41.53 -2.09
N VAL C 420 5.88 -40.61 -1.19
CA VAL C 420 4.96 -40.95 -0.10
C VAL C 420 3.61 -41.37 -0.65
N SER C 421 3.17 -40.70 -1.71
CA SER C 421 1.95 -41.09 -2.39
C SER C 421 2.07 -42.46 -3.05
N VAL C 422 3.25 -42.81 -3.55
CA VAL C 422 3.42 -44.14 -4.14
C VAL C 422 3.56 -45.20 -3.06
N VAL C 423 3.96 -44.83 -1.85
CA VAL C 423 3.97 -45.79 -0.75
C VAL C 423 2.56 -46.06 -0.27
N LEU C 424 1.79 -45.00 -0.01
CA LEU C 424 0.46 -45.15 0.54
C LEU C 424 -0.52 -45.74 -0.45
N TYR C 425 -0.22 -45.68 -1.74
CA TYR C 425 -1.09 -46.32 -2.73
C TYR C 425 -1.01 -47.83 -2.61
N PHE C 426 0.20 -48.38 -2.63
CA PHE C 426 0.34 -49.81 -2.51
C PHE C 426 0.26 -50.29 -1.07
N SER C 427 0.19 -49.38 -0.11
CA SER C 427 -0.12 -49.75 1.26
C SER C 427 -1.61 -49.80 1.51
N GLN C 428 -2.42 -49.71 0.44
CA GLN C 428 -3.88 -49.79 0.49
C GLN C 428 -4.50 -48.75 1.41
N ARG C 429 -3.90 -47.57 1.45
CA ARG C 429 -4.41 -46.46 2.22
C ARG C 429 -5.10 -45.48 1.29
N LYS C 430 -6.29 -45.04 1.69
CA LYS C 430 -7.03 -44.08 0.88
C LYS C 430 -6.41 -42.71 0.95
N GLU C 431 -5.57 -42.46 1.95
CA GLU C 431 -4.91 -41.18 2.13
C GLU C 431 -3.73 -40.99 1.20
N TYR C 432 -3.61 -41.76 0.13
CA TYR C 432 -2.52 -41.52 -0.82
C TYR C 432 -2.79 -40.25 -1.61
N VAL C 433 -4.05 -39.90 -1.81
CA VAL C 433 -4.36 -38.77 -2.67
C VAL C 433 -4.07 -37.48 -1.94
N ALA C 434 -4.02 -37.49 -0.61
CA ALA C 434 -3.61 -36.31 0.13
C ALA C 434 -2.15 -35.97 -0.12
N SER C 435 -1.30 -36.97 -0.31
CA SER C 435 0.08 -36.68 -0.65
C SER C 435 0.23 -36.34 -2.12
N MET C 436 -0.60 -36.95 -2.97
CA MET C 436 -0.50 -36.69 -4.40
C MET C 436 -0.96 -35.28 -4.75
N VAL C 437 -1.96 -34.79 -4.03
CA VAL C 437 -2.51 -33.45 -4.27
C VAL C 437 -1.49 -32.38 -3.94
N PHE C 438 -0.76 -32.54 -2.83
CA PHE C 438 0.33 -31.64 -2.56
C PHE C 438 1.47 -31.79 -3.54
N SER C 439 1.64 -32.97 -4.13
CA SER C 439 2.63 -33.10 -5.17
C SER C 439 2.17 -32.46 -6.47
N LEU C 440 0.87 -32.26 -6.64
CA LEU C 440 0.34 -31.70 -7.87
C LEU C 440 0.20 -30.20 -7.80
N ALA C 441 -0.15 -29.65 -6.65
CA ALA C 441 -0.16 -28.22 -6.50
C ALA C 441 1.25 -27.67 -6.52
N MET C 442 2.17 -28.38 -5.90
CA MET C 442 3.56 -27.96 -5.89
C MET C 442 4.21 -28.17 -7.24
N GLY C 443 3.73 -29.13 -8.00
CA GLY C 443 4.29 -29.37 -9.32
C GLY C 443 3.99 -28.26 -10.30
N TRP C 444 2.82 -27.65 -10.21
CA TRP C 444 2.53 -26.52 -11.07
C TRP C 444 3.18 -25.25 -10.60
N THR C 445 3.29 -25.02 -9.29
CA THR C 445 3.97 -23.83 -8.86
C THR C 445 5.46 -23.91 -9.07
N ASN C 446 6.01 -25.11 -9.20
CA ASN C 446 7.41 -25.23 -9.59
C ASN C 446 7.64 -24.96 -11.06
N MET C 447 6.59 -24.70 -11.84
CA MET C 447 6.77 -24.40 -13.24
C MET C 447 7.30 -22.99 -13.42
N LEU C 448 7.22 -22.13 -12.41
CA LEU C 448 7.89 -20.85 -12.51
C LEU C 448 9.33 -20.90 -12.03
N TYR C 449 9.90 -22.09 -11.90
CA TYR C 449 11.35 -22.21 -11.98
C TYR C 449 11.85 -21.74 -13.33
N TYR C 450 11.10 -22.04 -14.39
CA TYR C 450 11.59 -21.76 -15.72
C TYR C 450 11.40 -20.31 -16.11
N THR C 451 10.57 -19.55 -15.39
CA THR C 451 10.54 -18.11 -15.58
C THR C 451 11.85 -17.50 -15.15
N ARG C 452 12.44 -18.04 -14.10
CA ARG C 452 13.75 -17.61 -13.61
C ARG C 452 14.81 -17.90 -14.66
N GLY C 453 15.39 -16.85 -15.19
CA GLY C 453 16.30 -16.95 -16.30
C GLY C 453 15.94 -16.05 -17.47
N PHE C 454 14.69 -15.68 -17.61
CA PHE C 454 14.29 -14.73 -18.65
C PHE C 454 14.39 -13.32 -18.09
N GLN C 455 14.54 -12.35 -18.98
CA GLN C 455 14.81 -10.99 -18.55
C GLN C 455 13.59 -10.36 -17.90
N GLN C 456 12.44 -10.42 -18.55
CA GLN C 456 11.27 -9.73 -18.02
C GLN C 456 10.63 -10.53 -16.90
N MET C 457 10.18 -11.75 -17.19
CA MET C 457 9.38 -12.52 -16.26
C MET C 457 10.21 -13.21 -15.19
N GLY C 458 11.52 -13.01 -15.16
CA GLY C 458 12.31 -13.67 -14.14
C GLY C 458 12.24 -13.02 -12.79
N ILE C 459 11.82 -11.75 -12.72
CA ILE C 459 11.82 -11.05 -11.44
C ILE C 459 10.73 -11.58 -10.53
N TYR C 460 9.66 -12.15 -11.09
CA TYR C 460 8.55 -12.59 -10.27
C TYR C 460 8.89 -13.85 -9.49
N ALA C 461 9.72 -14.72 -10.03
CA ALA C 461 10.11 -15.91 -9.30
C ALA C 461 11.16 -15.61 -8.26
N VAL C 462 11.89 -14.51 -8.40
CA VAL C 462 12.92 -14.18 -7.44
C VAL C 462 12.30 -13.52 -6.23
N MET C 463 11.37 -12.60 -6.44
CA MET C 463 10.78 -11.92 -5.30
C MET C 463 9.71 -12.74 -4.63
N ILE C 464 9.23 -13.82 -5.24
CA ILE C 464 8.38 -14.73 -4.50
C ILE C 464 9.20 -15.59 -3.55
N GLU C 465 10.50 -15.72 -3.82
CA GLU C 465 11.42 -16.45 -2.96
C GLU C 465 11.85 -15.62 -1.77
N LYS C 466 12.23 -14.37 -1.99
CA LYS C 466 12.65 -13.49 -0.91
C LYS C 466 11.52 -13.12 0.02
N MET C 467 10.30 -13.04 -0.49
CA MET C 467 9.18 -12.73 0.39
C MET C 467 8.83 -13.91 1.28
N ILE C 468 9.03 -15.13 0.81
CA ILE C 468 8.82 -16.27 1.69
C ILE C 468 9.95 -16.42 2.67
N LEU C 469 11.18 -16.34 2.20
CA LEU C 469 12.33 -16.63 3.05
C LEU C 469 12.68 -15.49 3.98
N ARG C 470 12.72 -14.26 3.50
CA ARG C 470 13.04 -13.17 4.42
C ARG C 470 11.81 -12.66 5.12
N ASP C 471 10.80 -12.24 4.35
CA ASP C 471 9.71 -11.44 4.90
C ASP C 471 8.74 -12.32 5.68
N LEU C 472 8.16 -13.32 5.02
CA LEU C 472 7.10 -14.07 5.66
C LEU C 472 7.63 -15.04 6.70
N CYS C 473 8.88 -15.46 6.59
CA CYS C 473 9.40 -16.39 7.58
C CYS C 473 9.79 -15.70 8.87
N ARG C 474 10.41 -14.53 8.79
CA ARG C 474 10.73 -13.82 10.03
C ARG C 474 9.49 -13.22 10.65
N PHE C 475 8.48 -12.92 9.85
CA PHE C 475 7.28 -12.32 10.41
C PHE C 475 6.42 -13.36 11.09
N MET C 476 6.49 -14.61 10.68
CA MET C 476 5.54 -15.58 11.19
C MET C 476 5.85 -16.05 12.60
N PHE C 477 6.88 -15.55 13.24
CA PHE C 477 7.03 -15.71 14.67
C PHE C 477 6.51 -14.52 15.44
N VAL C 478 6.45 -13.35 14.79
CA VAL C 478 5.81 -12.19 15.40
C VAL C 478 4.32 -12.36 15.41
N TYR C 479 3.76 -12.79 14.29
CA TYR C 479 2.33 -12.99 14.20
C TYR C 479 1.86 -14.15 15.05
N LEU C 480 2.66 -15.21 15.14
CA LEU C 480 2.18 -16.42 15.76
C LEU C 480 2.12 -16.29 17.27
N VAL C 481 2.75 -15.27 17.83
CA VAL C 481 2.63 -15.07 19.26
C VAL C 481 1.39 -14.22 19.56
N PHE C 482 0.88 -13.50 18.56
CA PHE C 482 -0.42 -12.86 18.68
C PHE C 482 -1.54 -13.85 18.47
N LEU C 483 -1.38 -14.73 17.48
CA LEU C 483 -2.40 -15.72 17.20
C LEU C 483 -2.55 -16.68 18.37
N PHE C 484 -1.46 -17.28 18.81
CA PHE C 484 -1.52 -18.19 19.93
C PHE C 484 -1.79 -17.46 21.24
N GLY C 485 -1.49 -16.18 21.31
CA GLY C 485 -1.77 -15.43 22.51
C GLY C 485 -3.23 -15.17 22.71
N PHE C 486 -3.89 -14.66 21.69
CA PHE C 486 -5.31 -14.38 21.81
C PHE C 486 -6.18 -15.62 21.66
N SER C 487 -5.72 -16.65 20.96
CA SER C 487 -6.56 -17.83 20.84
C SER C 487 -6.60 -18.64 22.12
N THR C 488 -5.51 -18.68 22.86
CA THR C 488 -5.59 -19.23 24.21
C THR C 488 -6.39 -18.33 25.13
N ALA C 489 -6.51 -17.04 24.81
CA ALA C 489 -7.34 -16.17 25.62
C ALA C 489 -8.81 -16.38 25.33
N VAL C 490 -9.16 -16.59 24.06
CA VAL C 490 -10.56 -16.73 23.67
C VAL C 490 -11.13 -18.07 24.11
N VAL C 491 -10.32 -19.13 24.08
CA VAL C 491 -10.79 -20.45 24.46
C VAL C 491 -11.14 -20.49 25.94
N THR C 492 -10.28 -19.97 26.80
CA THR C 492 -10.58 -20.00 28.22
C THR C 492 -11.64 -19.00 28.59
N LEU C 493 -11.85 -17.97 27.76
CA LEU C 493 -12.87 -16.99 28.07
C LEU C 493 -14.25 -17.58 27.87
N ILE C 494 -14.53 -18.08 26.68
CA ILE C 494 -15.84 -18.62 26.37
C ILE C 494 -15.68 -20.08 25.96
N GLU C 495 -16.54 -20.93 26.49
CA GLU C 495 -16.51 -22.37 26.22
C GLU C 495 -17.83 -22.72 25.55
N ASP C 496 -17.86 -22.63 24.22
CA ASP C 496 -19.06 -22.92 23.46
C ASP C 496 -18.59 -23.40 22.10
N GLY C 497 -19.52 -23.53 21.16
CA GLY C 497 -19.15 -23.88 19.81
C GLY C 497 -18.35 -22.78 19.14
N LYS C 498 -17.61 -23.19 18.11
CA LYS C 498 -16.77 -22.40 17.21
C LYS C 498 -15.47 -21.95 17.89
N TYR C 499 -15.42 -22.05 19.22
CA TYR C 499 -14.22 -21.68 19.95
C TYR C 499 -13.94 -22.67 21.08
N ASN C 500 -14.46 -23.88 20.97
CA ASN C 500 -14.25 -24.87 22.01
C ASN C 500 -12.80 -25.35 22.02
N SER C 501 -12.23 -25.56 20.85
CA SER C 501 -10.89 -26.08 20.74
C SER C 501 -9.90 -24.98 20.40
N LEU C 502 -8.64 -25.28 20.62
CA LEU C 502 -7.59 -24.33 20.28
C LEU C 502 -7.39 -24.27 18.77
N TYR C 503 -7.66 -25.36 18.07
CA TYR C 503 -7.45 -25.38 16.63
C TYR C 503 -8.51 -24.58 15.91
N SER C 504 -9.78 -24.76 16.29
CA SER C 504 -10.83 -24.01 15.63
C SER C 504 -10.81 -22.54 15.99
N THR C 505 -10.20 -22.19 17.11
CA THR C 505 -10.10 -20.79 17.49
C THR C 505 -8.96 -20.10 16.74
N CYS C 506 -7.87 -20.84 16.51
CA CYS C 506 -6.79 -20.28 15.72
C CYS C 506 -7.18 -20.12 14.26
N LEU C 507 -8.20 -20.84 13.80
CA LEU C 507 -8.66 -20.63 12.44
C LEU C 507 -9.59 -19.43 12.35
N GLU C 508 -10.44 -19.23 13.34
CA GLU C 508 -11.32 -18.08 13.30
C GLU C 508 -10.58 -16.79 13.56
N LEU C 509 -9.47 -16.86 14.27
CA LEU C 509 -8.68 -15.66 14.46
C LEU C 509 -7.69 -15.46 13.34
N PHE C 510 -7.38 -16.49 12.56
CA PHE C 510 -6.65 -16.26 11.33
C PHE C 510 -7.55 -15.62 10.29
N LYS C 511 -8.84 -15.91 10.33
CA LYS C 511 -9.75 -15.31 9.37
C LYS C 511 -10.01 -13.85 9.65
N PHE C 512 -9.81 -13.40 10.89
CA PHE C 512 -9.99 -12.00 11.20
C PHE C 512 -8.82 -11.14 10.76
N THR C 513 -7.61 -11.63 10.95
CA THR C 513 -6.46 -10.89 10.47
C THR C 513 -6.28 -10.98 8.97
N ILE C 514 -6.83 -11.99 8.33
CA ILE C 514 -6.78 -12.06 6.88
C ILE C 514 -7.83 -11.16 6.27
N GLY C 515 -8.80 -10.69 7.06
CA GLY C 515 -9.89 -9.89 6.58
C GLY C 515 -11.15 -10.65 6.30
N MET C 516 -11.06 -11.96 6.11
CA MET C 516 -12.19 -12.77 5.69
C MET C 516 -12.89 -13.42 6.87
N GLY C 517 -13.20 -12.63 7.89
CA GLY C 517 -13.89 -13.14 9.04
C GLY C 517 -15.14 -12.34 9.30
N ASP C 518 -16.04 -12.92 10.09
CA ASP C 518 -17.34 -12.34 10.37
C ASP C 518 -17.40 -11.91 11.82
N LEU C 519 -17.42 -10.61 12.06
CA LEU C 519 -17.58 -10.08 13.41
C LEU C 519 -19.06 -9.92 13.73
N GLU C 520 -19.77 -11.03 13.68
CA GLU C 520 -21.17 -11.07 14.04
C GLU C 520 -21.23 -11.52 15.49
N PHE C 521 -21.64 -10.60 16.36
CA PHE C 521 -21.68 -10.86 17.79
C PHE C 521 -23.07 -11.26 18.23
N THR C 522 -23.71 -12.09 17.41
CA THR C 522 -25.10 -12.47 17.65
C THR C 522 -25.25 -13.32 18.90
N GLU C 523 -24.56 -14.45 18.95
CA GLU C 523 -24.93 -15.48 19.91
C GLU C 523 -24.47 -15.14 21.32
N ASN C 524 -25.24 -15.61 22.29
CA ASN C 524 -25.07 -15.20 23.67
C ASN C 524 -23.99 -16.04 24.33
N TYR C 525 -23.01 -15.37 24.92
CA TYR C 525 -22.02 -16.02 25.75
C TYR C 525 -22.06 -15.39 27.14
N ASP C 526 -21.69 -16.18 28.14
CA ASP C 526 -21.13 -15.57 29.31
C ASP C 526 -19.80 -14.98 28.90
N PHE C 527 -19.49 -13.79 29.41
CA PHE C 527 -18.34 -12.98 29.01
C PHE C 527 -18.42 -12.63 27.53
N LYS C 528 -19.59 -12.17 27.11
CA LYS C 528 -19.78 -11.69 25.76
C LYS C 528 -19.21 -10.29 25.58
N ALA C 529 -19.42 -9.43 26.57
CA ALA C 529 -18.92 -8.06 26.46
C ALA C 529 -17.41 -7.99 26.58
N VAL C 530 -16.81 -8.92 27.31
CA VAL C 530 -15.36 -9.00 27.33
C VAL C 530 -14.85 -9.52 26.00
N PHE C 531 -15.59 -10.46 25.42
CA PHE C 531 -15.21 -11.07 24.16
C PHE C 531 -15.19 -10.06 23.01
N ILE C 532 -16.08 -9.08 23.04
CA ILE C 532 -16.06 -8.04 22.03
C ILE C 532 -14.85 -7.13 22.21
N ILE C 533 -14.43 -6.91 23.45
CA ILE C 533 -13.30 -6.03 23.70
C ILE C 533 -12.00 -6.68 23.25
N LEU C 534 -11.85 -7.99 23.48
CA LEU C 534 -10.67 -8.69 22.97
C LEU C 534 -10.66 -8.73 21.45
N LEU C 535 -11.78 -9.11 20.87
CA LEU C 535 -11.81 -9.39 19.45
C LEU C 535 -11.72 -8.11 18.65
N LEU C 536 -12.13 -6.99 19.22
CA LEU C 536 -11.83 -5.71 18.59
C LEU C 536 -10.41 -5.29 18.87
N ALA C 537 -9.88 -5.61 20.04
CA ALA C 537 -8.47 -5.34 20.26
C ALA C 537 -7.59 -6.38 19.60
N TYR C 538 -8.16 -7.43 19.05
CA TYR C 538 -7.39 -8.32 18.19
C TYR C 538 -7.35 -7.76 16.78
N VAL C 539 -8.52 -7.47 16.22
CA VAL C 539 -8.66 -7.02 14.84
C VAL C 539 -7.94 -5.70 14.60
N ILE C 540 -8.04 -4.76 15.54
CA ILE C 540 -7.35 -3.49 15.36
C ILE C 540 -5.84 -3.63 15.50
N LEU C 541 -5.37 -4.77 15.95
CA LEU C 541 -3.98 -4.95 16.34
C LEU C 541 -3.23 -5.86 15.39
N THR C 542 -3.91 -6.74 14.69
CA THR C 542 -3.27 -7.66 13.77
C THR C 542 -3.79 -7.57 12.36
N TYR C 543 -4.92 -6.94 12.13
CA TYR C 543 -5.39 -6.66 10.79
C TYR C 543 -5.05 -5.24 10.37
N ILE C 544 -4.91 -4.33 11.32
CA ILE C 544 -4.54 -2.97 10.99
C ILE C 544 -3.05 -2.77 11.16
N LEU C 545 -2.51 -3.11 12.33
CA LEU C 545 -1.08 -2.94 12.50
C LEU C 545 -0.29 -4.00 11.75
N LEU C 546 -0.43 -5.26 12.14
CA LEU C 546 0.52 -6.28 11.75
C LEU C 546 0.41 -6.64 10.28
N LEU C 547 -0.79 -6.75 9.75
CA LEU C 547 -0.93 -7.14 8.36
C LEU C 547 -0.41 -6.05 7.44
N ASN C 548 -0.70 -4.80 7.75
CA ASN C 548 -0.19 -3.73 6.93
C ASN C 548 1.29 -3.48 7.18
N MET C 549 1.80 -3.85 8.34
CA MET C 549 3.23 -3.84 8.58
C MET C 549 3.93 -4.89 7.75
N LEU C 550 3.31 -6.04 7.57
CA LEU C 550 3.87 -7.08 6.73
C LEU C 550 3.86 -6.66 5.27
N ILE C 551 2.77 -6.06 4.81
CA ILE C 551 2.65 -5.58 3.44
C ILE C 551 3.65 -4.47 3.17
N ALA C 552 3.93 -3.63 4.16
CA ALA C 552 4.93 -2.59 3.98
C ALA C 552 6.33 -3.14 3.90
N LEU C 553 6.61 -4.22 4.61
CA LEU C 553 7.91 -4.85 4.51
C LEU C 553 8.06 -5.66 3.24
N MET C 554 6.99 -6.32 2.80
CA MET C 554 7.02 -6.99 1.50
C MET C 554 7.16 -6.00 0.38
N GLY C 555 6.52 -4.83 0.52
CA GLY C 555 6.61 -3.83 -0.53
C GLY C 555 7.98 -3.23 -0.66
N GLU C 556 8.74 -3.20 0.43
CA GLU C 556 10.12 -2.77 0.34
C GLU C 556 10.98 -3.78 -0.40
N THR C 557 10.77 -5.07 -0.15
CA THR C 557 11.60 -6.06 -0.82
C THR C 557 11.13 -6.32 -2.24
N VAL C 558 9.94 -5.87 -2.60
CA VAL C 558 9.54 -5.91 -4.00
C VAL C 558 10.20 -4.78 -4.77
N ASN C 559 10.15 -3.57 -4.22
CA ASN C 559 10.73 -2.44 -4.93
C ASN C 559 12.24 -2.40 -4.84
N LYS C 560 12.84 -3.08 -3.88
CA LYS C 560 14.29 -3.17 -3.87
C LYS C 560 14.80 -4.12 -4.92
N ILE C 561 14.05 -5.20 -5.17
CA ILE C 561 14.49 -6.27 -6.06
C ILE C 561 14.10 -5.98 -7.50
N ALA C 562 13.29 -4.96 -7.74
CA ALA C 562 12.94 -4.55 -9.08
C ALA C 562 13.85 -3.46 -9.60
N GLN C 563 14.46 -2.69 -8.70
CA GLN C 563 15.53 -1.78 -9.10
C GLN C 563 16.76 -2.54 -9.56
N GLU C 564 17.10 -3.61 -8.85
CA GLU C 564 18.28 -4.40 -9.16
C GLU C 564 17.92 -5.57 -10.06
N SER C 565 17.00 -5.36 -10.99
CA SER C 565 16.44 -6.46 -11.75
C SER C 565 17.39 -6.96 -12.83
N LYS C 566 17.97 -6.04 -13.60
CA LYS C 566 18.82 -6.42 -14.73
C LYS C 566 20.09 -7.10 -14.26
N ASN C 567 20.54 -6.79 -13.05
CA ASN C 567 21.64 -7.53 -12.45
C ASN C 567 21.19 -8.93 -12.05
N ILE C 568 20.04 -9.02 -11.36
CA ILE C 568 19.58 -10.26 -10.73
C ILE C 568 19.29 -11.36 -11.73
N TRP C 569 19.09 -10.97 -12.99
CA TRP C 569 18.68 -11.92 -14.02
C TRP C 569 19.82 -12.83 -14.46
N LYS C 570 21.04 -12.30 -14.59
CA LYS C 570 22.06 -13.03 -15.34
C LYS C 570 22.64 -14.21 -14.57
N LEU C 571 22.64 -14.16 -13.25
CA LEU C 571 23.21 -15.24 -12.47
C LEU C 571 22.38 -16.52 -12.56
N GLN C 572 21.08 -16.40 -12.76
CA GLN C 572 20.22 -17.57 -12.84
C GLN C 572 20.36 -18.28 -14.17
N ARG C 573 20.69 -17.54 -15.22
CA ARG C 573 20.96 -18.21 -16.49
C ARG C 573 22.30 -18.92 -16.46
N ALA C 574 23.30 -18.32 -15.80
CA ALA C 574 24.61 -18.95 -15.68
C ALA C 574 24.54 -20.23 -14.85
N ILE C 575 23.66 -20.26 -13.85
CA ILE C 575 23.44 -21.49 -13.10
C ILE C 575 22.76 -22.53 -13.98
N THR C 576 21.90 -22.08 -14.91
CA THR C 576 21.26 -23.01 -15.83
C THR C 576 22.19 -23.40 -16.97
N ILE C 577 23.02 -22.48 -17.44
CA ILE C 577 23.92 -22.79 -18.54
C ILE C 577 25.03 -23.71 -18.08
N LEU C 578 25.46 -23.58 -16.83
CA LEU C 578 26.49 -24.48 -16.33
C LEU C 578 25.92 -25.85 -16.01
N ASP C 579 24.66 -25.91 -15.60
CA ASP C 579 24.06 -27.20 -15.26
C ASP C 579 23.79 -28.03 -16.51
N THR C 580 23.27 -27.40 -17.56
CA THR C 580 22.93 -28.13 -18.78
C THR C 580 24.17 -28.63 -19.51
N GLU C 581 25.31 -27.96 -19.30
CA GLU C 581 26.55 -28.45 -19.90
C GLU C 581 27.07 -29.67 -19.18
N LYS C 582 26.82 -29.77 -17.88
CA LYS C 582 27.22 -30.95 -17.13
C LYS C 582 26.25 -32.11 -17.30
N SER C 583 25.07 -31.87 -17.87
CA SER C 583 24.08 -32.94 -17.99
C SER C 583 24.47 -33.91 -19.10
N PHE C 584 25.01 -33.39 -20.21
CA PHE C 584 25.41 -34.27 -21.31
C PHE C 584 26.71 -35.00 -20.97
N LEU C 585 27.77 -34.24 -20.64
CA LEU C 585 29.10 -34.70 -20.24
C LEU C 585 29.80 -35.54 -21.32
N LYS C 586 29.32 -35.50 -22.55
CA LYS C 586 29.89 -36.26 -23.64
C LYS C 586 30.11 -35.44 -24.90
N CYS C 587 29.30 -34.40 -25.11
CA CYS C 587 29.40 -33.56 -26.31
C CYS C 587 30.47 -32.50 -26.07
N MET C 588 31.72 -32.96 -26.06
CA MET C 588 32.85 -32.06 -25.84
C MET C 588 33.14 -31.18 -27.04
N ARG C 589 32.61 -31.52 -28.21
CA ARG C 589 32.76 -30.64 -29.38
C ARG C 589 31.94 -29.37 -29.21
N LYS C 590 30.79 -29.47 -28.55
CA LYS C 590 30.02 -28.27 -28.22
C LYS C 590 30.50 -27.63 -26.93
N ALA C 591 31.31 -28.33 -26.14
CA ALA C 591 31.77 -27.79 -24.86
C ALA C 591 32.83 -26.70 -25.06
N PHE C 592 33.70 -26.84 -26.05
CA PHE C 592 34.64 -25.77 -26.33
C PHE C 592 33.92 -24.61 -27.00
N ARG C 593 34.50 -23.42 -26.86
CA ARG C 593 33.95 -22.21 -27.46
C ARG C 593 35.00 -21.55 -28.35
N SER C 594 34.69 -21.47 -29.64
CA SER C 594 35.33 -20.64 -30.66
C SER C 594 36.77 -21.02 -30.98
N GLY C 595 37.11 -22.31 -30.95
CA GLY C 595 38.25 -22.81 -31.68
C GLY C 595 39.58 -22.53 -30.99
N LYS C 596 40.58 -23.31 -31.39
CA LYS C 596 41.94 -23.14 -30.92
C LYS C 596 42.69 -22.21 -31.85
N LEU C 597 43.58 -21.41 -31.28
CA LEU C 597 44.34 -20.46 -32.07
C LEU C 597 45.66 -20.18 -31.35
N LEU C 598 46.74 -20.24 -32.11
CA LEU C 598 48.07 -19.97 -31.58
C LEU C 598 48.37 -18.50 -31.85
N GLN C 599 47.85 -17.63 -30.98
CA GLN C 599 48.00 -16.20 -31.15
C GLN C 599 49.18 -15.62 -30.40
N VAL C 600 49.93 -16.46 -29.68
CA VAL C 600 51.11 -15.96 -28.99
C VAL C 600 52.27 -15.83 -29.96
N GLY C 601 52.35 -16.73 -30.93
CA GLY C 601 53.44 -16.73 -31.89
C GLY C 601 54.70 -17.43 -31.41
N PHE C 602 55.02 -17.34 -30.13
CA PHE C 602 56.11 -18.06 -29.52
C PHE C 602 55.79 -18.21 -28.04
N THR C 603 56.78 -18.62 -27.27
CA THR C 603 56.64 -18.71 -25.82
C THR C 603 57.83 -17.99 -25.19
N PRO C 604 57.93 -17.95 -23.86
CA PRO C 604 59.16 -17.42 -23.25
C PRO C 604 60.36 -18.30 -23.52
N ASP C 605 60.17 -19.59 -23.75
CA ASP C 605 61.25 -20.49 -24.11
C ASP C 605 61.06 -21.13 -25.48
N GLY C 606 59.85 -21.53 -25.84
CA GLY C 606 59.58 -22.16 -27.11
C GLY C 606 59.12 -21.16 -28.16
N LYS C 607 58.90 -21.68 -29.36
CA LYS C 607 58.45 -20.89 -30.50
C LYS C 607 57.04 -21.25 -30.93
N ASP C 608 56.40 -22.20 -30.27
CA ASP C 608 55.04 -22.59 -30.60
C ASP C 608 54.13 -22.35 -29.41
N ASP C 609 52.83 -22.24 -29.68
CA ASP C 609 51.84 -22.01 -28.63
C ASP C 609 50.51 -22.57 -29.08
N TYR C 610 49.52 -22.47 -28.18
CA TYR C 610 48.15 -22.90 -28.45
C TYR C 610 47.25 -22.26 -27.40
N ARG C 611 46.13 -21.68 -27.84
CA ARG C 611 45.17 -21.10 -26.91
C ARG C 611 43.78 -21.19 -27.52
N TRP C 612 42.77 -21.06 -26.65
CA TRP C 612 41.37 -21.03 -27.06
C TRP C 612 40.90 -19.60 -27.01
N CYS C 613 40.65 -19.01 -28.18
CA CYS C 613 40.63 -17.55 -28.29
C CYS C 613 39.31 -16.93 -27.83
N PHE C 614 38.22 -17.20 -28.55
CA PHE C 614 36.91 -16.56 -28.33
C PHE C 614 37.02 -15.03 -28.40
N ARG C 615 37.19 -14.55 -29.62
CA ARG C 615 37.23 -13.10 -29.81
C ARG C 615 35.87 -12.46 -29.58
N VAL C 616 35.89 -11.17 -29.31
CA VAL C 616 34.68 -10.39 -29.06
C VAL C 616 34.93 -8.97 -29.52
N ASP C 617 33.97 -8.39 -30.22
CA ASP C 617 34.10 -7.04 -30.74
C ASP C 617 33.39 -6.06 -29.80
N GLU C 618 34.13 -5.06 -29.32
CA GLU C 618 33.61 -4.09 -28.37
C GLU C 618 33.30 -2.77 -29.07
N VAL C 619 32.67 -1.86 -28.31
CA VAL C 619 32.18 -0.61 -28.87
C VAL C 619 32.48 0.59 -27.98
N ASN C 620 33.43 0.44 -27.06
CA ASN C 620 33.76 1.53 -26.14
C ASN C 620 34.41 2.69 -26.87
N TRP C 621 34.36 3.87 -26.27
CA TRP C 621 34.75 5.11 -26.94
C TRP C 621 35.85 5.83 -26.19
N THR C 622 36.97 6.06 -26.88
CA THR C 622 37.98 7.02 -26.47
C THR C 622 38.00 8.16 -27.48
N THR C 623 37.79 9.38 -26.98
CA THR C 623 37.55 10.55 -27.82
C THR C 623 38.75 10.95 -28.67
N THR D 230 30.44 15.00 36.48
CA THR D 230 31.72 14.94 35.78
C THR D 230 31.55 15.40 34.34
N PRO D 231 32.62 15.97 33.76
CA PRO D 231 32.54 16.36 32.35
C PRO D 231 32.37 15.21 31.39
N LEU D 232 32.78 14.00 31.77
CA LEU D 232 32.59 12.87 30.88
C LEU D 232 31.14 12.41 30.87
N ALA D 233 30.50 12.34 32.03
CA ALA D 233 29.10 11.97 32.07
C ALA D 233 28.20 13.05 31.52
N LEU D 234 28.58 14.32 31.70
CA LEU D 234 27.77 15.41 31.20
C LEU D 234 27.82 15.49 29.68
N ALA D 235 28.89 15.00 29.06
CA ALA D 235 28.88 14.86 27.62
C ALA D 235 27.96 13.72 27.18
N ALA D 236 27.90 12.66 27.99
CA ALA D 236 27.03 11.54 27.67
C ALA D 236 25.56 11.85 27.94
N SER D 237 25.28 12.61 28.99
CA SER D 237 23.91 12.97 29.33
C SER D 237 23.36 14.10 28.49
N SER D 238 24.05 14.51 27.44
CA SER D 238 23.59 15.59 26.61
C SER D 238 23.68 15.30 25.13
N GLY D 239 24.19 14.14 24.74
CA GLY D 239 24.27 13.79 23.34
C GLY D 239 25.30 14.59 22.60
N LYS D 240 26.57 14.38 22.93
CA LYS D 240 27.67 15.09 22.30
C LYS D 240 28.67 14.03 21.89
N ILE D 241 28.67 13.62 20.61
CA ILE D 241 29.55 12.54 20.19
C ILE D 241 31.00 13.00 20.20
N GLY D 242 31.26 14.13 19.53
CA GLY D 242 32.63 14.57 19.32
C GLY D 242 33.34 14.98 20.59
N VAL D 243 32.60 15.51 21.56
CA VAL D 243 33.19 15.75 22.87
C VAL D 243 33.46 14.44 23.58
N LEU D 244 32.55 13.48 23.44
CA LEU D 244 32.74 12.19 24.09
C LEU D 244 33.70 11.30 23.33
N ALA D 245 33.76 11.41 22.01
CA ALA D 245 34.76 10.64 21.27
C ALA D 245 36.16 11.21 21.48
N TYR D 246 36.26 12.47 21.87
CA TYR D 246 37.57 13.01 22.21
C TYR D 246 38.08 12.44 23.51
N ILE D 247 37.23 12.41 24.54
CA ILE D 247 37.69 12.04 25.87
C ILE D 247 38.03 10.56 25.95
N LEU D 248 37.31 9.73 25.20
CA LEU D 248 37.57 8.30 25.25
C LEU D 248 38.72 7.87 24.37
N GLN D 249 39.04 8.62 23.33
CA GLN D 249 40.18 8.33 22.46
C GLN D 249 41.28 9.38 22.53
N ARG D 250 41.58 9.94 23.69
CA ARG D 250 42.70 10.87 23.75
C ARG D 250 43.99 10.08 23.89
N GLU D 251 45.02 10.54 23.20
CA GLU D 251 46.37 9.98 23.29
C GLU D 251 47.33 11.15 23.35
N ILE D 252 47.56 11.66 24.55
CA ILE D 252 48.42 12.83 24.76
C ILE D 252 49.80 12.29 25.11
N HIS D 253 50.60 11.99 24.09
CA HIS D 253 51.94 11.46 24.27
C HIS D 253 52.93 12.63 24.32
N GLU D 254 53.40 12.94 25.52
CA GLU D 254 54.18 14.10 25.92
C GLU D 254 54.57 13.85 27.37
N PRO D 255 55.79 14.22 27.80
CA PRO D 255 56.12 14.09 29.22
C PRO D 255 55.27 14.99 30.09
N GLU D 256 54.90 14.46 31.26
CA GLU D 256 53.90 15.01 32.18
C GLU D 256 52.53 15.20 31.52
N CYS D 257 52.26 14.47 30.45
CA CYS D 257 50.95 14.47 29.80
C CYS D 257 50.50 13.08 29.38
N ARG D 258 51.36 12.06 29.46
CA ARG D 258 50.94 10.71 29.10
C ARG D 258 49.97 10.14 30.11
N HIS D 259 50.13 10.52 31.38
CA HIS D 259 49.20 10.08 32.42
C HIS D 259 47.83 10.69 32.24
N LEU D 260 47.74 11.82 31.52
CA LEU D 260 46.48 12.46 31.25
C LEU D 260 45.66 11.69 30.23
N SER D 261 46.30 10.80 29.46
CA SER D 261 45.64 10.14 28.35
C SER D 261 44.68 9.06 28.82
N ARG D 262 43.81 8.65 27.90
CA ARG D 262 42.76 7.67 28.10
C ARG D 262 43.02 6.40 27.30
N LYS D 263 43.42 6.54 26.05
CA LYS D 263 43.81 5.42 25.21
C LYS D 263 45.33 5.31 25.18
N PHE D 264 45.84 4.11 25.43
CA PHE D 264 47.26 3.81 25.31
C PHE D 264 47.41 2.77 24.22
N THR D 265 48.03 3.14 23.11
CA THR D 265 48.30 2.19 22.04
C THR D 265 49.52 1.37 22.44
N GLU D 266 49.31 0.08 22.70
CA GLU D 266 50.41 -0.78 23.11
C GLU D 266 51.34 -1.04 21.94
N TRP D 267 50.80 -1.51 20.83
CA TRP D 267 51.59 -1.71 19.63
C TRP D 267 50.69 -1.53 18.42
N ALA D 268 51.33 -1.32 17.27
CA ALA D 268 50.63 -1.15 16.01
C ALA D 268 51.36 -1.94 14.96
N TYR D 269 50.61 -2.67 14.14
CA TYR D 269 51.21 -3.50 13.10
C TYR D 269 50.20 -3.54 11.97
N GLY D 270 50.38 -2.66 10.99
CA GLY D 270 49.33 -2.23 10.08
C GLY D 270 48.63 -3.31 9.31
N PRO D 271 47.29 -3.25 9.27
CA PRO D 271 46.43 -2.22 9.86
C PRO D 271 46.02 -2.45 11.31
N VAL D 272 46.57 -3.46 11.97
CA VAL D 272 46.17 -3.77 13.34
C VAL D 272 46.78 -2.77 14.29
N HIS D 273 45.98 -2.25 15.22
CA HIS D 273 46.44 -1.28 16.21
C HIS D 273 45.81 -1.65 17.55
N SER D 274 46.49 -2.50 18.31
CA SER D 274 45.99 -2.94 19.61
C SER D 274 46.27 -1.87 20.64
N SER D 275 45.21 -1.26 21.17
CA SER D 275 45.32 -0.13 22.07
C SER D 275 44.59 -0.43 23.37
N LEU D 276 45.26 -0.22 24.49
CA LEU D 276 44.66 -0.43 25.80
C LEU D 276 43.99 0.86 26.25
N TYR D 277 42.69 0.80 26.52
CA TYR D 277 41.89 1.95 26.92
C TYR D 277 41.92 2.14 28.42
N ASP D 278 41.02 2.96 28.93
CA ASP D 278 40.86 3.12 30.37
C ASP D 278 39.38 3.13 30.71
N LEU D 279 39.02 2.40 31.75
CA LEU D 279 37.65 2.30 32.22
C LEU D 279 37.60 2.88 33.63
N SER D 280 37.54 4.20 33.71
CA SER D 280 37.48 4.88 34.99
C SER D 280 36.06 5.26 35.37
N CYS D 281 35.31 5.82 34.42
CA CYS D 281 33.89 6.07 34.60
C CYS D 281 33.09 5.51 33.43
N ILE D 282 33.66 4.57 32.69
CA ILE D 282 32.95 4.01 31.55
C ILE D 282 32.07 2.84 31.98
N ASP D 283 32.61 1.94 32.79
CA ASP D 283 31.84 0.81 33.28
C ASP D 283 31.73 0.76 34.79
N THR D 284 32.45 1.61 35.51
CA THR D 284 32.51 1.57 36.97
C THR D 284 31.17 2.01 37.54
N CYS D 285 30.38 1.04 38.00
CA CYS D 285 29.01 1.26 38.39
C CYS D 285 28.86 1.94 39.75
N GLU D 286 29.92 2.50 40.34
CA GLU D 286 29.78 3.22 41.59
C GLU D 286 29.02 4.51 41.42
N LYS D 287 29.56 5.43 40.63
CA LYS D 287 28.88 6.68 40.32
C LYS D 287 28.09 6.51 39.04
N ASN D 288 27.61 7.61 38.47
CA ASN D 288 26.92 7.58 37.20
C ASN D 288 27.91 7.28 36.10
N SER D 289 28.04 6.00 35.75
CA SER D 289 28.97 5.58 34.71
C SER D 289 28.48 6.05 33.34
N VAL D 290 29.40 6.04 32.38
CA VAL D 290 29.15 6.61 31.06
C VAL D 290 28.17 5.74 30.29
N LEU D 291 28.02 4.47 30.69
CA LEU D 291 27.04 3.58 30.07
C LEU D 291 25.67 3.67 30.70
N GLU D 292 25.58 3.78 32.02
CA GLU D 292 24.29 3.92 32.68
C GLU D 292 23.65 5.25 32.36
N VAL D 293 24.45 6.23 31.96
CA VAL D 293 23.94 7.53 31.57
C VAL D 293 23.41 7.52 30.15
N ILE D 294 24.14 6.88 29.23
CA ILE D 294 23.70 6.89 27.83
C ILE D 294 22.53 5.94 27.62
N ALA D 295 22.40 4.91 28.46
CA ALA D 295 21.29 3.98 28.29
C ALA D 295 20.01 4.55 28.88
N TYR D 296 20.08 5.12 30.08
CA TYR D 296 18.90 5.59 30.78
C TYR D 296 18.45 6.97 30.35
N SER D 297 19.06 7.55 29.33
CA SER D 297 18.69 8.89 28.90
C SER D 297 17.33 8.86 28.21
N SER D 298 16.42 9.70 28.69
CA SER D 298 15.00 9.55 28.37
C SER D 298 14.70 10.18 27.02
N SER D 299 15.18 9.54 25.95
CA SER D 299 14.74 9.71 24.56
C SER D 299 15.02 11.08 23.95
N GLU D 300 15.45 12.03 24.76
CA GLU D 300 16.02 13.29 24.33
C GLU D 300 17.51 13.07 24.17
N THR D 301 18.31 14.16 24.16
CA THR D 301 19.74 14.19 23.87
C THR D 301 19.93 13.53 22.52
N PRO D 302 19.54 14.20 21.43
CA PRO D 302 19.21 13.48 20.19
C PRO D 302 20.41 12.94 19.43
N ASN D 303 21.60 12.98 20.01
CA ASN D 303 22.78 12.37 19.42
C ASN D 303 23.06 11.01 20.05
N ARG D 304 21.99 10.26 20.32
CA ARG D 304 22.05 8.90 20.84
C ARG D 304 22.74 7.98 19.81
N HIS D 305 22.97 6.72 20.21
CA HIS D 305 23.79 5.73 19.53
C HIS D 305 25.22 6.26 19.46
N ASP D 306 25.72 6.64 20.63
CA ASP D 306 27.13 6.82 20.93
C ASP D 306 27.86 5.50 21.04
N MET D 307 27.14 4.37 20.95
CA MET D 307 27.77 3.06 21.07
C MET D 307 28.71 2.80 19.91
N LEU D 308 28.17 2.77 18.70
CA LEU D 308 28.95 2.57 17.49
C LEU D 308 29.61 3.84 17.00
N LEU D 309 29.48 4.94 17.73
CA LEU D 309 30.06 6.22 17.32
C LEU D 309 31.24 6.64 18.19
N VAL D 310 31.55 5.90 19.25
CA VAL D 310 32.68 6.24 20.10
C VAL D 310 33.65 5.07 20.10
N GLU D 311 33.16 3.92 20.51
CA GLU D 311 33.82 2.63 20.46
C GLU D 311 35.15 2.47 21.20
N PRO D 312 35.24 2.82 22.49
CA PRO D 312 35.92 1.91 23.42
C PRO D 312 34.90 1.05 24.12
N LEU D 313 33.62 1.32 23.86
CA LEU D 313 32.50 0.68 24.52
C LEU D 313 31.54 0.00 23.57
N ASN D 314 31.72 0.13 22.26
CA ASN D 314 31.05 -0.77 21.34
C ASN D 314 31.53 -2.20 21.51
N ARG D 315 32.76 -2.37 21.99
CA ARG D 315 33.28 -3.68 22.30
C ARG D 315 33.24 -4.00 23.79
N LEU D 316 33.00 -3.00 24.64
CA LEU D 316 32.76 -3.31 26.04
C LEU D 316 31.40 -3.97 26.22
N LEU D 317 30.40 -3.49 25.49
CA LEU D 317 29.08 -4.11 25.53
C LEU D 317 29.13 -5.51 24.93
N GLN D 318 29.84 -5.66 23.82
CA GLN D 318 29.99 -6.96 23.19
C GLN D 318 30.78 -7.92 24.08
N ASP D 319 31.71 -7.39 24.87
CA ASP D 319 32.43 -8.24 25.82
C ASP D 319 31.54 -8.67 26.96
N LYS D 320 30.71 -7.75 27.46
CA LYS D 320 29.81 -8.12 28.55
C LYS D 320 28.71 -9.05 28.07
N TRP D 321 28.28 -8.90 26.83
CA TRP D 321 27.24 -9.77 26.28
C TRP D 321 27.76 -11.19 26.12
N ASP D 322 28.75 -11.37 25.23
CA ASP D 322 29.20 -12.70 24.82
C ASP D 322 29.89 -13.48 25.93
N ARG D 323 30.17 -12.87 27.07
CA ARG D 323 30.83 -13.55 28.17
C ARG D 323 29.91 -13.78 29.36
N PHE D 324 29.09 -12.80 29.71
CA PHE D 324 28.35 -12.86 30.97
C PHE D 324 26.86 -12.69 30.80
N VAL D 325 26.42 -11.79 29.92
CA VAL D 325 25.01 -11.38 29.91
C VAL D 325 24.19 -12.27 28.98
N LYS D 326 24.80 -12.79 27.90
CA LYS D 326 24.07 -13.58 26.92
C LYS D 326 23.53 -14.86 27.52
N ARG D 327 24.30 -15.50 28.40
CA ARG D 327 23.82 -16.74 29.00
C ARG D 327 22.73 -16.47 30.02
N ILE D 328 22.78 -15.33 30.70
CA ILE D 328 21.73 -15.04 31.68
C ILE D 328 20.52 -14.42 31.02
N PHE D 329 20.64 -13.98 29.78
CA PHE D 329 19.49 -13.45 29.07
C PHE D 329 18.60 -14.57 28.55
N TYR D 330 19.19 -15.56 27.88
CA TYR D 330 18.42 -16.70 27.39
C TYR D 330 17.86 -17.53 28.53
N PHE D 331 18.46 -17.49 29.71
CA PHE D 331 17.86 -18.14 30.85
C PHE D 331 16.59 -17.42 31.28
N ASN D 332 16.61 -16.08 31.24
CA ASN D 332 15.41 -15.33 31.56
C ASN D 332 14.33 -15.53 30.52
N PHE D 333 14.70 -15.63 29.26
CA PHE D 333 13.73 -15.91 28.22
C PHE D 333 13.20 -17.33 28.33
N PHE D 334 14.00 -18.25 28.81
CA PHE D 334 13.53 -19.61 28.99
C PHE D 334 12.55 -19.71 30.14
N VAL D 335 12.80 -18.99 31.23
CA VAL D 335 11.90 -19.05 32.38
C VAL D 335 10.58 -18.37 32.05
N TYR D 336 10.62 -17.29 31.27
CA TYR D 336 9.39 -16.62 30.90
C TYR D 336 8.57 -17.46 29.94
N CYS D 337 9.20 -18.18 29.03
CA CYS D 337 8.48 -19.15 28.23
C CYS D 337 7.92 -20.26 29.09
N LEU D 338 8.68 -20.68 30.10
CA LEU D 338 8.20 -21.69 31.00
C LEU D 338 7.07 -21.18 31.87
N TYR D 339 7.13 -19.91 32.24
CA TYR D 339 6.05 -19.31 33.01
C TYR D 339 4.77 -19.21 32.21
N MET D 340 4.87 -18.87 30.94
CA MET D 340 3.66 -18.71 30.14
C MET D 340 3.05 -20.05 29.75
N ILE D 341 3.84 -21.11 29.68
CA ILE D 341 3.27 -22.42 29.41
C ILE D 341 2.52 -22.93 30.62
N ILE D 342 3.03 -22.68 31.81
CA ILE D 342 2.30 -23.02 33.02
C ILE D 342 1.03 -22.20 33.12
N PHE D 343 1.11 -20.92 32.80
CA PHE D 343 -0.03 -20.04 32.95
C PHE D 343 -1.06 -20.22 31.85
N THR D 344 -0.65 -20.54 30.63
CA THR D 344 -1.64 -20.84 29.60
C THR D 344 -2.28 -22.19 29.78
N ALA D 345 -1.65 -23.09 30.53
CA ALA D 345 -2.25 -24.38 30.83
C ALA D 345 -3.04 -24.37 32.12
N ALA D 346 -2.68 -23.52 33.08
CA ALA D 346 -3.48 -23.42 34.28
C ALA D 346 -4.80 -22.72 34.02
N ALA D 347 -4.88 -21.93 32.96
CA ALA D 347 -6.12 -21.29 32.57
C ALA D 347 -6.94 -22.12 31.59
N TYR D 348 -6.29 -22.97 30.81
CA TYR D 348 -7.02 -23.79 29.85
C TYR D 348 -7.83 -24.86 30.55
N TYR D 349 -7.43 -25.25 31.75
CA TYR D 349 -8.10 -26.29 32.51
C TYR D 349 -8.76 -25.74 33.76
N ARG D 350 -9.32 -24.54 33.66
CA ARG D 350 -10.01 -23.98 34.79
C ARG D 350 -11.36 -24.68 34.98
N PRO D 351 -11.81 -24.82 36.22
CA PRO D 351 -13.16 -25.30 36.46
C PRO D 351 -14.20 -24.29 36.04
N VAL D 352 -15.26 -24.80 35.43
CA VAL D 352 -16.27 -23.95 34.82
C VAL D 352 -17.40 -23.65 35.81
N GLU D 353 -17.94 -24.67 36.45
CA GLU D 353 -19.07 -24.49 37.34
C GLU D 353 -18.63 -23.97 38.69
N GLY D 354 -19.44 -23.07 39.26
CA GLY D 354 -19.19 -22.44 40.54
C GLY D 354 -18.54 -21.07 40.39
N LEU D 355 -18.79 -20.18 41.34
CA LEU D 355 -18.23 -18.84 41.29
C LEU D 355 -17.23 -18.57 42.40
N PRO D 356 -17.31 -19.38 43.45
CA PRO D 356 -16.45 -19.24 44.63
C PRO D 356 -15.02 -19.71 44.38
N PRO D 357 -14.10 -19.34 45.27
CA PRO D 357 -12.72 -19.79 45.11
C PRO D 357 -12.76 -21.31 45.15
N TYR D 358 -12.14 -21.95 44.17
CA TYR D 358 -12.17 -23.40 44.07
C TYR D 358 -11.31 -24.17 45.05
N LYS D 359 -11.83 -25.31 45.48
CA LYS D 359 -11.13 -26.21 46.39
C LYS D 359 -10.98 -27.47 45.55
N LEU D 360 -9.77 -28.00 45.48
CA LEU D 360 -9.55 -29.19 44.66
C LEU D 360 -9.23 -30.43 45.46
N LYS D 361 -9.95 -31.50 45.18
CA LYS D 361 -9.72 -32.76 45.87
C LYS D 361 -8.41 -33.38 45.40
N ASN D 362 -8.06 -34.50 46.01
CA ASN D 362 -6.80 -35.17 45.71
C ASN D 362 -6.88 -35.85 44.35
N THR D 363 -6.47 -35.14 43.32
CA THR D 363 -6.39 -35.69 41.98
C THR D 363 -5.00 -35.40 41.44
N VAL D 364 -4.53 -36.30 40.58
CA VAL D 364 -3.21 -36.13 39.98
C VAL D 364 -3.20 -34.91 39.07
N GLY D 365 -4.31 -34.67 38.37
CA GLY D 365 -4.44 -33.44 37.61
C GLY D 365 -4.95 -32.29 38.43
N ASP D 366 -5.67 -32.57 39.51
CA ASP D 366 -6.21 -31.49 40.33
C ASP D 366 -5.14 -30.86 41.20
N TYR D 367 -4.21 -31.65 41.72
CA TYR D 367 -3.13 -31.08 42.51
C TYR D 367 -2.10 -30.40 41.61
N PHE D 368 -1.88 -30.92 40.42
CA PHE D 368 -0.88 -30.37 39.53
C PHE D 368 -1.30 -29.03 38.93
N ARG D 369 -2.58 -28.68 38.97
CA ARG D 369 -3.00 -27.38 38.47
C ARG D 369 -3.13 -26.33 39.55
N VAL D 370 -3.32 -26.72 40.81
CA VAL D 370 -3.28 -25.72 41.87
C VAL D 370 -1.86 -25.26 42.10
N THR D 371 -0.89 -26.16 41.90
CA THR D 371 0.49 -25.72 41.78
C THR D 371 0.67 -24.83 40.56
N GLY D 372 -0.05 -25.13 39.48
CA GLY D 372 0.05 -24.30 38.29
C GLY D 372 -0.56 -22.93 38.46
N GLU D 373 -1.60 -22.82 39.27
CA GLU D 373 -2.18 -21.50 39.51
C GLU D 373 -1.37 -20.71 40.52
N ILE D 374 -0.74 -21.41 41.47
CA ILE D 374 0.04 -20.71 42.48
C ILE D 374 1.34 -20.20 41.89
N LEU D 375 1.93 -20.94 40.95
CA LEU D 375 3.10 -20.44 40.23
C LEU D 375 2.75 -19.27 39.35
N SER D 376 1.55 -19.26 38.78
CA SER D 376 1.16 -18.22 37.86
C SER D 376 0.95 -16.88 38.56
N VAL D 377 0.32 -16.90 39.73
CA VAL D 377 0.15 -15.67 40.48
C VAL D 377 1.49 -15.18 41.01
N SER D 378 2.38 -16.11 41.36
CA SER D 378 3.70 -15.75 41.85
C SER D 378 4.53 -15.05 40.80
N GLY D 379 4.32 -15.39 39.53
CA GLY D 379 4.90 -14.59 38.47
C GLY D 379 4.29 -13.21 38.38
N GLY D 380 2.97 -13.11 38.57
CA GLY D 380 2.32 -11.82 38.52
C GLY D 380 2.68 -10.94 39.71
N VAL D 381 3.09 -11.55 40.81
CA VAL D 381 3.64 -10.78 41.92
C VAL D 381 5.03 -10.27 41.55
N TYR D 382 5.80 -11.09 40.86
CA TYR D 382 7.17 -10.74 40.54
C TYR D 382 7.23 -9.58 39.55
N PHE D 383 6.43 -9.63 38.49
CA PHE D 383 6.42 -8.52 37.55
C PHE D 383 5.75 -7.28 38.13
N PHE D 384 4.99 -7.42 39.20
CA PHE D 384 4.42 -6.26 39.86
C PHE D 384 5.48 -5.52 40.65
N PHE D 385 6.19 -6.23 41.53
CA PHE D 385 7.21 -5.57 42.34
C PHE D 385 8.43 -5.16 41.54
N ARG D 386 8.81 -5.93 40.53
CA ARG D 386 9.90 -5.48 39.68
C ARG D 386 9.50 -4.31 38.81
N GLY D 387 8.20 -4.11 38.59
CA GLY D 387 7.74 -2.97 37.84
C GLY D 387 7.72 -1.71 38.67
N ILE D 388 7.35 -1.84 39.95
CA ILE D 388 7.41 -0.70 40.85
C ILE D 388 8.86 -0.33 41.14
N GLN D 389 9.71 -1.35 41.30
CA GLN D 389 11.15 -1.16 41.43
C GLN D 389 11.73 -0.39 40.26
N TYR D 390 11.20 -0.59 39.06
CA TYR D 390 11.64 0.20 37.92
C TYR D 390 11.23 1.65 38.07
N PHE D 391 10.03 1.92 38.56
CA PHE D 391 9.56 3.30 38.60
C PHE D 391 10.22 4.09 39.71
N LEU D 392 10.55 3.43 40.82
CA LEU D 392 11.16 4.14 41.93
C LEU D 392 12.64 4.37 41.69
N GLN D 393 13.31 3.42 41.04
CA GLN D 393 14.76 3.52 40.83
C GLN D 393 15.08 4.63 39.85
N ARG D 394 14.61 4.52 38.63
CA ARG D 394 14.63 5.62 37.68
C ARG D 394 13.22 6.17 37.59
N ARG D 395 13.05 7.43 37.95
CA ARG D 395 11.70 7.95 37.95
C ARG D 395 11.36 8.52 36.60
N PRO D 396 10.75 7.75 35.72
CA PRO D 396 10.28 8.32 34.45
C PRO D 396 8.94 8.99 34.65
N SER D 397 8.77 10.15 34.03
CA SER D 397 7.55 10.90 34.24
C SER D 397 7.34 11.85 33.08
N LEU D 398 6.11 12.40 33.02
CA LEU D 398 5.73 13.57 32.22
C LEU D 398 5.97 13.32 30.73
N LYS D 399 5.18 12.37 30.22
CA LYS D 399 5.19 11.95 28.81
C LYS D 399 6.55 11.43 28.37
N SER D 400 7.24 10.78 29.30
CA SER D 400 8.37 9.93 28.97
C SER D 400 8.14 8.51 29.44
N LEU D 401 7.00 8.24 30.06
CA LEU D 401 6.66 6.88 30.47
C LEU D 401 6.44 5.97 29.29
N PHE D 402 5.95 6.49 28.18
CA PHE D 402 5.62 5.65 27.05
C PHE D 402 6.67 5.67 25.96
N VAL D 403 7.33 6.81 25.73
CA VAL D 403 8.27 6.89 24.61
C VAL D 403 9.51 6.05 24.91
N ASP D 404 10.26 6.43 25.93
CA ASP D 404 11.10 5.47 26.61
C ASP D 404 10.22 4.71 27.58
N SER D 405 10.72 3.55 28.04
CA SER D 405 10.05 2.73 29.07
C SER D 405 8.69 2.23 28.63
N TYR D 406 8.51 2.03 27.33
CA TYR D 406 7.28 1.42 26.82
C TYR D 406 7.15 -0.01 27.27
N SER D 407 8.19 -0.80 27.04
CA SER D 407 8.07 -2.23 27.23
C SER D 407 8.15 -2.63 28.69
N GLU D 408 8.43 -1.70 29.57
CA GLU D 408 8.45 -2.03 30.98
C GLU D 408 7.10 -1.81 31.63
N ILE D 409 6.24 -0.97 31.04
CA ILE D 409 4.93 -0.78 31.63
C ILE D 409 3.94 -1.82 31.11
N LEU D 410 4.20 -2.43 29.94
CA LEU D 410 3.33 -3.51 29.51
C LEU D 410 3.50 -4.75 30.35
N PHE D 411 4.69 -5.00 30.89
CA PHE D 411 4.80 -6.03 31.91
C PHE D 411 4.13 -5.62 33.20
N PHE D 412 4.04 -4.33 33.46
CA PHE D 412 3.38 -3.92 34.68
C PHE D 412 1.87 -4.00 34.55
N VAL D 413 1.33 -3.70 33.37
CA VAL D 413 -0.10 -3.82 33.14
C VAL D 413 -0.53 -5.28 33.14
N GLN D 414 0.31 -6.16 32.57
CA GLN D 414 0.08 -7.60 32.65
C GLN D 414 -0.02 -8.08 34.08
N SER D 415 0.86 -7.57 34.94
CA SER D 415 0.87 -7.98 36.34
C SER D 415 -0.39 -7.52 37.05
N LEU D 416 -0.84 -6.31 36.80
CA LEU D 416 -1.99 -5.85 37.55
C LEU D 416 -3.31 -6.31 36.98
N PHE D 417 -3.36 -6.79 35.73
CA PHE D 417 -4.52 -7.58 35.34
C PHE D 417 -4.58 -8.89 36.11
N MET D 418 -3.43 -9.44 36.47
CA MET D 418 -3.47 -10.69 37.19
C MET D 418 -3.74 -10.49 38.67
N LEU D 419 -3.31 -9.36 39.22
CA LEU D 419 -3.60 -9.12 40.63
C LEU D 419 -5.06 -8.77 40.84
N VAL D 420 -5.67 -8.07 39.88
CA VAL D 420 -7.11 -7.89 39.89
C VAL D 420 -7.82 -9.23 39.76
N SER D 421 -7.26 -10.12 38.94
CA SER D 421 -7.78 -11.47 38.84
C SER D 421 -7.63 -12.24 40.13
N VAL D 422 -6.55 -12.01 40.88
CA VAL D 422 -6.40 -12.69 42.16
C VAL D 422 -7.27 -12.09 43.23
N VAL D 423 -7.69 -10.84 43.07
CA VAL D 423 -8.65 -10.25 44.00
C VAL D 423 -10.04 -10.81 43.74
N LEU D 424 -10.47 -10.80 42.48
CA LEU D 424 -11.82 -11.22 42.13
C LEU D 424 -12.01 -12.72 42.29
N TYR D 425 -10.94 -13.49 42.31
CA TYR D 425 -11.07 -14.93 42.55
C TYR D 425 -11.49 -15.20 43.98
N PHE D 426 -10.76 -14.62 44.94
CA PHE D 426 -11.12 -14.82 46.34
C PHE D 426 -12.24 -13.91 46.79
N SER D 427 -12.69 -12.99 45.94
CA SER D 427 -13.91 -12.25 46.21
C SER D 427 -15.14 -12.97 45.71
N GLN D 428 -14.98 -14.23 45.30
CA GLN D 428 -16.07 -15.10 44.84
C GLN D 428 -16.84 -14.50 43.67
N ARG D 429 -16.13 -13.81 42.80
CA ARG D 429 -16.71 -13.24 41.60
C ARG D 429 -16.34 -14.10 40.41
N LYS D 430 -17.33 -14.40 39.57
CA LYS D 430 -17.06 -15.20 38.39
C LYS D 430 -16.30 -14.40 37.35
N GLU D 431 -16.31 -13.08 37.46
CA GLU D 431 -15.63 -12.21 36.52
C GLU D 431 -14.13 -12.14 36.74
N TYR D 432 -13.54 -13.08 37.48
CA TYR D 432 -12.09 -13.08 37.62
C TYR D 432 -11.42 -13.50 36.33
N VAL D 433 -12.10 -14.34 35.53
CA VAL D 433 -11.46 -14.86 34.34
C VAL D 433 -11.39 -13.80 33.26
N ALA D 434 -12.23 -12.77 33.34
CA ALA D 434 -12.11 -11.65 32.41
C ALA D 434 -10.83 -10.86 32.63
N SER D 435 -10.38 -10.76 33.87
CA SER D 435 -9.10 -10.11 34.11
C SER D 435 -7.94 -11.04 33.80
N MET D 436 -8.11 -12.34 34.02
CA MET D 436 -7.04 -13.29 33.77
C MET D 436 -6.78 -13.46 32.29
N VAL D 437 -7.83 -13.39 31.48
CA VAL D 437 -7.71 -13.55 30.05
C VAL D 437 -6.92 -12.40 29.44
N PHE D 438 -7.18 -11.17 29.88
CA PHE D 438 -6.35 -10.05 29.46
C PHE D 438 -4.94 -10.17 29.99
N SER D 439 -4.75 -10.81 31.12
CA SER D 439 -3.39 -11.04 31.58
C SER D 439 -2.70 -12.12 30.78
N LEU D 440 -3.45 -12.98 30.11
CA LEU D 440 -2.86 -14.07 29.35
C LEU D 440 -2.62 -13.71 27.91
N ALA D 441 -3.49 -12.91 27.31
CA ALA D 441 -3.22 -12.43 25.97
C ALA D 441 -2.06 -11.45 25.99
N MET D 442 -2.00 -10.61 27.01
CA MET D 442 -0.92 -9.66 27.13
C MET D 442 0.37 -10.33 27.52
N GLY D 443 0.28 -11.46 28.23
CA GLY D 443 1.49 -12.17 28.61
C GLY D 443 2.20 -12.80 27.44
N TRP D 444 1.47 -13.28 26.45
CA TRP D 444 2.12 -13.80 25.26
C TRP D 444 2.60 -12.71 24.33
N THR D 445 1.89 -11.61 24.21
CA THR D 445 2.40 -10.56 23.36
C THR D 445 3.57 -9.83 23.98
N ASN D 446 3.74 -9.91 25.29
CA ASN D 446 4.95 -9.41 25.92
C ASN D 446 6.14 -10.30 25.70
N MET D 447 5.97 -11.45 25.05
CA MET D 447 7.10 -12.32 24.78
C MET D 447 7.97 -11.75 23.67
N LEU D 448 7.47 -10.83 22.87
CA LEU D 448 8.34 -10.15 21.93
C LEU D 448 9.03 -8.94 22.52
N TYR D 449 9.04 -8.81 23.84
CA TYR D 449 10.09 -8.04 24.48
C TYR D 449 11.45 -8.63 24.21
N TYR D 450 11.54 -9.95 24.17
CA TYR D 450 12.83 -10.59 24.05
C TYR D 450 13.34 -10.61 22.62
N THR D 451 12.47 -10.36 21.64
CA THR D 451 12.95 -10.15 20.28
C THR D 451 13.75 -8.87 20.21
N ARG D 452 13.34 -7.87 20.97
CA ARG D 452 14.05 -6.61 21.06
C ARG D 452 15.42 -6.83 21.69
N GLY D 453 16.45 -6.60 20.91
CA GLY D 453 17.80 -6.92 21.31
C GLY D 453 18.55 -7.78 20.31
N PHE D 454 17.85 -8.54 19.49
CA PHE D 454 18.50 -9.31 18.44
C PHE D 454 18.57 -8.45 17.19
N GLN D 455 19.52 -8.78 16.31
CA GLN D 455 19.78 -7.93 15.16
C GLN D 455 18.64 -8.01 14.15
N GLN D 456 18.25 -9.22 13.75
CA GLN D 456 17.26 -9.34 12.69
C GLN D 456 15.85 -9.08 13.23
N MET D 457 15.42 -9.90 14.18
CA MET D 457 14.03 -9.87 14.65
C MET D 457 13.73 -8.76 15.63
N GLY D 458 14.69 -7.90 15.93
CA GLY D 458 14.41 -6.83 16.85
C GLY D 458 13.65 -5.67 16.26
N ILE D 459 13.62 -5.54 14.94
CA ILE D 459 12.97 -4.40 14.32
C ILE D 459 11.47 -4.51 14.44
N TYR D 460 10.93 -5.72 14.55
CA TYR D 460 9.49 -5.90 14.59
C TYR D 460 8.88 -5.43 15.89
N ALA D 461 9.61 -5.57 16.99
CA ALA D 461 9.09 -5.10 18.26
C ALA D 461 9.24 -3.60 18.40
N VAL D 462 10.13 -2.98 17.65
CA VAL D 462 10.30 -1.55 17.75
C VAL D 462 9.24 -0.84 16.94
N MET D 463 8.96 -1.31 15.74
CA MET D 463 7.98 -0.63 14.92
C MET D 463 6.56 -0.99 15.31
N ILE D 464 6.34 -2.01 16.13
CA ILE D 464 5.02 -2.21 16.68
C ILE D 464 4.76 -1.23 17.80
N GLU D 465 5.82 -0.68 18.39
CA GLU D 465 5.71 0.32 19.43
C GLU D 465 5.45 1.70 18.86
N LYS D 466 6.20 2.09 17.83
CA LYS D 466 6.01 3.39 17.22
C LYS D 466 4.70 3.50 16.48
N MET D 467 4.19 2.41 15.93
CA MET D 467 2.90 2.48 15.26
C MET D 467 1.76 2.63 16.25
N ILE D 468 1.89 2.08 17.44
CA ILE D 468 0.86 2.30 18.46
C ILE D 468 0.97 3.69 19.04
N LEU D 469 2.18 4.10 19.40
CA LEU D 469 2.36 5.34 20.13
C LEU D 469 2.28 6.56 19.22
N ARG D 470 2.96 6.55 18.08
CA ARG D 470 2.87 7.72 17.21
C ARG D 470 1.67 7.65 16.30
N ASP D 471 1.57 6.57 15.52
CA ASP D 471 0.64 6.54 14.40
C ASP D 471 -0.78 6.32 14.87
N LEU D 472 -1.02 5.21 15.56
CA LEU D 472 -2.39 4.83 15.89
C LEU D 472 -2.95 5.69 17.01
N CYS D 473 -2.11 6.25 17.86
CA CYS D 473 -2.63 7.06 18.95
C CYS D 473 -3.01 8.45 18.49
N ARG D 474 -2.22 9.07 17.63
CA ARG D 474 -2.63 10.38 17.13
C ARG D 474 -3.75 10.26 16.13
N PHE D 475 -3.87 9.13 15.45
CA PHE D 475 -4.93 8.99 14.48
C PHE D 475 -6.26 8.71 15.14
N MET D 476 -6.26 8.11 16.32
CA MET D 476 -7.52 7.66 16.89
C MET D 476 -8.35 8.78 17.47
N PHE D 477 -7.90 10.03 17.40
CA PHE D 477 -8.79 11.15 17.65
C PHE D 477 -9.34 11.74 16.38
N VAL D 478 -8.67 11.52 15.25
CA VAL D 478 -9.21 11.90 13.95
C VAL D 478 -10.32 10.96 13.56
N TYR D 479 -10.09 9.66 13.72
CA TYR D 479 -11.09 8.68 13.37
C TYR D 479 -12.29 8.75 14.30
N LEU D 480 -12.05 9.00 15.58
CA LEU D 480 -13.12 8.87 16.56
C LEU D 480 -14.11 10.00 16.46
N VAL D 481 -13.77 11.07 15.76
CA VAL D 481 -14.75 12.13 15.57
C VAL D 481 -15.59 11.83 14.33
N PHE D 482 -15.11 10.97 13.45
CA PHE D 482 -15.95 10.44 12.37
C PHE D 482 -16.86 9.34 12.86
N LEU D 483 -16.34 8.46 13.71
CA LEU D 483 -17.13 7.38 14.25
C LEU D 483 -18.24 7.90 15.12
N PHE D 484 -17.92 8.74 16.09
CA PHE D 484 -18.94 9.31 16.95
C PHE D 484 -19.80 10.32 16.22
N GLY D 485 -19.31 10.90 15.14
CA GLY D 485 -20.09 11.84 14.37
C GLY D 485 -21.19 11.17 13.60
N PHE D 486 -20.85 10.14 12.84
CA PHE D 486 -21.86 9.44 12.07
C PHE D 486 -22.69 8.49 12.90
N SER D 487 -22.18 7.96 14.00
CA SER D 487 -23.01 7.05 14.77
C SER D 487 -24.08 7.77 15.56
N THR D 488 -23.81 8.98 16.02
CA THR D 488 -24.90 9.80 16.54
C THR D 488 -25.83 10.26 15.43
N ALA D 489 -25.37 10.27 14.19
CA ALA D 489 -26.26 10.62 13.09
C ALA D 489 -27.17 9.46 12.74
N VAL D 490 -26.64 8.23 12.76
CA VAL D 490 -27.41 7.06 12.36
C VAL D 490 -28.45 6.69 13.41
N VAL D 491 -28.13 6.89 14.68
CA VAL D 491 -29.06 6.54 15.76
C VAL D 491 -30.29 7.42 15.72
N THR D 492 -30.11 8.73 15.58
CA THR D 492 -31.25 9.62 15.53
C THR D 492 -31.99 9.52 14.22
N LEU D 493 -31.34 9.05 13.16
CA LEU D 493 -32.00 8.91 11.88
C LEU D 493 -33.01 7.78 11.91
N ILE D 494 -32.55 6.59 12.25
CA ILE D 494 -33.41 5.42 12.25
C ILE D 494 -33.41 4.81 13.64
N GLU D 495 -34.59 4.47 14.14
CA GLU D 495 -34.76 3.91 15.46
C GLU D 495 -35.35 2.52 15.29
N ASP D 496 -34.47 1.52 15.15
CA ASP D 496 -34.90 0.15 14.96
C ASP D 496 -33.80 -0.72 15.53
N GLY D 497 -33.87 -2.02 15.29
CA GLY D 497 -32.81 -2.90 15.70
C GLY D 497 -31.53 -2.64 14.96
N LYS D 498 -30.42 -3.08 15.58
CA LYS D 498 -29.02 -3.04 15.15
C LYS D 498 -28.45 -1.62 15.22
N TYR D 499 -29.30 -0.62 15.37
CA TYR D 499 -28.84 0.75 15.49
C TYR D 499 -29.64 1.50 16.55
N ASN D 500 -30.25 0.79 17.49
CA ASN D 500 -31.04 1.45 18.51
C ASN D 500 -30.15 2.19 19.49
N SER D 501 -29.04 1.59 19.85
CA SER D 501 -28.15 2.19 20.84
C SER D 501 -26.94 2.81 20.16
N LEU D 502 -26.28 3.67 20.92
CA LEU D 502 -25.06 4.29 20.42
C LEU D 502 -23.91 3.30 20.39
N TYR D 503 -23.93 2.32 21.29
CA TYR D 503 -22.84 1.35 21.34
C TYR D 503 -22.91 0.37 20.18
N SER D 504 -24.09 -0.14 19.88
CA SER D 504 -24.21 -1.09 18.79
C SER D 504 -24.05 -0.41 17.44
N THR D 505 -24.26 0.90 17.37
CA THR D 505 -24.07 1.62 16.12
C THR D 505 -22.60 1.92 15.88
N CYS D 506 -21.87 2.21 16.95
CA CYS D 506 -20.44 2.41 16.81
C CYS D 506 -19.72 1.11 16.48
N LEU D 507 -20.33 -0.04 16.75
CA LEU D 507 -19.70 -1.28 16.35
C LEU D 507 -19.98 -1.59 14.90
N GLU D 508 -21.18 -1.30 14.43
CA GLU D 508 -21.48 -1.56 13.03
C GLU D 508 -20.79 -0.58 12.12
N LEU D 509 -20.49 0.60 12.60
CA LEU D 509 -19.74 1.54 11.80
C LEU D 509 -18.25 1.35 11.93
N PHE D 510 -17.80 0.69 12.99
CA PHE D 510 -16.41 0.25 13.00
C PHE D 510 -16.19 -0.90 12.05
N LYS D 511 -17.21 -1.73 11.84
CA LYS D 511 -17.07 -2.84 10.92
C LYS D 511 -17.05 -2.39 9.48
N PHE D 512 -17.60 -1.23 9.17
CA PHE D 512 -17.57 -0.74 7.80
C PHE D 512 -16.24 -0.13 7.44
N THR D 513 -15.62 0.60 8.34
CA THR D 513 -14.30 1.14 8.07
C THR D 513 -13.21 0.09 8.16
N ILE D 514 -13.45 -1.00 8.88
CA ILE D 514 -12.48 -2.07 8.93
C ILE D 514 -12.59 -2.92 7.68
N GLY D 515 -13.66 -2.80 6.92
CA GLY D 515 -13.91 -3.59 5.75
C GLY D 515 -14.83 -4.77 5.99
N MET D 516 -14.98 -5.20 7.23
CA MET D 516 -15.72 -6.41 7.54
C MET D 516 -17.15 -6.11 7.93
N GLY D 517 -17.83 -5.33 7.11
CA GLY D 517 -19.22 -5.01 7.37
C GLY D 517 -20.07 -5.35 6.17
N ASP D 518 -21.36 -5.45 6.39
CA ASP D 518 -22.32 -5.88 5.38
C ASP D 518 -23.20 -4.70 5.01
N LEU D 519 -23.04 -4.20 3.79
CA LEU D 519 -23.90 -3.13 3.29
C LEU D 519 -25.11 -3.75 2.60
N GLU D 520 -25.87 -4.50 3.37
CA GLU D 520 -27.11 -5.09 2.89
C GLU D 520 -28.22 -4.14 3.32
N PHE D 521 -28.84 -3.49 2.36
CA PHE D 521 -29.88 -2.51 2.63
C PHE D 521 -31.25 -3.12 2.50
N THR D 522 -31.39 -4.34 3.00
CA THR D 522 -32.62 -5.11 2.84
C THR D 522 -33.77 -4.48 3.61
N GLU D 523 -33.63 -4.32 4.92
CA GLU D 523 -34.77 -4.09 5.77
C GLU D 523 -35.28 -2.67 5.67
N ASN D 524 -36.59 -2.52 5.85
CA ASN D 524 -37.27 -1.27 5.57
C ASN D 524 -37.15 -0.35 6.77
N TYR D 525 -36.69 0.87 6.52
CA TYR D 525 -36.70 1.92 7.53
C TYR D 525 -37.46 3.10 6.97
N ASP D 526 -38.07 3.86 7.87
CA ASP D 526 -38.29 5.26 7.54
C ASP D 526 -36.93 5.90 7.48
N PHE D 527 -36.74 6.78 6.50
CA PHE D 527 -35.43 7.38 6.17
C PHE D 527 -34.43 6.31 5.77
N LYS D 528 -34.87 5.41 4.90
CA LYS D 528 -33.98 4.41 4.33
C LYS D 528 -33.11 5.00 3.24
N ALA D 529 -33.67 5.85 2.39
CA ALA D 529 -32.89 6.42 1.30
C ALA D 529 -31.89 7.43 1.81
N VAL D 530 -32.18 8.10 2.92
CA VAL D 530 -31.19 8.97 3.51
C VAL D 530 -30.10 8.14 4.15
N PHE D 531 -30.48 7.01 4.73
CA PHE D 531 -29.53 6.13 5.40
C PHE D 531 -28.51 5.54 4.44
N ILE D 532 -28.90 5.29 3.20
CA ILE D 532 -27.95 4.81 2.20
C ILE D 532 -26.99 5.92 1.81
N ILE D 533 -27.45 7.17 1.81
CA ILE D 533 -26.57 8.26 1.42
C ILE D 533 -25.53 8.54 2.49
N LEU D 534 -25.91 8.46 3.77
CA LEU D 534 -24.92 8.60 4.83
C LEU D 534 -23.94 7.45 4.83
N LEU D 535 -24.45 6.23 4.75
CA LEU D 535 -23.60 5.08 4.96
C LEU D 535 -22.68 4.86 3.78
N LEU D 536 -23.05 5.34 2.60
CA LEU D 536 -22.10 5.38 1.51
C LEU D 536 -21.16 6.56 1.65
N ALA D 537 -21.64 7.68 2.19
CA ALA D 537 -20.72 8.77 2.46
C ALA D 537 -19.93 8.53 3.72
N TYR D 538 -20.25 7.48 4.47
CA TYR D 538 -19.37 7.07 5.56
C TYR D 538 -18.27 6.18 5.02
N VAL D 539 -18.66 5.13 4.29
CA VAL D 539 -17.73 4.13 3.79
C VAL D 539 -16.72 4.72 2.81
N ILE D 540 -17.16 5.62 1.94
CA ILE D 540 -16.23 6.25 1.00
C ILE D 540 -15.28 7.21 1.70
N LEU D 541 -15.55 7.55 2.96
CA LEU D 541 -14.86 8.61 3.64
C LEU D 541 -13.95 8.12 4.74
N THR D 542 -14.20 6.94 5.27
CA THR D 542 -13.38 6.40 6.35
C THR D 542 -12.78 5.04 6.03
N TYR D 543 -13.28 4.36 5.01
CA TYR D 543 -12.66 3.14 4.54
C TYR D 543 -11.78 3.40 3.34
N ILE D 544 -12.07 4.45 2.58
CA ILE D 544 -11.24 4.78 1.44
C ILE D 544 -10.23 5.86 1.80
N LEU D 545 -10.70 6.98 2.35
CA LEU D 545 -9.76 8.02 2.73
C LEU D 545 -8.99 7.64 3.98
N LEU D 546 -9.68 7.51 5.12
CA LEU D 546 -9.02 7.51 6.41
C LEU D 546 -8.21 6.25 6.66
N LEU D 547 -8.75 5.11 6.29
CA LEU D 547 -8.03 3.87 6.56
C LEU D 547 -6.78 3.78 5.72
N ASN D 548 -6.86 4.16 4.46
CA ASN D 548 -5.68 4.14 3.63
C ASN D 548 -4.74 5.28 3.95
N MET D 549 -5.24 6.36 4.52
CA MET D 549 -4.37 7.41 5.04
C MET D 549 -3.61 6.94 6.26
N LEU D 550 -4.24 6.11 7.10
CA LEU D 550 -3.54 5.54 8.24
C LEU D 550 -2.49 4.55 7.81
N ILE D 551 -2.81 3.71 6.82
CA ILE D 551 -1.87 2.73 6.29
C ILE D 551 -0.69 3.42 5.62
N ALA D 552 -0.92 4.56 4.98
CA ALA D 552 0.17 5.30 4.37
C ALA D 552 1.07 5.94 5.41
N LEU D 553 0.53 6.36 6.53
CA LEU D 553 1.35 6.90 7.60
C LEU D 553 2.07 5.81 8.36
N MET D 554 1.44 4.66 8.56
CA MET D 554 2.14 3.54 9.16
C MET D 554 3.22 3.03 8.25
N GLY D 555 2.99 3.06 6.95
CA GLY D 555 4.00 2.58 6.02
C GLY D 555 5.21 3.47 5.96
N GLU D 556 5.05 4.76 6.25
CA GLU D 556 6.19 5.64 6.35
C GLU D 556 7.01 5.33 7.59
N THR D 557 6.37 5.06 8.71
CA THR D 557 7.15 4.79 9.92
C THR D 557 7.68 3.37 9.95
N VAL D 558 7.19 2.50 9.08
CA VAL D 558 7.82 1.19 8.94
C VAL D 558 9.07 1.31 8.10
N ASN D 559 9.00 2.01 6.97
CA ASN D 559 10.16 2.12 6.12
C ASN D 559 11.18 3.12 6.64
N LYS D 560 10.81 4.02 7.52
CA LYS D 560 11.80 4.88 8.14
C LYS D 560 12.60 4.13 9.18
N ILE D 561 11.96 3.22 9.90
CA ILE D 561 12.58 2.53 11.03
C ILE D 561 13.31 1.29 10.58
N ALA D 562 13.17 0.89 9.32
CA ALA D 562 13.92 -0.22 8.77
C ALA D 562 15.18 0.22 8.07
N GLN D 563 15.23 1.47 7.62
CA GLN D 563 16.48 2.05 7.15
C GLN D 563 17.45 2.24 8.30
N GLU D 564 16.95 2.70 9.45
CA GLU D 564 17.78 2.97 10.60
C GLU D 564 17.81 1.77 11.53
N SER D 565 17.83 0.57 10.96
CA SER D 565 17.64 -0.63 11.76
C SER D 565 18.90 -0.99 12.54
N LYS D 566 20.05 -1.00 11.87
CA LYS D 566 21.29 -1.43 12.52
C LYS D 566 21.71 -0.49 13.63
N ASN D 567 21.31 0.78 13.54
CA ASN D 567 21.50 1.69 14.65
C ASN D 567 20.56 1.36 15.80
N ILE D 568 19.27 1.16 15.48
CA ILE D 568 18.20 1.03 16.48
C ILE D 568 18.37 -0.20 17.35
N TRP D 569 19.16 -1.16 16.89
CA TRP D 569 19.29 -2.42 17.58
C TRP D 569 20.15 -2.32 18.84
N LYS D 570 21.24 -1.55 18.80
CA LYS D 570 22.26 -1.69 19.83
C LYS D 570 21.87 -1.07 21.16
N LEU D 571 21.00 -0.06 21.15
CA LEU D 571 20.62 0.59 22.40
C LEU D 571 19.76 -0.31 23.27
N GLN D 572 18.99 -1.22 22.67
CA GLN D 572 18.13 -2.11 23.44
C GLN D 572 18.92 -3.22 24.12
N ARG D 573 20.04 -3.62 23.52
CA ARG D 573 20.90 -4.58 24.19
C ARG D 573 21.63 -3.94 25.36
N ALA D 574 22.07 -2.70 25.19
CA ALA D 574 22.74 -1.98 26.26
C ALA D 574 21.82 -1.73 27.44
N ILE D 575 20.52 -1.51 27.18
CA ILE D 575 19.56 -1.41 28.27
C ILE D 575 19.39 -2.75 28.94
N THR D 576 19.51 -3.84 28.19
CA THR D 576 19.42 -5.17 28.78
C THR D 576 20.71 -5.58 29.45
N ILE D 577 21.86 -5.18 28.89
CA ILE D 577 23.14 -5.55 29.48
C ILE D 577 23.38 -4.79 30.76
N LEU D 578 22.90 -3.55 30.85
CA LEU D 578 23.06 -2.78 32.07
C LEU D 578 22.11 -3.25 33.15
N ASP D 579 20.92 -3.72 32.75
CA ASP D 579 19.93 -4.17 33.73
C ASP D 579 20.34 -5.49 34.36
N THR D 580 20.83 -6.43 33.55
CA THR D 580 21.20 -7.73 34.07
C THR D 580 22.43 -7.67 34.96
N GLU D 581 23.28 -6.66 34.78
CA GLU D 581 24.42 -6.49 35.67
C GLU D 581 24.00 -5.96 37.02
N LYS D 582 22.94 -5.16 37.07
CA LYS D 582 22.41 -4.66 38.32
C LYS D 582 21.55 -5.68 39.04
N SER D 583 21.14 -6.76 38.36
CA SER D 583 20.26 -7.73 38.99
C SER D 583 21.00 -8.59 40.00
N PHE D 584 22.24 -8.96 39.69
CA PHE D 584 23.02 -9.77 40.62
C PHE D 584 23.52 -8.92 41.78
N LEU D 585 24.25 -7.84 41.47
CA LEU D 585 24.82 -6.86 42.41
C LEU D 585 25.80 -7.46 43.41
N LYS D 586 26.28 -8.69 43.17
CA LYS D 586 27.21 -9.36 44.06
C LYS D 586 28.40 -9.96 43.33
N CYS D 587 28.24 -10.34 42.06
CA CYS D 587 29.31 -10.95 41.28
C CYS D 587 30.19 -9.84 40.71
N MET D 588 30.95 -9.19 41.59
CA MET D 588 31.84 -8.12 41.18
C MET D 588 33.06 -8.61 40.42
N ARG D 589 33.38 -9.92 40.51
CA ARG D 589 34.46 -10.47 39.72
C ARG D 589 34.11 -10.50 38.25
N LYS D 590 32.83 -10.72 37.93
CA LYS D 590 32.38 -10.62 36.55
C LYS D 590 32.05 -9.19 36.17
N ALA D 591 31.91 -8.28 37.15
CA ALA D 591 31.54 -6.90 36.84
C ALA D 591 32.70 -6.13 36.22
N PHE D 592 33.93 -6.39 36.63
CA PHE D 592 35.06 -5.75 35.98
C PHE D 592 35.30 -6.37 34.62
N ARG D 593 35.93 -5.61 33.74
CA ARG D 593 36.24 -6.08 32.39
C ARG D 593 37.73 -5.94 32.14
N SER D 594 38.38 -7.08 31.92
CA SER D 594 39.72 -7.24 31.35
C SER D 594 40.85 -6.72 32.22
N GLY D 595 40.75 -6.83 33.54
CA GLY D 595 41.90 -6.81 34.41
C GLY D 595 42.46 -5.43 34.67
N LYS D 596 43.23 -5.34 35.74
CA LYS D 596 43.92 -4.11 36.10
C LYS D 596 45.31 -4.12 35.49
N LEU D 597 45.78 -2.94 35.10
CA LEU D 597 47.08 -2.82 34.47
C LEU D 597 47.61 -1.42 34.72
N LEU D 598 48.86 -1.35 35.15
CA LEU D 598 49.52 -0.08 35.41
C LEU D 598 50.30 0.28 34.15
N GLN D 599 49.59 0.85 33.18
CA GLN D 599 50.17 1.20 31.89
C GLN D 599 50.66 2.63 31.83
N VAL D 600 50.50 3.40 32.89
CA VAL D 600 51.02 4.76 32.89
C VAL D 600 52.51 4.77 33.17
N GLY D 601 52.97 3.84 34.01
CA GLY D 601 54.37 3.78 34.39
C GLY D 601 54.76 4.71 35.50
N PHE D 602 54.17 5.90 35.58
CA PHE D 602 54.35 6.82 36.68
C PHE D 602 53.12 7.71 36.73
N THR D 603 53.20 8.77 37.51
CA THR D 603 52.13 9.75 37.59
C THR D 603 52.75 11.13 37.38
N PRO D 604 51.96 12.20 37.41
CA PRO D 604 52.55 13.55 37.40
C PRO D 604 53.36 13.84 38.65
N ASP D 605 53.03 13.21 39.77
CA ASP D 605 53.80 13.34 40.99
C ASP D 605 54.41 12.03 41.47
N GLY D 606 53.68 10.92 41.39
CA GLY D 606 54.15 9.64 41.84
C GLY D 606 54.78 8.84 40.71
N LYS D 607 55.28 7.67 41.08
CA LYS D 607 55.91 6.75 40.14
C LYS D 607 55.11 5.47 39.94
N ASP D 608 53.97 5.32 40.61
CA ASP D 608 53.12 4.16 40.46
C ASP D 608 51.75 4.58 39.92
N ASP D 609 51.05 3.63 39.34
CA ASP D 609 49.72 3.87 38.79
C ASP D 609 48.92 2.59 38.81
N TYR D 610 47.67 2.69 38.37
CA TYR D 610 46.76 1.55 38.25
C TYR D 610 45.60 1.96 37.36
N ARG D 611 45.25 1.12 36.40
CA ARG D 611 44.11 1.39 35.54
C ARG D 611 43.50 0.08 35.08
N TRP D 612 42.26 0.14 34.61
CA TRP D 612 41.53 -1.00 34.06
C TRP D 612 41.55 -0.86 32.55
N CYS D 613 42.28 -1.74 31.87
CA CYS D 613 42.72 -1.44 30.51
C CYS D 613 41.66 -1.73 29.46
N PHE D 614 41.29 -3.00 29.28
CA PHE D 614 40.39 -3.45 28.22
C PHE D 614 40.90 -3.04 26.83
N ARG D 615 41.96 -3.72 26.41
CA ARG D 615 42.49 -3.46 25.07
C ARG D 615 41.53 -3.94 23.99
N VAL D 616 41.71 -3.38 22.80
CA VAL D 616 40.90 -3.73 21.65
C VAL D 616 41.74 -3.53 20.40
N ASP D 617 41.68 -4.49 19.48
CA ASP D 617 42.47 -4.45 18.26
C ASP D 617 41.61 -3.91 17.12
N GLU D 618 42.07 -2.84 16.48
CA GLU D 618 41.33 -2.18 15.43
C GLU D 618 41.90 -2.54 14.06
N VAL D 619 41.20 -2.12 13.00
CA VAL D 619 41.55 -2.50 11.64
C VAL D 619 41.49 -1.33 10.66
N ASN D 620 41.52 -0.11 11.18
CA ASN D 620 41.43 1.08 10.32
C ASN D 620 42.69 1.23 9.46
N TRP D 621 42.55 1.96 8.36
CA TRP D 621 43.60 2.01 7.34
C TRP D 621 44.07 3.43 7.08
N THR D 622 45.37 3.65 7.28
CA THR D 622 46.07 4.82 6.77
C THR D 622 47.04 4.37 5.68
N THR D 623 46.88 4.95 4.49
CA THR D 623 47.57 4.48 3.29
C THR D 623 49.08 4.67 3.34
N ASP E 1 -18.33 -47.18 3.37
CA ASP E 1 -17.05 -46.50 3.30
C ASP E 1 -16.96 -45.43 4.37
N CYS E 2 -17.97 -45.39 5.24
CA CYS E 2 -18.05 -44.37 6.27
C CYS E 2 -16.98 -44.57 7.35
N ALA E 3 -16.79 -43.54 8.16
CA ALA E 3 -15.94 -43.59 9.34
C ALA E 3 -16.82 -43.51 10.57
N LYS E 4 -16.70 -44.51 11.44
CA LYS E 4 -17.62 -44.66 12.55
C LYS E 4 -17.40 -43.60 13.62
N GLU E 5 -18.30 -43.59 14.60
CA GLU E 5 -18.27 -42.60 15.68
C GLU E 5 -17.12 -42.93 16.61
N GLY E 6 -16.06 -42.12 16.55
CA GLY E 6 -14.89 -42.38 17.36
C GLY E 6 -13.69 -42.59 16.46
N GLU E 7 -13.96 -43.01 15.23
CA GLU E 7 -12.91 -43.14 14.23
C GLU E 7 -12.52 -41.77 13.69
N VAL E 8 -11.40 -41.74 12.98
CA VAL E 8 -10.85 -40.49 12.49
C VAL E 8 -11.55 -40.05 11.21
N CYS E 9 -12.27 -38.93 11.26
CA CYS E 9 -12.78 -38.34 10.05
C CYS E 9 -11.77 -37.37 9.48
N SER E 10 -12.13 -36.73 8.37
CA SER E 10 -11.46 -35.62 7.72
C SER E 10 -10.11 -35.97 7.11
N TRP E 11 -9.62 -37.20 7.26
CA TRP E 11 -8.46 -37.65 6.51
C TRP E 11 -8.83 -38.77 5.56
N GLY E 12 -9.25 -39.91 6.07
CA GLY E 12 -9.57 -40.98 5.14
C GLY E 12 -11.00 -40.90 4.66
N LYS E 13 -11.94 -40.93 5.60
CA LYS E 13 -13.35 -41.04 5.28
C LYS E 13 -14.12 -40.03 6.12
N LYS E 14 -15.24 -39.59 5.59
CA LYS E 14 -16.08 -38.67 6.34
C LYS E 14 -16.93 -39.44 7.35
N CYS E 15 -17.59 -38.69 8.22
CA CYS E 15 -18.43 -39.34 9.22
C CYS E 15 -19.70 -39.88 8.59
N CYS E 16 -20.42 -40.67 9.37
CA CYS E 16 -21.67 -41.30 8.95
C CYS E 16 -22.82 -40.31 9.01
N ASP E 17 -24.05 -40.83 9.03
CA ASP E 17 -25.26 -40.02 9.02
C ASP E 17 -25.27 -39.00 10.16
N LEU E 18 -25.74 -37.81 9.85
CA LEU E 18 -25.60 -36.63 10.69
C LEU E 18 -26.63 -36.55 11.79
N ASP E 19 -27.31 -37.64 12.12
CA ASP E 19 -28.07 -37.68 13.35
C ASP E 19 -27.14 -37.74 14.55
N ASN E 20 -26.00 -38.42 14.38
CA ASN E 20 -25.06 -38.61 15.49
C ASN E 20 -23.72 -37.93 15.23
N PHE E 21 -23.08 -38.22 14.11
CA PHE E 21 -21.66 -37.95 13.94
C PHE E 21 -21.43 -36.63 13.19
N TYR E 22 -20.92 -35.63 13.90
CA TYR E 22 -20.22 -34.52 13.29
C TYR E 22 -18.73 -34.82 13.34
N CYS E 23 -17.90 -33.95 12.72
CA CYS E 23 -16.53 -34.42 12.52
C CYS E 23 -15.69 -34.32 13.79
N PRO E 24 -15.39 -33.14 14.40
CA PRO E 24 -15.32 -31.67 14.27
C PRO E 24 -14.03 -31.24 13.63
N MET E 25 -13.50 -30.08 14.00
CA MET E 25 -12.41 -29.46 13.26
C MET E 25 -11.00 -29.77 13.76
N GLU E 26 -10.81 -30.37 14.94
CA GLU E 26 -9.55 -30.18 15.68
C GLU E 26 -8.39 -31.06 15.17
N PHE E 27 -8.19 -31.05 13.85
CA PHE E 27 -6.98 -31.42 13.10
C PHE E 27 -6.69 -32.92 13.15
N ILE E 28 -7.12 -33.66 14.16
CA ILE E 28 -7.16 -35.11 14.13
C ILE E 28 -8.53 -35.38 14.73
N PRO E 29 -9.59 -35.20 13.96
CA PRO E 29 -10.93 -35.23 14.56
C PRO E 29 -11.41 -36.66 14.72
N HIS E 30 -12.40 -36.82 15.58
CA HIS E 30 -13.00 -38.11 15.85
C HIS E 30 -14.49 -37.89 15.87
N CYS E 31 -15.23 -38.70 15.09
CA CYS E 31 -16.66 -38.48 14.89
C CYS E 31 -17.41 -38.58 16.20
N LYS E 32 -17.91 -37.45 16.68
CA LYS E 32 -18.47 -37.35 18.01
C LYS E 32 -19.98 -37.27 17.91
N LYS E 33 -20.65 -37.85 18.90
CA LYS E 33 -22.09 -37.72 18.99
C LYS E 33 -22.45 -36.31 19.41
N TYR E 34 -23.62 -35.86 18.98
CA TYR E 34 -24.12 -34.57 19.44
C TYR E 34 -24.49 -34.63 20.92
N LYS E 35 -24.49 -33.48 21.55
CA LYS E 35 -25.07 -33.43 22.88
C LYS E 35 -26.56 -33.19 22.78
N PRO E 36 -27.30 -33.40 23.87
CA PRO E 36 -28.72 -33.10 23.85
C PRO E 36 -28.96 -31.60 23.92
N TYR E 37 -30.03 -31.16 23.25
CA TYR E 37 -30.37 -29.73 23.26
C TYR E 37 -30.95 -29.37 24.61
N VAL E 38 -30.12 -28.81 25.48
CA VAL E 38 -30.53 -28.48 26.84
C VAL E 38 -30.79 -26.99 26.92
N PRO E 39 -31.84 -26.55 27.62
CA PRO E 39 -32.12 -25.11 27.70
C PRO E 39 -31.28 -24.41 28.75
N VAL E 40 -31.59 -23.15 29.01
CA VAL E 40 -30.87 -22.35 30.00
C VAL E 40 -31.16 -22.90 31.39
N THR E 41 -30.16 -23.53 31.99
CA THR E 41 -30.26 -24.08 33.33
C THR E 41 -29.96 -22.98 34.35
N THR E 42 -29.63 -23.35 35.58
CA THR E 42 -29.34 -22.41 36.65
C THR E 42 -28.08 -21.57 36.41
N ASN E 43 -27.79 -20.69 37.36
CA ASN E 43 -26.74 -19.67 37.29
C ASN E 43 -26.93 -18.72 36.10
N CYS E 44 -28.15 -18.59 35.62
CA CYS E 44 -28.45 -17.62 34.59
C CYS E 44 -28.57 -16.22 35.19
N ALA E 45 -28.70 -15.24 34.31
CA ALA E 45 -28.96 -13.87 34.72
C ALA E 45 -30.38 -13.50 34.30
N LYS E 46 -31.18 -13.08 35.26
CA LYS E 46 -32.59 -12.81 35.00
C LYS E 46 -32.76 -11.49 34.26
N GLU E 47 -34.02 -11.11 34.05
CA GLU E 47 -34.33 -9.88 33.36
C GLU E 47 -33.96 -8.69 34.22
N GLY E 48 -33.36 -7.68 33.60
CA GLY E 48 -32.88 -6.52 34.32
C GLY E 48 -31.57 -6.72 35.03
N GLU E 49 -31.00 -7.92 34.99
CA GLU E 49 -29.70 -8.20 35.56
C GLU E 49 -28.65 -8.08 34.48
N VAL E 50 -27.39 -8.00 34.90
CA VAL E 50 -26.30 -7.82 33.95
C VAL E 50 -26.01 -9.13 33.26
N CYS E 51 -26.16 -9.15 31.94
CA CYS E 51 -25.75 -10.26 31.11
C CYS E 51 -24.48 -9.88 30.39
N GLY E 52 -23.81 -10.87 29.83
CA GLY E 52 -22.64 -10.64 29.04
C GLY E 52 -21.36 -10.40 29.79
N TRP E 53 -21.41 -10.25 31.11
CA TRP E 53 -20.21 -10.24 31.93
C TRP E 53 -20.14 -11.47 32.82
N GLY E 54 -21.05 -11.61 33.76
CA GLY E 54 -20.97 -12.77 34.61
C GLY E 54 -21.64 -13.97 34.01
N SER E 55 -22.92 -13.84 33.71
CA SER E 55 -23.75 -14.97 33.35
C SER E 55 -24.43 -14.71 32.02
N LYS E 56 -24.85 -15.80 31.38
CA LYS E 56 -25.69 -15.70 30.21
C LYS E 56 -27.04 -15.10 30.57
N CYS E 57 -27.69 -14.52 29.58
CA CYS E 57 -29.07 -14.17 29.77
C CYS E 57 -29.90 -15.42 29.53
N CYS E 58 -31.09 -15.46 30.13
CA CYS E 58 -31.86 -16.70 30.15
C CYS E 58 -32.52 -16.96 28.79
N HIS E 59 -33.42 -17.95 28.77
CA HIS E 59 -33.95 -18.42 27.50
C HIS E 59 -34.92 -17.44 26.86
N GLY E 60 -35.67 -16.70 27.67
CA GLY E 60 -36.70 -15.84 27.10
C GLY E 60 -36.36 -14.37 27.10
N LEU E 61 -35.07 -14.05 27.04
CA LEU E 61 -34.66 -12.66 27.09
C LEU E 61 -33.34 -12.50 26.38
N ASP E 62 -33.23 -11.44 25.58
CA ASP E 62 -31.97 -11.15 24.92
C ASP E 62 -31.04 -10.37 25.85
N CYS E 63 -29.77 -10.31 25.48
CA CYS E 63 -28.82 -9.59 26.30
C CYS E 63 -28.88 -8.07 26.03
N PRO E 64 -28.94 -7.59 24.77
CA PRO E 64 -28.54 -8.05 23.44
C PRO E 64 -27.18 -7.52 23.03
N LEU E 65 -26.95 -6.22 23.19
CA LEU E 65 -25.67 -5.62 22.79
C LEU E 65 -25.56 -4.24 23.41
N ALA E 66 -24.69 -4.10 24.40
CA ALA E 66 -24.37 -2.85 25.04
C ALA E 66 -23.05 -3.06 25.76
N PHE E 67 -22.56 -2.01 26.41
CA PHE E 67 -21.32 -2.18 27.16
C PHE E 67 -21.58 -2.93 28.45
N ILE E 68 -22.48 -2.41 29.28
CA ILE E 68 -22.97 -3.18 30.40
C ILE E 68 -24.39 -3.58 30.04
N PRO E 69 -24.59 -4.77 29.49
CA PRO E 69 -25.90 -5.09 28.94
C PRO E 69 -26.84 -5.68 29.99
N TYR E 70 -28.06 -5.16 30.04
CA TYR E 70 -29.10 -5.69 30.90
C TYR E 70 -30.08 -6.49 30.06
N CYS E 71 -30.54 -7.62 30.60
CA CYS E 71 -31.50 -8.46 29.90
C CYS E 71 -32.82 -7.72 29.72
N GLU E 72 -33.55 -8.13 28.69
CA GLU E 72 -34.81 -7.48 28.39
C GLU E 72 -35.74 -8.47 27.71
N LYS E 73 -37.02 -8.34 27.98
CA LYS E 73 -38.00 -9.13 27.26
C LYS E 73 -38.14 -8.57 25.84
N TYR E 74 -38.64 -9.42 24.95
CA TYR E 74 -38.84 -8.99 23.58
C TYR E 74 -40.05 -8.04 23.49
N ARG E 75 -40.08 -7.25 22.43
CA ARG E 75 -41.19 -6.35 22.22
C ARG E 75 -42.35 -7.09 21.55
N ASP F 1 -49.33 5.77 10.36
CA ASP F 1 -48.18 6.56 9.97
C ASP F 1 -47.51 5.96 8.75
N CYS F 2 -48.14 4.93 8.19
CA CYS F 2 -47.58 4.20 7.06
C CYS F 2 -47.60 5.05 5.79
N ALA F 3 -46.85 4.58 4.80
CA ALA F 3 -46.84 5.15 3.46
C ALA F 3 -47.50 4.16 2.51
N LYS F 4 -48.54 4.60 1.82
CA LYS F 4 -49.37 3.69 1.04
C LYS F 4 -48.65 3.21 -0.21
N GLU F 5 -49.30 2.27 -0.90
CA GLU F 5 -48.73 1.65 -2.09
C GLU F 5 -48.77 2.64 -3.24
N GLY F 6 -47.62 3.18 -3.59
CA GLY F 6 -47.55 4.18 -4.63
C GLY F 6 -46.98 5.47 -4.07
N GLU F 7 -47.12 5.64 -2.76
CA GLU F 7 -46.52 6.77 -2.09
C GLU F 7 -45.02 6.53 -1.90
N VAL F 8 -44.32 7.59 -1.53
CA VAL F 8 -42.87 7.57 -1.43
C VAL F 8 -42.45 6.95 -0.10
N CYS F 9 -41.80 5.80 -0.14
CA CYS F 9 -41.17 5.27 1.06
C CYS F 9 -39.75 5.77 1.15
N SER F 10 -39.06 5.32 2.20
CA SER F 10 -37.63 5.48 2.45
C SER F 10 -37.19 6.91 2.73
N TRP F 11 -38.08 7.89 2.66
CA TRP F 11 -37.77 9.23 3.13
C TRP F 11 -38.64 9.60 4.31
N GLY F 12 -39.94 9.71 4.15
CA GLY F 12 -40.75 10.08 5.28
C GLY F 12 -41.15 8.89 6.11
N LYS F 13 -41.83 7.95 5.48
CA LYS F 13 -42.44 6.83 6.17
C LYS F 13 -42.14 5.55 5.43
N LYS F 14 -42.08 4.46 6.16
CA LYS F 14 -41.85 3.17 5.52
C LYS F 14 -43.14 2.64 4.92
N CYS F 15 -43.03 1.57 4.13
CA CYS F 15 -44.21 1.00 3.52
C CYS F 15 -45.05 0.26 4.56
N CYS F 16 -46.26 -0.12 4.14
CA CYS F 16 -47.22 -0.82 4.98
C CYS F 16 -46.86 -2.30 5.08
N ASP F 17 -47.84 -3.12 5.48
CA ASP F 17 -47.65 -4.55 5.66
C ASP F 17 -47.09 -5.22 4.43
N LEU F 18 -46.17 -6.16 4.66
CA LEU F 18 -45.33 -6.73 3.62
C LEU F 18 -46.00 -7.83 2.84
N ASP F 19 -47.32 -7.96 2.90
CA ASP F 19 -48.03 -8.79 1.94
C ASP F 19 -48.00 -8.14 0.56
N ASN F 20 -48.05 -6.81 0.52
CA ASN F 20 -48.12 -6.09 -0.74
C ASN F 20 -46.89 -5.22 -0.98
N PHE F 21 -46.57 -4.34 -0.04
CA PHE F 21 -45.68 -3.22 -0.31
C PHE F 21 -44.25 -3.53 0.12
N TYR F 22 -43.36 -3.69 -0.85
CA TYR F 22 -41.93 -3.51 -0.65
C TYR F 22 -41.57 -2.09 -1.05
N CYS F 23 -40.30 -1.69 -0.84
CA CYS F 23 -40.07 -0.25 -0.93
C CYS F 23 -39.96 0.22 -2.38
N PRO F 24 -38.99 -0.18 -3.24
CA PRO F 24 -37.66 -0.80 -3.38
C PRO F 24 -36.56 0.22 -3.19
N MET F 25 -35.43 0.06 -3.88
CA MET F 25 -34.23 0.83 -3.58
C MET F 25 -34.04 2.11 -4.38
N GLU F 26 -34.79 2.37 -5.45
CA GLU F 26 -34.30 3.25 -6.51
C GLU F 26 -34.42 4.75 -6.21
N PHE F 27 -33.96 5.12 -5.01
CA PHE F 27 -33.57 6.48 -4.56
C PHE F 27 -34.76 7.43 -4.44
N ILE F 28 -35.84 7.26 -5.16
CA ILE F 28 -37.11 7.91 -4.87
C ILE F 28 -38.09 6.75 -5.03
N PRO F 29 -38.18 5.88 -4.05
CA PRO F 29 -38.93 4.65 -4.25
C PRO F 29 -40.42 4.90 -4.02
N HIS F 30 -41.21 3.97 -4.55
CA HIS F 30 -42.66 4.03 -4.43
C HIS F 30 -43.11 2.63 -4.08
N CYS F 31 -43.89 2.50 -3.01
CA CYS F 31 -44.27 1.19 -2.46
C CYS F 31 -45.02 0.39 -3.50
N LYS F 32 -44.40 -0.67 -3.99
CA LYS F 32 -44.92 -1.41 -5.13
C LYS F 32 -45.46 -2.74 -4.64
N LYS F 33 -46.53 -3.20 -5.30
CA LYS F 33 -47.04 -4.52 -5.02
C LYS F 33 -46.09 -5.57 -5.56
N TYR F 34 -46.08 -6.73 -4.91
CA TYR F 34 -45.31 -7.84 -5.43
C TYR F 34 -45.92 -8.37 -6.71
N LYS F 35 -45.12 -9.02 -7.50
CA LYS F 35 -45.67 -9.77 -8.62
C LYS F 35 -46.08 -11.15 -8.16
N PRO F 36 -46.86 -11.86 -8.97
CA PRO F 36 -47.21 -13.24 -8.61
C PRO F 36 -46.04 -14.17 -8.86
N TYR F 37 -45.93 -15.19 -8.02
CA TYR F 37 -44.85 -16.17 -8.15
C TYR F 37 -45.15 -17.07 -9.35
N VAL F 38 -44.55 -16.75 -10.50
CA VAL F 38 -44.82 -17.49 -11.73
C VAL F 38 -43.66 -18.44 -11.99
N PRO F 39 -43.92 -19.66 -12.44
CA PRO F 39 -42.82 -20.61 -12.68
C PRO F 39 -42.15 -20.38 -14.02
N VAL F 40 -41.25 -21.30 -14.39
CA VAL F 40 -40.53 -21.22 -15.66
C VAL F 40 -41.51 -21.43 -16.80
N THR F 41 -41.79 -20.37 -17.54
CA THR F 41 -42.67 -20.40 -18.69
C THR F 41 -41.87 -20.84 -19.92
N THR F 42 -42.39 -20.56 -21.11
CA THR F 42 -41.75 -20.94 -22.37
C THR F 42 -40.44 -20.21 -22.62
N ASN F 43 -39.80 -20.54 -23.75
CA ASN F 43 -38.45 -20.11 -24.14
C ASN F 43 -37.39 -20.53 -23.12
N CYS F 44 -37.66 -21.57 -22.35
CA CYS F 44 -36.68 -22.14 -21.45
C CYS F 44 -35.68 -23.00 -22.23
N ALA F 45 -34.65 -23.44 -21.52
CA ALA F 45 -33.69 -24.38 -22.06
C ALA F 45 -33.87 -25.71 -21.34
N LYS F 46 -34.11 -26.76 -22.11
CA LYS F 46 -34.40 -28.07 -21.52
C LYS F 46 -33.13 -28.73 -21.00
N GLU F 47 -33.30 -29.96 -20.53
CA GLU F 47 -32.16 -30.70 -19.99
C GLU F 47 -31.21 -31.10 -21.11
N GLY F 48 -29.93 -30.95 -20.85
CA GLY F 48 -28.92 -31.22 -21.85
C GLY F 48 -28.73 -30.10 -22.85
N GLU F 49 -29.51 -29.04 -22.77
CA GLU F 49 -29.35 -27.87 -23.62
C GLU F 49 -28.50 -26.84 -22.89
N VAL F 50 -28.01 -25.86 -23.64
CA VAL F 50 -27.13 -24.86 -23.06
C VAL F 50 -27.96 -23.87 -22.27
N CYS F 51 -27.67 -23.78 -20.98
CA CYS F 51 -28.23 -22.76 -20.11
C CYS F 51 -27.16 -21.71 -19.84
N GLY F 52 -27.59 -20.57 -19.33
CA GLY F 52 -26.65 -19.55 -18.92
C GLY F 52 -26.13 -18.67 -20.02
N TRP F 53 -26.37 -19.00 -21.29
CA TRP F 53 -26.08 -18.10 -22.39
C TRP F 53 -27.35 -17.60 -23.05
N GLY F 54 -28.12 -18.47 -23.67
CA GLY F 54 -29.31 -17.99 -24.32
C GLY F 54 -30.48 -17.89 -23.36
N SER F 55 -30.82 -19.02 -22.74
CA SER F 55 -32.05 -19.14 -21.99
C SER F 55 -31.75 -19.64 -20.59
N LYS F 56 -32.70 -19.38 -19.69
CA LYS F 56 -32.66 -19.95 -18.36
C LYS F 56 -32.80 -21.46 -18.44
N CYS F 57 -32.30 -22.14 -17.43
CA CYS F 57 -32.64 -23.53 -17.30
C CYS F 57 -34.01 -23.62 -16.63
N CYS F 58 -34.73 -24.71 -16.87
CA CYS F 58 -36.13 -24.80 -16.48
C CYS F 58 -36.26 -25.03 -14.97
N HIS F 59 -37.48 -25.33 -14.54
CA HIS F 59 -37.77 -25.36 -13.11
C HIS F 59 -37.16 -26.56 -12.41
N GLY F 60 -37.07 -27.69 -13.09
CA GLY F 60 -36.61 -28.90 -12.43
C GLY F 60 -35.20 -29.31 -12.76
N LEU F 61 -34.36 -28.34 -13.11
CA LEU F 61 -33.00 -28.66 -13.50
C LEU F 61 -32.10 -27.47 -13.20
N ASP F 62 -30.91 -27.75 -12.66
CA ASP F 62 -29.95 -26.70 -12.42
C ASP F 62 -29.15 -26.42 -13.67
N CYS F 63 -28.45 -25.29 -13.68
CA CYS F 63 -27.63 -24.94 -14.83
C CYS F 63 -26.29 -25.68 -14.81
N PRO F 64 -25.56 -25.76 -13.68
CA PRO F 64 -25.42 -24.98 -12.45
C PRO F 64 -24.27 -23.99 -12.51
N LEU F 65 -23.09 -24.43 -12.95
CA LEU F 65 -21.92 -23.55 -13.02
C LEU F 65 -20.85 -24.22 -13.87
N ALA F 66 -20.63 -23.69 -15.06
CA ALA F 66 -19.59 -24.12 -15.97
C ALA F 66 -19.41 -23.00 -16.97
N PHE F 67 -18.48 -23.18 -17.89
CA PHE F 67 -18.30 -22.14 -18.90
C PHE F 67 -19.41 -22.22 -19.94
N ILE F 68 -19.56 -23.37 -20.57
CA ILE F 68 -20.74 -23.62 -21.38
C ILE F 68 -21.60 -24.59 -20.58
N PRO F 69 -22.55 -24.11 -19.81
CA PRO F 69 -23.25 -25.00 -18.88
C PRO F 69 -24.44 -25.70 -19.52
N TYR F 70 -24.53 -27.00 -19.32
CA TYR F 70 -25.66 -27.80 -19.78
C TYR F 70 -26.54 -28.12 -18.58
N CYS F 71 -27.85 -28.06 -18.78
CA CYS F 71 -28.79 -28.38 -17.72
C CYS F 71 -28.67 -29.85 -17.31
N GLU F 72 -29.05 -30.12 -16.07
CA GLU F 72 -28.95 -31.47 -15.56
C GLU F 72 -30.02 -31.68 -14.50
N LYS F 73 -30.52 -32.90 -14.42
CA LYS F 73 -31.41 -33.25 -13.34
C LYS F 73 -30.61 -33.42 -12.05
N TYR F 74 -31.30 -33.29 -10.93
CA TYR F 74 -30.64 -33.45 -9.65
C TYR F 74 -30.32 -34.92 -9.41
N ARG F 75 -29.36 -35.16 -8.51
CA ARG F 75 -29.01 -36.53 -8.16
C ARG F 75 -29.95 -37.06 -7.09
#